data_3WSA
#
_entry.id   3WSA
#
_cell.length_a   85.750
_cell.length_b   154.006
_cell.length_c   90.615
_cell.angle_alpha   90.00
_cell.angle_beta   91.38
_cell.angle_gamma   90.00
#
_symmetry.space_group_name_H-M   'P 1 21 1'
#
loop_
_entity.id
_entity.type
_entity.pdbx_description
1 polymer 'Squalene synthase'
2 non-polymer "N-[(2Z)-3,7-dimethylocta-2,6-dien-1-yl]-N'-[(1R,3S,5R,7R)-tricyclo[3.3.1.1~3,7~]dec-2-yl]ethane-1,2-diamine"
3 water water
#
_entity_poly.entity_id   1
_entity_poly.type   'polypeptide(L)'
_entity_poly.pdbx_seq_one_letter_code
;MGSSHHHHHHSSGLVPRGSHMDQDSLSSSLKTCYKYLNQTSRSFAAVIQALDGEMRNAVCIFYLVLRALDTLEDDMTISV
EKKVPLLHNFHSFLYQPDWRFMESKEKDRQVLEDFPTISLEFRNLAEKYQTVIADICRRMGIGMAEFLDKHVTSEQEWDK
YCHYVAGLVGIGLSRLFSASEFEDPLVGEDTERANSMGLFLQKTNIIRDYLEDQQGGREFWPQEVWSRYVKKLGDFALPE
NIDLAVQCLNELITNALHHIPDVITYLSRLRNQSVFNFCAIPQVMAIATLAACYNNQQVFKGAVLIRLGQAVTLMMDATN
MPAVKAIIYQYMEEIYHRIPDSNPSSSKTRQIISTIRTQN
;
_entity_poly.pdbx_strand_id   A,B,C,D,E,F
#
# COMPACT_ATOMS: atom_id res chain seq x y z
N LEU A 26 -15.47 -28.23 13.19
CA LEU A 26 -14.47 -29.30 12.90
C LEU A 26 -13.37 -29.36 13.95
N SER A 27 -13.64 -30.11 15.02
CA SER A 27 -12.75 -30.33 16.16
C SER A 27 -13.51 -30.12 17.47
N SER A 28 -13.94 -31.23 18.07
CA SER A 28 -14.68 -31.16 19.33
C SER A 28 -13.94 -30.36 20.39
N SER A 29 -12.62 -30.50 20.40
CA SER A 29 -11.79 -29.79 21.37
C SER A 29 -11.67 -28.30 21.05
N LEU A 30 -11.26 -28.00 19.82
CA LEU A 30 -11.10 -26.61 19.40
C LEU A 30 -12.41 -25.85 19.57
N LYS A 31 -13.53 -26.53 19.34
CA LYS A 31 -14.84 -25.91 19.47
C LYS A 31 -15.10 -25.56 20.94
N THR A 32 -14.47 -26.30 21.83
CA THR A 32 -14.62 -26.08 23.26
C THR A 32 -13.75 -24.90 23.71
N CYS A 33 -12.63 -24.72 23.05
CA CYS A 33 -11.72 -23.62 23.38
C CYS A 33 -12.42 -22.28 23.17
N TYR A 34 -13.07 -22.12 22.02
CA TYR A 34 -13.79 -20.89 21.73
C TYR A 34 -14.99 -20.74 22.65
N LYS A 35 -15.43 -21.86 23.21
CA LYS A 35 -16.56 -21.84 24.12
C LYS A 35 -16.08 -21.22 25.43
N TYR A 36 -14.85 -21.54 25.82
CA TYR A 36 -14.27 -21.00 27.04
C TYR A 36 -13.85 -19.56 26.80
N LEU A 37 -13.40 -19.28 25.58
CA LEU A 37 -12.97 -17.93 25.23
C LEU A 37 -14.11 -16.96 25.50
N ASN A 38 -15.28 -17.24 24.93
CA ASN A 38 -16.44 -16.39 25.13
C ASN A 38 -16.87 -16.35 26.58
N GLN A 39 -16.53 -17.40 27.33
CA GLN A 39 -16.89 -17.49 28.74
C GLN A 39 -16.07 -16.56 29.62
N THR A 40 -14.75 -16.68 29.50
CA THR A 40 -13.82 -15.88 30.28
C THR A 40 -13.49 -14.54 29.63
N SER A 41 -13.88 -14.37 28.38
CA SER A 41 -13.59 -13.12 27.71
C SER A 41 -14.83 -12.25 27.53
N ARG A 42 -15.04 -11.37 28.50
CA ARG A 42 -16.16 -10.43 28.49
C ARG A 42 -16.27 -9.73 27.13
N SER A 43 -15.34 -8.83 26.86
CA SER A 43 -15.33 -8.09 25.60
C SER A 43 -13.95 -8.14 24.93
N PHE A 44 -13.66 -9.27 24.30
CA PHE A 44 -12.38 -9.48 23.61
C PHE A 44 -12.54 -10.61 22.59
N ALA A 45 -13.36 -11.61 22.94
CA ALA A 45 -13.59 -12.75 22.06
C ALA A 45 -14.08 -12.37 20.67
N ALA A 46 -15.11 -11.54 20.60
CA ALA A 46 -15.66 -11.12 19.32
C ALA A 46 -14.58 -10.60 18.38
N VAL A 47 -13.65 -9.83 18.93
CA VAL A 47 -12.56 -9.26 18.13
C VAL A 47 -11.50 -10.30 17.79
N ILE A 48 -11.21 -11.20 18.72
CA ILE A 48 -10.22 -12.24 18.50
C ILE A 48 -10.68 -13.19 17.38
N GLN A 49 -11.97 -13.50 17.39
CA GLN A 49 -12.53 -14.40 16.38
C GLN A 49 -12.59 -13.74 15.02
N ALA A 50 -12.17 -12.48 14.95
CA ALA A 50 -12.18 -11.74 13.71
C ALA A 50 -10.80 -11.70 13.08
N LEU A 51 -9.79 -12.19 13.80
CA LEU A 51 -8.44 -12.20 13.27
C LEU A 51 -8.36 -13.13 12.06
N ASP A 52 -7.39 -12.87 11.18
CA ASP A 52 -7.22 -13.67 9.98
C ASP A 52 -6.32 -14.88 10.16
N GLY A 53 -6.50 -15.85 9.27
CA GLY A 53 -5.70 -17.06 9.29
C GLY A 53 -5.43 -17.70 10.64
N GLU A 54 -4.22 -18.23 10.78
CA GLU A 54 -3.79 -18.90 12.00
C GLU A 54 -3.87 -18.04 13.26
N MET A 55 -3.60 -16.75 13.13
CA MET A 55 -3.64 -15.84 14.28
C MET A 55 -4.86 -16.11 15.14
N ARG A 56 -5.99 -16.37 14.49
CA ARG A 56 -7.24 -16.64 15.17
C ARG A 56 -7.06 -17.63 16.32
N ASN A 57 -6.75 -18.89 15.99
CA ASN A 57 -6.56 -19.90 17.02
C ASN A 57 -5.36 -19.59 17.91
N ALA A 58 -4.27 -19.13 17.31
CA ALA A 58 -3.07 -18.80 18.05
C ALA A 58 -3.41 -17.86 19.21
N VAL A 59 -4.09 -16.77 18.90
CA VAL A 59 -4.47 -15.78 19.90
C VAL A 59 -5.51 -16.32 20.87
N CYS A 60 -6.45 -17.12 20.37
CA CYS A 60 -7.48 -17.70 21.23
C CYS A 60 -6.83 -18.52 22.33
N ILE A 61 -5.91 -19.40 21.93
CA ILE A 61 -5.20 -20.26 22.87
C ILE A 61 -4.28 -19.43 23.76
N PHE A 62 -3.46 -18.58 23.14
CA PHE A 62 -2.54 -17.74 23.87
C PHE A 62 -3.28 -16.98 24.97
N TYR A 63 -4.57 -16.78 24.77
CA TYR A 63 -5.40 -16.08 25.74
C TYR A 63 -5.84 -17.03 26.86
N LEU A 64 -6.37 -18.18 26.49
CA LEU A 64 -6.84 -19.17 27.46
C LEU A 64 -5.74 -19.60 28.43
N VAL A 65 -4.52 -19.74 27.92
CA VAL A 65 -3.40 -20.15 28.76
C VAL A 65 -3.11 -19.09 29.82
N LEU A 66 -3.24 -17.83 29.42
CA LEU A 66 -2.99 -16.71 30.33
C LEU A 66 -4.17 -16.60 31.30
N ARG A 67 -5.35 -16.96 30.83
CA ARG A 67 -6.55 -16.92 31.66
C ARG A 67 -6.38 -17.87 32.85
N ALA A 68 -5.80 -19.04 32.58
CA ALA A 68 -5.57 -20.05 33.60
C ALA A 68 -4.47 -19.60 34.55
N LEU A 69 -3.34 -19.19 33.98
CA LEU A 69 -2.20 -18.73 34.76
C LEU A 69 -2.60 -17.57 35.66
N ASP A 70 -3.58 -16.79 35.20
CA ASP A 70 -4.05 -15.65 35.97
C ASP A 70 -5.01 -16.11 37.07
N THR A 71 -5.84 -17.09 36.74
CA THR A 71 -6.80 -17.62 37.72
C THR A 71 -6.10 -18.22 38.92
N LEU A 72 -4.85 -18.66 38.73
CA LEU A 72 -4.08 -19.23 39.82
C LEU A 72 -3.51 -18.13 40.69
N GLU A 73 -2.79 -17.20 40.07
CA GLU A 73 -2.20 -16.09 40.80
C GLU A 73 -3.25 -15.39 41.66
N ASP A 74 -4.46 -15.26 41.11
CA ASP A 74 -5.55 -14.58 41.80
C ASP A 74 -6.21 -15.42 42.88
N ASP A 75 -6.18 -16.74 42.72
CA ASP A 75 -6.80 -17.63 43.71
C ASP A 75 -6.11 -17.45 45.05
N MET A 76 -6.81 -16.81 45.98
CA MET A 76 -6.25 -16.53 47.30
C MET A 76 -6.33 -17.70 48.28
N THR A 77 -6.95 -18.80 47.86
CA THR A 77 -7.09 -19.97 48.72
C THR A 77 -5.91 -20.92 48.54
N ILE A 78 -4.91 -20.47 47.79
CA ILE A 78 -3.71 -21.27 47.54
C ILE A 78 -2.52 -20.59 48.20
N SER A 79 -1.91 -21.27 49.16
CA SER A 79 -0.76 -20.71 49.86
C SER A 79 0.31 -20.29 48.86
N VAL A 80 1.19 -19.39 49.28
CA VAL A 80 2.26 -18.90 48.43
C VAL A 80 3.27 -19.98 48.06
N GLU A 81 3.62 -20.83 49.02
CA GLU A 81 4.58 -21.90 48.77
C GLU A 81 4.06 -22.94 47.77
N LYS A 82 2.74 -22.99 47.60
CA LYS A 82 2.14 -23.93 46.67
C LYS A 82 1.89 -23.22 45.35
N LYS A 83 1.74 -21.90 45.42
CA LYS A 83 1.47 -21.09 44.25
C LYS A 83 2.72 -20.78 43.43
N VAL A 84 3.83 -20.54 44.11
CA VAL A 84 5.10 -20.23 43.45
C VAL A 84 5.51 -21.33 42.46
N PRO A 85 5.43 -22.60 42.88
CA PRO A 85 5.81 -23.71 41.99
C PRO A 85 4.94 -23.79 40.75
N LEU A 86 3.64 -23.58 40.93
CA LEU A 86 2.68 -23.63 39.82
C LEU A 86 2.96 -22.56 38.79
N LEU A 87 3.26 -21.36 39.27
CA LEU A 87 3.53 -20.24 38.38
C LEU A 87 4.85 -20.44 37.64
N HIS A 88 5.84 -21.01 38.34
CA HIS A 88 7.16 -21.25 37.75
C HIS A 88 7.16 -22.35 36.71
N ASN A 89 6.33 -23.37 36.90
CA ASN A 89 6.29 -24.50 35.98
C ASN A 89 5.07 -24.52 35.07
N PHE A 90 4.22 -23.49 35.15
CA PHE A 90 3.03 -23.46 34.31
C PHE A 90 3.36 -23.66 32.84
N HIS A 91 4.44 -23.04 32.38
CA HIS A 91 4.84 -23.14 30.99
C HIS A 91 5.13 -24.57 30.55
N SER A 92 5.48 -25.43 31.51
CA SER A 92 5.79 -26.83 31.21
C SER A 92 4.56 -27.72 31.13
N PHE A 93 3.49 -27.32 31.81
CA PHE A 93 2.26 -28.09 31.81
C PHE A 93 1.66 -28.12 30.41
N LEU A 94 2.01 -27.13 29.60
CA LEU A 94 1.50 -27.06 28.24
C LEU A 94 1.89 -28.33 27.47
N TYR A 95 2.90 -29.02 27.98
CA TYR A 95 3.37 -30.24 27.34
C TYR A 95 3.04 -31.49 28.14
N GLN A 96 2.25 -31.31 29.20
CA GLN A 96 1.81 -32.42 30.05
C GLN A 96 0.32 -32.59 29.81
N PRO A 97 -0.07 -33.38 28.80
CA PRO A 97 -1.43 -33.69 28.37
C PRO A 97 -2.46 -33.95 29.47
N ASP A 98 -2.09 -34.73 30.47
CA ASP A 98 -3.01 -35.08 31.55
C ASP A 98 -3.06 -34.08 32.71
N TRP A 99 -2.22 -33.05 32.67
CA TRP A 99 -2.18 -32.07 33.75
C TRP A 99 -3.49 -31.27 33.85
N ARG A 100 -3.83 -30.90 35.07
CA ARG A 100 -5.04 -30.13 35.33
C ARG A 100 -4.94 -29.58 36.75
N PHE A 101 -5.97 -28.87 37.20
CA PHE A 101 -5.99 -28.32 38.54
C PHE A 101 -7.42 -28.30 39.06
N MET A 102 -7.69 -29.08 40.10
CA MET A 102 -9.04 -29.17 40.65
C MET A 102 -9.26 -28.37 41.93
N GLU A 103 -8.16 -27.98 42.59
CA GLU A 103 -8.24 -27.23 43.83
C GLU A 103 -8.67 -25.78 43.64
N SER A 104 -8.62 -25.28 42.42
CA SER A 104 -9.01 -23.90 42.14
C SER A 104 -10.42 -23.62 42.64
N LYS A 105 -10.64 -22.42 43.18
CA LYS A 105 -11.95 -22.06 43.70
C LYS A 105 -12.46 -20.74 43.10
N GLU A 106 -11.69 -20.15 42.20
CA GLU A 106 -12.10 -18.91 41.55
C GLU A 106 -13.32 -19.18 40.68
N LYS A 107 -13.74 -18.19 39.90
CA LYS A 107 -14.90 -18.37 39.04
C LYS A 107 -14.55 -18.63 37.57
N ASP A 108 -13.25 -18.61 37.26
CA ASP A 108 -12.79 -18.87 35.91
C ASP A 108 -11.89 -20.11 35.94
N ARG A 109 -12.23 -21.03 36.83
CA ARG A 109 -11.49 -22.27 37.02
C ARG A 109 -11.77 -23.33 35.96
N GLN A 110 -12.88 -23.19 35.25
CA GLN A 110 -13.23 -24.14 34.21
C GLN A 110 -12.09 -24.44 33.26
N VAL A 111 -11.24 -23.44 33.01
CA VAL A 111 -10.10 -23.61 32.12
C VAL A 111 -8.96 -24.37 32.80
N LEU A 112 -8.99 -24.41 34.12
CA LEU A 112 -7.97 -25.10 34.89
C LEU A 112 -8.34 -26.58 35.09
N GLU A 113 -9.63 -26.84 35.31
CA GLU A 113 -10.09 -28.21 35.51
C GLU A 113 -10.14 -28.98 34.20
N ASP A 114 -10.23 -28.24 33.09
CA ASP A 114 -10.27 -28.85 31.78
C ASP A 114 -9.09 -28.37 30.93
N PHE A 115 -7.97 -28.10 31.59
CA PHE A 115 -6.78 -27.61 30.92
C PHE A 115 -6.30 -28.57 29.83
N PRO A 116 -6.39 -29.89 30.07
CA PRO A 116 -5.94 -30.85 29.06
C PRO A 116 -6.53 -30.56 27.67
N THR A 117 -7.77 -30.07 27.66
CA THR A 117 -8.44 -29.74 26.41
C THR A 117 -7.78 -28.54 25.76
N ILE A 118 -7.21 -27.67 26.59
CA ILE A 118 -6.55 -26.47 26.10
C ILE A 118 -5.13 -26.76 25.65
N SER A 119 -4.39 -27.52 26.45
CA SER A 119 -3.01 -27.87 26.11
C SER A 119 -2.99 -28.69 24.82
N LEU A 120 -4.06 -29.43 24.59
CA LEU A 120 -4.16 -30.25 23.38
C LEU A 120 -4.09 -29.37 22.15
N GLU A 121 -5.01 -28.40 22.07
CA GLU A 121 -5.06 -27.47 20.94
C GLU A 121 -3.78 -26.64 20.86
N PHE A 122 -3.12 -26.49 22.00
CA PHE A 122 -1.88 -25.73 22.05
C PHE A 122 -0.81 -26.48 21.26
N ARG A 123 -0.65 -27.77 21.56
CA ARG A 123 0.34 -28.60 20.88
C ARG A 123 0.01 -28.76 19.39
N ASN A 124 -1.20 -28.38 19.01
CA ASN A 124 -1.63 -28.46 17.62
C ASN A 124 -1.27 -27.18 16.87
N LEU A 125 -1.10 -26.09 17.60
CA LEU A 125 -0.72 -24.82 17.00
C LEU A 125 0.62 -25.03 16.32
N ALA A 126 0.91 -24.22 15.29
CA ALA A 126 2.18 -24.34 14.60
C ALA A 126 3.29 -24.12 15.62
N GLU A 127 4.44 -24.75 15.40
CA GLU A 127 5.57 -24.63 16.31
C GLU A 127 6.00 -23.20 16.57
N LYS A 128 6.00 -22.37 15.54
CA LYS A 128 6.41 -20.98 15.69
C LYS A 128 5.55 -20.25 16.72
N TYR A 129 4.29 -20.66 16.82
CA TYR A 129 3.37 -20.04 17.77
C TYR A 129 3.61 -20.57 19.18
N GLN A 130 3.84 -21.88 19.29
CA GLN A 130 4.07 -22.49 20.60
C GLN A 130 5.27 -21.88 21.31
N THR A 131 6.35 -21.69 20.57
CA THR A 131 7.57 -21.12 21.11
C THR A 131 7.28 -19.80 21.82
N VAL A 132 6.49 -18.96 21.17
CA VAL A 132 6.13 -17.66 21.73
C VAL A 132 5.24 -17.81 22.96
N ILE A 133 4.12 -18.50 22.79
CA ILE A 133 3.17 -18.70 23.88
C ILE A 133 3.84 -19.29 25.12
N ALA A 134 4.65 -20.32 24.92
CA ALA A 134 5.34 -20.98 26.03
C ALA A 134 6.32 -20.02 26.71
N ASP A 135 7.12 -19.34 25.89
CA ASP A 135 8.11 -18.40 26.39
C ASP A 135 7.50 -17.31 27.27
N ILE A 136 6.32 -16.83 26.88
CA ILE A 136 5.65 -15.80 27.66
C ILE A 136 5.27 -16.31 29.04
N CYS A 137 4.68 -17.51 29.07
CA CYS A 137 4.28 -18.10 30.34
C CYS A 137 5.47 -18.26 31.28
N ARG A 138 6.59 -18.71 30.73
CA ARG A 138 7.79 -18.90 31.52
C ARG A 138 8.23 -17.56 32.12
N ARG A 139 8.21 -16.53 31.28
CA ARG A 139 8.61 -15.18 31.69
C ARG A 139 7.60 -14.56 32.65
N MET A 140 6.32 -14.73 32.34
CA MET A 140 5.25 -14.18 33.16
C MET A 140 5.17 -14.91 34.51
N GLY A 141 5.43 -16.21 34.48
CA GLY A 141 5.39 -16.99 35.70
C GLY A 141 6.36 -16.50 36.76
N ILE A 142 7.60 -16.29 36.34
CA ILE A 142 8.65 -15.81 37.25
C ILE A 142 8.26 -14.49 37.89
N GLY A 143 7.64 -13.62 37.11
CA GLY A 143 7.24 -12.32 37.61
C GLY A 143 6.09 -12.38 38.61
N MET A 144 4.99 -13.02 38.23
CA MET A 144 3.83 -13.14 39.10
C MET A 144 4.22 -13.71 40.46
N ALA A 145 5.18 -14.62 40.46
CA ALA A 145 5.65 -15.24 41.70
C ALA A 145 6.47 -14.26 42.53
N GLU A 146 7.12 -13.32 41.84
CA GLU A 146 7.94 -12.33 42.51
C GLU A 146 7.13 -11.34 43.35
N PHE A 147 5.93 -11.00 42.89
CA PHE A 147 5.08 -10.06 43.61
C PHE A 147 4.00 -10.76 44.43
N LEU A 148 4.15 -12.05 44.65
CA LEU A 148 3.18 -12.82 45.42
C LEU A 148 3.11 -12.42 46.89
N ASP A 149 4.17 -11.81 47.40
CA ASP A 149 4.18 -11.41 48.80
C ASP A 149 4.59 -9.95 49.02
N LYS A 150 4.79 -9.21 47.94
CA LYS A 150 5.17 -7.80 48.07
C LYS A 150 4.22 -6.88 47.31
N HIS A 151 3.92 -5.74 47.91
CA HIS A 151 3.02 -4.76 47.31
C HIS A 151 3.81 -3.76 46.49
N VAL A 152 3.22 -3.28 45.40
CA VAL A 152 3.88 -2.31 44.53
C VAL A 152 4.28 -1.09 45.34
N THR A 153 5.55 -0.70 45.25
CA THR A 153 6.07 0.44 45.98
C THR A 153 6.29 1.67 45.09
N SER A 154 7.44 1.71 44.42
CA SER A 154 7.78 2.83 43.55
C SER A 154 7.15 2.68 42.17
N GLU A 155 6.96 3.82 41.51
CA GLU A 155 6.38 3.83 40.17
C GLU A 155 7.21 2.96 39.23
N GLN A 156 8.50 2.85 39.52
CA GLN A 156 9.40 2.06 38.69
C GLN A 156 9.07 0.57 38.83
N GLU A 157 8.50 0.19 39.96
CA GLU A 157 8.13 -1.20 40.18
C GLU A 157 6.73 -1.44 39.65
N TRP A 158 5.94 -0.37 39.61
CA TRP A 158 4.58 -0.46 39.12
C TRP A 158 4.63 -0.81 37.64
N ASP A 159 5.65 -0.30 36.96
CA ASP A 159 5.85 -0.58 35.54
C ASP A 159 6.35 -2.01 35.39
N LYS A 160 7.24 -2.42 36.30
CA LYS A 160 7.79 -3.76 36.26
C LYS A 160 6.69 -4.80 36.43
N TYR A 161 5.80 -4.57 37.39
CA TYR A 161 4.70 -5.50 37.63
C TYR A 161 3.79 -5.56 36.41
N CYS A 162 3.43 -4.39 35.89
CA CYS A 162 2.58 -4.30 34.73
C CYS A 162 3.25 -4.97 33.53
N HIS A 163 4.57 -5.05 33.57
CA HIS A 163 5.34 -5.67 32.51
C HIS A 163 5.11 -7.17 32.47
N TYR A 164 4.99 -7.78 33.65
CA TYR A 164 4.75 -9.21 33.77
C TYR A 164 3.30 -9.60 33.51
N VAL A 165 2.38 -8.76 33.96
CA VAL A 165 0.96 -9.03 33.79
C VAL A 165 0.37 -8.51 32.48
N ALA A 166 0.90 -7.42 31.95
CA ALA A 166 0.39 -6.85 30.71
C ALA A 166 1.46 -6.60 29.64
N GLY A 167 2.61 -6.09 30.06
CA GLY A 167 3.68 -5.82 29.13
C GLY A 167 4.07 -7.03 28.28
N LEU A 168 4.27 -8.16 28.94
CA LEU A 168 4.66 -9.40 28.25
C LEU A 168 3.59 -9.83 27.26
N VAL A 169 2.32 -9.57 27.59
CA VAL A 169 1.22 -9.93 26.71
C VAL A 169 1.32 -9.09 25.44
N GLY A 170 1.77 -7.85 25.60
CA GLY A 170 1.92 -6.97 24.46
C GLY A 170 3.02 -7.45 23.54
N ILE A 171 4.13 -7.86 24.13
CA ILE A 171 5.28 -8.36 23.37
C ILE A 171 4.92 -9.72 22.80
N GLY A 172 4.10 -10.47 23.54
CA GLY A 172 3.70 -11.78 23.08
C GLY A 172 2.91 -11.69 21.78
N LEU A 173 1.81 -10.96 21.81
CA LEU A 173 0.96 -10.81 20.62
C LEU A 173 1.74 -10.26 19.44
N SER A 174 2.64 -9.30 19.70
CA SER A 174 3.44 -8.70 18.64
C SER A 174 4.25 -9.76 17.89
N ARG A 175 4.75 -10.75 18.62
CA ARG A 175 5.54 -11.81 18.00
C ARG A 175 4.67 -12.73 17.15
N LEU A 176 3.42 -12.93 17.59
CA LEU A 176 2.49 -13.78 16.86
C LEU A 176 2.07 -13.16 15.53
N PHE A 177 1.90 -11.84 15.52
CA PHE A 177 1.50 -11.12 14.32
C PHE A 177 2.60 -11.20 13.26
N SER A 178 3.85 -11.11 13.71
CA SER A 178 4.99 -11.17 12.81
C SER A 178 5.22 -12.60 12.34
N ALA A 179 4.93 -13.56 13.21
CA ALA A 179 5.11 -14.96 12.89
C ALA A 179 4.09 -15.41 11.84
N SER A 180 2.87 -14.92 11.96
CA SER A 180 1.80 -15.26 11.04
C SER A 180 1.99 -14.64 9.66
N GLU A 181 2.96 -13.73 9.56
CA GLU A 181 3.27 -13.05 8.30
C GLU A 181 2.23 -11.97 7.96
N PHE A 182 1.22 -11.81 8.80
CA PHE A 182 0.19 -10.81 8.57
C PHE A 182 0.70 -9.40 8.89
N GLU A 183 1.61 -9.32 9.84
CA GLU A 183 2.20 -8.05 10.24
C GLU A 183 3.70 -8.01 9.96
N ASP A 184 4.19 -6.83 9.61
CA ASP A 184 5.61 -6.63 9.31
C ASP A 184 6.48 -7.16 10.44
N PRO A 185 7.61 -7.78 10.11
CA PRO A 185 8.55 -8.33 11.10
C PRO A 185 8.98 -7.32 12.16
N LEU A 186 8.87 -6.04 11.84
CA LEU A 186 9.25 -4.99 12.77
C LEU A 186 8.27 -4.83 13.93
N VAL A 187 7.03 -5.26 13.73
CA VAL A 187 6.01 -5.16 14.79
C VAL A 187 6.42 -5.98 16.01
N GLY A 188 6.90 -7.19 15.77
CA GLY A 188 7.31 -8.06 16.86
C GLY A 188 8.73 -7.79 17.33
N GLU A 189 9.49 -6.99 16.59
CA GLU A 189 10.87 -6.68 16.96
C GLU A 189 10.86 -5.61 18.05
N ASP A 190 10.21 -4.49 17.79
CA ASP A 190 10.11 -3.39 18.73
C ASP A 190 9.28 -3.82 19.94
N THR A 191 9.96 -4.25 20.99
CA THR A 191 9.30 -4.71 22.20
C THR A 191 9.08 -3.59 23.22
N GLU A 192 9.76 -2.47 23.03
CA GLU A 192 9.63 -1.35 23.96
C GLU A 192 8.23 -0.74 23.89
N ARG A 193 7.76 -0.49 22.67
CA ARG A 193 6.42 0.09 22.47
C ARG A 193 5.35 -0.97 22.65
N ALA A 194 5.73 -2.22 22.43
CA ALA A 194 4.80 -3.33 22.59
C ALA A 194 4.51 -3.43 24.08
N ASN A 195 5.53 -3.12 24.88
CA ASN A 195 5.40 -3.16 26.32
C ASN A 195 4.46 -2.05 26.78
N SER A 196 4.64 -0.86 26.20
CA SER A 196 3.82 0.30 26.54
C SER A 196 2.36 0.01 26.24
N MET A 197 2.11 -0.63 25.10
CA MET A 197 0.75 -0.98 24.70
C MET A 197 0.07 -1.76 25.82
N GLY A 198 0.86 -2.55 26.55
CA GLY A 198 0.31 -3.34 27.63
C GLY A 198 0.22 -2.57 28.94
N LEU A 199 1.26 -1.82 29.25
CA LEU A 199 1.28 -1.03 30.48
C LEU A 199 0.15 -0.01 30.50
N PHE A 200 -0.10 0.63 29.36
CA PHE A 200 -1.16 1.64 29.27
C PHE A 200 -2.51 1.06 29.65
N LEU A 201 -2.78 -0.16 29.20
CA LEU A 201 -4.04 -0.82 29.48
C LEU A 201 -4.10 -1.35 30.92
N GLN A 202 -2.99 -1.92 31.39
CA GLN A 202 -2.95 -2.47 32.74
C GLN A 202 -3.14 -1.38 33.80
N LYS A 203 -2.46 -0.25 33.61
CA LYS A 203 -2.56 0.84 34.55
C LYS A 203 -3.99 1.38 34.61
N THR A 204 -4.63 1.48 33.45
CA THR A 204 -6.00 1.97 33.39
C THR A 204 -6.92 1.07 34.22
N ASN A 205 -6.65 -0.24 34.17
CA ASN A 205 -7.44 -1.21 34.93
C ASN A 205 -7.21 -1.03 36.42
N ILE A 206 -5.94 -1.01 36.82
CA ILE A 206 -5.56 -0.84 38.21
C ILE A 206 -6.16 0.43 38.81
N ILE A 207 -6.08 1.51 38.04
CA ILE A 207 -6.60 2.80 38.49
C ILE A 207 -8.12 2.79 38.66
N ARG A 208 -8.82 2.26 37.67
CA ARG A 208 -10.27 2.20 37.69
C ARG A 208 -10.82 1.24 38.76
N ASP A 209 -10.27 0.04 38.80
CA ASP A 209 -10.73 -0.98 39.75
C ASP A 209 -10.20 -0.81 41.17
N TYR A 210 -9.94 0.42 41.59
CA TYR A 210 -9.44 0.65 42.94
C TYR A 210 -10.39 0.08 44.00
N LEU A 211 -11.65 0.48 43.92
CA LEU A 211 -12.66 0.04 44.88
C LEU A 211 -12.98 -1.45 44.71
N GLU A 212 -12.80 -1.95 43.49
CA GLU A 212 -13.06 -3.35 43.22
C GLU A 212 -11.95 -4.23 43.78
N ASP A 213 -10.73 -3.71 43.77
CA ASP A 213 -9.57 -4.44 44.29
C ASP A 213 -9.48 -4.27 45.80
N GLN A 214 -9.94 -3.11 46.27
CA GLN A 214 -9.91 -2.81 47.70
C GLN A 214 -10.88 -3.73 48.43
N GLN A 215 -12.05 -3.92 47.85
CA GLN A 215 -13.04 -4.80 48.45
C GLN A 215 -12.74 -6.22 48.04
N GLY A 216 -11.48 -6.60 48.15
CA GLY A 216 -11.06 -7.93 47.78
C GLY A 216 -9.70 -8.26 48.36
N GLY A 217 -9.18 -7.36 49.20
CA GLY A 217 -7.89 -7.59 49.82
C GLY A 217 -6.72 -7.62 48.86
N ARG A 218 -6.66 -6.62 47.98
CA ARG A 218 -5.58 -6.53 47.01
C ARG A 218 -5.23 -5.07 46.74
N GLU A 219 -3.94 -4.80 46.66
CA GLU A 219 -3.47 -3.44 46.42
C GLU A 219 -2.52 -3.41 45.23
N PHE A 220 -2.77 -2.50 44.30
CA PHE A 220 -1.94 -2.37 43.11
C PHE A 220 -1.35 -0.98 42.96
N TRP A 221 -2.00 -0.01 43.62
CA TRP A 221 -1.53 1.37 43.56
C TRP A 221 -0.14 1.50 44.19
N PRO A 222 0.80 2.12 43.47
CA PRO A 222 2.16 2.28 43.99
C PRO A 222 2.22 2.97 45.36
N GLN A 223 2.79 2.26 46.33
CA GLN A 223 2.91 2.78 47.70
C GLN A 223 3.67 4.11 47.77
N GLU A 224 4.78 4.19 47.05
CA GLU A 224 5.58 5.40 47.04
C GLU A 224 4.74 6.61 46.66
N VAL A 225 3.57 6.36 46.09
CA VAL A 225 2.67 7.42 45.67
C VAL A 225 1.55 7.73 46.66
N TRP A 226 0.58 6.81 46.79
CA TRP A 226 -0.53 7.04 47.71
C TRP A 226 -0.10 7.32 49.14
N SER A 227 1.15 6.99 49.48
CA SER A 227 1.66 7.22 50.82
C SER A 227 1.86 8.70 51.09
N ARG A 228 1.87 9.50 50.02
CA ARG A 228 2.05 10.95 50.15
C ARG A 228 0.71 11.65 50.29
N TYR A 229 -0.37 10.88 50.38
CA TYR A 229 -1.71 11.43 50.51
C TYR A 229 -2.42 10.84 51.73
N VAL A 230 -2.13 9.59 52.03
CA VAL A 230 -2.76 8.91 53.16
C VAL A 230 -1.77 8.01 53.90
N LYS A 231 -2.25 7.36 54.95
CA LYS A 231 -1.43 6.46 55.74
C LYS A 231 -1.70 5.01 55.37
N LYS A 232 -2.84 4.79 54.71
CA LYS A 232 -3.24 3.46 54.27
C LYS A 232 -4.01 3.59 52.96
N LEU A 233 -3.60 2.84 51.94
CA LEU A 233 -4.26 2.88 50.64
C LEU A 233 -5.76 2.69 50.76
N GLY A 234 -6.20 2.08 51.86
CA GLY A 234 -7.61 1.84 52.06
C GLY A 234 -8.36 3.06 52.54
N ASP A 235 -7.63 4.07 52.99
CA ASP A 235 -8.24 5.30 53.48
C ASP A 235 -8.97 6.05 52.38
N PHE A 236 -8.62 5.75 51.13
CA PHE A 236 -9.27 6.42 50.00
C PHE A 236 -10.73 5.99 49.88
N ALA A 237 -11.11 4.94 50.59
CA ALA A 237 -12.48 4.46 50.55
C ALA A 237 -13.33 5.28 51.50
N LEU A 238 -12.68 5.95 52.45
CA LEU A 238 -13.38 6.80 53.43
C LEU A 238 -13.71 8.16 52.83
N PRO A 239 -15.00 8.53 52.84
CA PRO A 239 -15.52 9.80 52.32
C PRO A 239 -14.79 11.09 52.71
N GLU A 240 -14.21 11.10 53.91
CA GLU A 240 -13.50 12.29 54.37
C GLU A 240 -12.13 12.49 53.74
N ASN A 241 -11.72 11.54 52.89
CA ASN A 241 -10.43 11.64 52.22
C ASN A 241 -10.59 11.68 50.71
N ILE A 242 -11.83 11.78 50.26
CA ILE A 242 -12.14 11.81 48.83
C ILE A 242 -11.31 12.84 48.06
N ASP A 243 -11.08 14.00 48.66
CA ASP A 243 -10.31 15.05 48.01
C ASP A 243 -8.85 14.63 47.82
N LEU A 244 -8.30 13.96 48.83
CA LEU A 244 -6.92 13.49 48.75
C LEU A 244 -6.83 12.29 47.81
N ALA A 245 -7.94 11.58 47.67
CA ALA A 245 -8.00 10.41 46.80
C ALA A 245 -7.96 10.84 45.34
N VAL A 246 -8.67 11.91 45.02
CA VAL A 246 -8.72 12.43 43.67
C VAL A 246 -7.36 12.94 43.24
N GLN A 247 -6.65 13.57 44.17
CA GLN A 247 -5.31 14.10 43.87
C GLN A 247 -4.36 12.97 43.49
N CYS A 248 -4.48 11.85 44.18
CA CYS A 248 -3.64 10.69 43.89
C CYS A 248 -4.10 10.07 42.58
N LEU A 249 -5.43 9.99 42.42
CA LEU A 249 -6.03 9.43 41.22
C LEU A 249 -5.52 10.17 39.98
N ASN A 250 -5.60 11.50 40.02
CA ASN A 250 -5.16 12.33 38.92
C ASN A 250 -3.67 12.20 38.64
N GLU A 251 -2.90 11.83 39.66
CA GLU A 251 -1.46 11.68 39.48
C GLU A 251 -1.16 10.39 38.72
N LEU A 252 -1.84 9.30 39.10
CA LEU A 252 -1.65 8.02 38.45
C LEU A 252 -2.12 8.07 37.00
N ILE A 253 -3.21 8.78 36.76
CA ILE A 253 -3.75 8.92 35.42
C ILE A 253 -2.74 9.69 34.57
N THR A 254 -2.16 10.73 35.14
CA THR A 254 -1.17 11.52 34.43
C THR A 254 0.00 10.63 34.08
N ASN A 255 0.28 9.69 34.97
CA ASN A 255 1.37 8.74 34.80
C ASN A 255 1.11 7.80 33.62
N ALA A 256 -0.14 7.42 33.43
CA ALA A 256 -0.53 6.52 32.35
C ALA A 256 -0.57 7.20 30.99
N LEU A 257 -0.83 8.50 30.99
CA LEU A 257 -0.90 9.26 29.74
C LEU A 257 0.41 9.26 28.98
N HIS A 258 1.52 9.12 29.71
CA HIS A 258 2.84 9.10 29.09
C HIS A 258 3.04 7.94 28.14
N HIS A 259 2.21 6.91 28.26
CA HIS A 259 2.32 5.74 27.39
C HIS A 259 1.66 5.95 26.04
N ILE A 260 0.79 6.95 25.94
CA ILE A 260 0.10 7.22 24.69
C ILE A 260 1.02 7.40 23.49
N PRO A 261 2.11 8.18 23.65
CA PRO A 261 3.04 8.39 22.54
C PRO A 261 3.51 7.10 21.86
N ASP A 262 3.70 6.04 22.65
CA ASP A 262 4.15 4.76 22.08
C ASP A 262 2.97 4.00 21.48
N VAL A 263 1.79 4.14 22.07
CA VAL A 263 0.60 3.47 21.58
C VAL A 263 0.30 3.92 20.15
N ILE A 264 0.43 5.22 19.90
CA ILE A 264 0.18 5.77 18.58
C ILE A 264 1.25 5.28 17.61
N THR A 265 2.47 5.14 18.11
CA THR A 265 3.59 4.69 17.30
C THR A 265 3.42 3.23 16.91
N TYR A 266 2.97 2.42 17.87
CA TYR A 266 2.76 1.00 17.62
C TYR A 266 1.64 0.80 16.61
N LEU A 267 0.51 1.48 16.84
CA LEU A 267 -0.64 1.37 15.95
C LEU A 267 -0.34 1.83 14.53
N SER A 268 0.49 2.85 14.40
CA SER A 268 0.84 3.37 13.09
C SER A 268 1.72 2.41 12.28
N ARG A 269 2.19 1.34 12.91
CA ARG A 269 3.04 0.38 12.20
C ARG A 269 2.23 -0.79 11.64
N LEU A 270 1.04 -1.00 12.20
CA LEU A 270 0.15 -2.07 11.76
C LEU A 270 -0.36 -1.86 10.35
N ARG A 271 -0.68 -2.94 9.66
CA ARG A 271 -1.18 -2.86 8.30
C ARG A 271 -2.39 -3.75 8.06
N ASN A 272 -2.43 -4.89 8.73
CA ASN A 272 -3.55 -5.82 8.58
C ASN A 272 -4.77 -5.27 9.33
N GLN A 273 -5.87 -5.13 8.61
CA GLN A 273 -7.10 -4.60 9.17
C GLN A 273 -7.53 -5.31 10.45
N SER A 274 -7.69 -6.63 10.39
CA SER A 274 -8.12 -7.41 11.54
C SER A 274 -7.22 -7.18 12.77
N VAL A 275 -5.92 -7.05 12.54
CA VAL A 275 -4.99 -6.83 13.65
C VAL A 275 -5.19 -5.43 14.24
N PHE A 276 -5.40 -4.45 13.37
CA PHE A 276 -5.59 -3.07 13.80
C PHE A 276 -6.79 -2.96 14.75
N ASN A 277 -7.89 -3.58 14.36
CA ASN A 277 -9.10 -3.57 15.16
C ASN A 277 -8.86 -4.22 16.51
N PHE A 278 -8.06 -5.29 16.51
CA PHE A 278 -7.74 -6.01 17.72
C PHE A 278 -6.89 -5.19 18.70
N CYS A 279 -6.03 -4.34 18.15
CA CYS A 279 -5.14 -3.51 18.97
C CYS A 279 -5.66 -2.11 19.23
N ALA A 280 -6.32 -1.52 18.24
CA ALA A 280 -6.85 -0.17 18.37
C ALA A 280 -8.02 -0.06 19.36
N ILE A 281 -9.04 -0.89 19.18
CA ILE A 281 -10.22 -0.86 20.05
C ILE A 281 -9.88 -0.85 21.55
N PRO A 282 -9.07 -1.81 22.01
CA PRO A 282 -8.71 -1.86 23.43
C PRO A 282 -8.10 -0.55 23.94
N GLN A 283 -7.20 0.02 23.15
CA GLN A 283 -6.54 1.27 23.50
C GLN A 283 -7.51 2.44 23.56
N VAL A 284 -8.47 2.47 22.63
CA VAL A 284 -9.44 3.54 22.59
C VAL A 284 -10.30 3.55 23.86
N MET A 285 -10.86 2.39 24.21
CA MET A 285 -11.68 2.27 25.41
C MET A 285 -10.90 2.66 26.64
N ALA A 286 -9.58 2.46 26.60
CA ALA A 286 -8.73 2.79 27.73
C ALA A 286 -8.71 4.30 27.95
N ILE A 287 -8.44 5.04 26.87
CA ILE A 287 -8.39 6.50 26.95
C ILE A 287 -9.73 7.06 27.41
N ALA A 288 -10.81 6.51 26.86
CA ALA A 288 -12.14 6.96 27.21
C ALA A 288 -12.38 6.73 28.70
N THR A 289 -11.82 5.63 29.21
CA THR A 289 -11.97 5.28 30.63
C THR A 289 -11.20 6.25 31.51
N LEU A 290 -9.97 6.59 31.11
CA LEU A 290 -9.16 7.52 31.88
C LEU A 290 -9.80 8.91 31.88
N ALA A 291 -10.41 9.27 30.76
CA ALA A 291 -11.07 10.56 30.64
C ALA A 291 -12.30 10.65 31.54
N ALA A 292 -13.00 9.54 31.69
CA ALA A 292 -14.18 9.50 32.53
C ALA A 292 -13.82 9.43 34.01
N CYS A 293 -12.65 8.89 34.31
CA CYS A 293 -12.20 8.76 35.68
C CYS A 293 -11.40 9.95 36.21
N TYR A 294 -10.80 10.72 35.30
CA TYR A 294 -10.01 11.88 35.71
C TYR A 294 -10.77 12.84 36.61
N ASN A 295 -10.16 13.19 37.73
CA ASN A 295 -10.74 14.11 38.70
C ASN A 295 -12.19 13.74 38.99
N ASN A 296 -12.50 12.46 38.87
CA ASN A 296 -13.84 11.95 39.10
C ASN A 296 -13.93 11.20 40.43
N GLN A 297 -14.75 11.72 41.35
CA GLN A 297 -14.90 11.12 42.66
C GLN A 297 -15.63 9.77 42.67
N GLN A 298 -16.42 9.52 41.65
CA GLN A 298 -17.18 8.26 41.57
C GLN A 298 -16.24 7.06 41.61
N VAL A 299 -14.99 7.28 41.22
CA VAL A 299 -13.98 6.23 41.19
C VAL A 299 -13.81 5.56 42.56
N PHE A 300 -13.99 6.35 43.62
CA PHE A 300 -13.83 5.86 44.97
C PHE A 300 -15.16 5.53 45.64
N LYS A 301 -16.24 5.58 44.87
CA LYS A 301 -17.57 5.30 45.39
C LYS A 301 -18.27 4.22 44.58
N GLY A 302 -17.54 3.67 43.59
CA GLY A 302 -18.10 2.64 42.74
C GLY A 302 -17.45 2.60 41.37
N ALA A 303 -18.19 2.14 40.37
CA ALA A 303 -17.69 2.05 39.01
C ALA A 303 -18.07 3.29 38.22
N VAL A 304 -17.25 3.64 37.24
CA VAL A 304 -17.51 4.81 36.40
C VAL A 304 -17.77 4.43 34.96
N LEU A 305 -18.92 4.84 34.44
CA LEU A 305 -19.30 4.55 33.07
C LEU A 305 -18.63 5.52 32.10
N ILE A 306 -18.68 5.20 30.81
CA ILE A 306 -18.06 6.05 29.80
C ILE A 306 -19.00 7.18 29.37
N VAL A 312 -17.50 14.87 16.14
CA VAL A 312 -16.55 14.19 15.26
C VAL A 312 -16.39 12.73 15.69
N THR A 313 -16.47 12.50 17.00
CA THR A 313 -16.34 11.15 17.55
C THR A 313 -17.47 10.23 17.09
N LEU A 314 -18.58 10.84 16.69
CA LEU A 314 -19.74 10.08 16.23
C LEU A 314 -19.69 9.84 14.72
N MET A 315 -19.06 10.74 13.99
CA MET A 315 -18.96 10.62 12.53
C MET A 315 -17.82 9.71 12.09
N MET A 316 -16.89 9.42 12.99
CA MET A 316 -15.77 8.56 12.65
C MET A 316 -15.47 7.59 13.79
N ASP A 317 -15.24 6.32 13.43
CA ASP A 317 -14.96 5.29 14.42
C ASP A 317 -13.53 4.76 14.28
N ALA A 318 -13.09 3.98 15.26
CA ALA A 318 -11.76 3.41 15.27
C ALA A 318 -11.59 2.28 14.27
N THR A 319 -11.35 2.64 13.01
CA THR A 319 -11.17 1.66 11.96
C THR A 319 -9.97 2.05 11.10
N ASN A 320 -9.38 3.19 11.42
CA ASN A 320 -8.21 3.69 10.70
C ASN A 320 -7.38 4.56 11.63
N MET A 321 -6.08 4.60 11.38
CA MET A 321 -5.17 5.37 12.22
C MET A 321 -5.63 6.82 12.44
N PRO A 322 -5.89 7.55 11.34
CA PRO A 322 -6.33 8.94 11.46
C PRO A 322 -7.51 9.13 12.40
N ALA A 323 -8.48 8.22 12.34
CA ALA A 323 -9.66 8.29 13.20
C ALA A 323 -9.25 8.10 14.66
N VAL A 324 -8.51 7.03 14.91
CA VAL A 324 -8.04 6.72 16.25
C VAL A 324 -7.38 7.94 16.88
N LYS A 325 -6.47 8.58 16.14
CA LYS A 325 -5.79 9.76 16.64
C LYS A 325 -6.78 10.84 17.05
N ALA A 326 -7.60 11.29 16.11
CA ALA A 326 -8.60 12.32 16.37
C ALA A 326 -9.42 11.97 17.62
N ILE A 327 -9.78 10.69 17.74
CA ILE A 327 -10.55 10.22 18.88
C ILE A 327 -9.73 10.39 20.14
N ILE A 328 -8.47 9.96 20.08
CA ILE A 328 -7.57 10.08 21.22
C ILE A 328 -7.43 11.55 21.62
N TYR A 329 -7.23 12.41 20.63
CA TYR A 329 -7.06 13.83 20.89
C TYR A 329 -8.32 14.43 21.50
N GLN A 330 -9.50 13.99 21.03
CA GLN A 330 -10.74 14.51 21.58
C GLN A 330 -10.81 14.22 23.07
N TYR A 331 -10.45 13.01 23.46
CA TYR A 331 -10.47 12.62 24.87
C TYR A 331 -9.40 13.37 25.65
N MET A 332 -8.27 13.63 25.01
CA MET A 332 -7.19 14.35 25.66
C MET A 332 -7.66 15.73 26.09
N GLU A 333 -8.36 16.42 25.19
CA GLU A 333 -8.87 17.75 25.49
C GLU A 333 -9.97 17.69 26.54
N GLU A 334 -10.64 16.54 26.61
CA GLU A 334 -11.70 16.35 27.59
C GLU A 334 -11.10 16.44 28.99
N ILE A 335 -9.98 15.76 29.19
CA ILE A 335 -9.29 15.74 30.47
C ILE A 335 -8.65 17.10 30.71
N TYR A 336 -7.94 17.59 29.71
CA TYR A 336 -7.25 18.87 29.78
C TYR A 336 -8.13 20.03 30.22
N HIS A 337 -9.34 20.08 29.69
CA HIS A 337 -10.30 21.12 30.00
C HIS A 337 -10.82 21.03 31.44
N ARG A 338 -10.58 19.89 32.09
CA ARG A 338 -11.04 19.65 33.45
C ARG A 338 -9.90 19.60 34.48
N ILE A 339 -8.73 20.10 34.09
CA ILE A 339 -7.59 20.09 34.99
C ILE A 339 -7.65 21.23 36.01
N PRO A 340 -7.81 20.88 37.30
CA PRO A 340 -7.88 21.88 38.37
C PRO A 340 -6.52 22.58 38.53
N ASP A 341 -6.54 23.89 38.67
CA ASP A 341 -5.31 24.65 38.82
C ASP A 341 -4.60 24.32 40.13
N SER A 342 -5.39 23.98 41.15
CA SER A 342 -4.84 23.66 42.46
C SER A 342 -4.27 22.24 42.54
N ASN A 343 -4.68 21.38 41.61
CA ASN A 343 -4.21 20.00 41.61
C ASN A 343 -2.69 19.95 41.62
N PRO A 344 -2.11 19.18 42.55
CA PRO A 344 -0.66 19.05 42.66
C PRO A 344 0.00 18.35 41.47
N SER A 345 -0.79 18.00 40.46
CA SER A 345 -0.29 17.33 39.26
C SER A 345 -0.69 18.07 38.00
N SER A 346 -1.50 19.11 38.18
CA SER A 346 -2.01 19.92 37.07
C SER A 346 -0.98 20.23 36.00
N SER A 347 0.21 20.65 36.42
CA SER A 347 1.29 20.98 35.49
C SER A 347 1.70 19.77 34.66
N LYS A 348 1.98 18.66 35.33
CA LYS A 348 2.37 17.44 34.66
C LYS A 348 1.24 16.96 33.76
N THR A 349 0.01 17.13 34.23
CA THR A 349 -1.16 16.72 33.47
C THR A 349 -1.22 17.48 32.16
N ARG A 350 -0.82 18.75 32.19
CA ARG A 350 -0.82 19.59 31.00
C ARG A 350 0.35 19.24 30.07
N GLN A 351 1.54 19.13 30.64
CA GLN A 351 2.73 18.83 29.86
C GLN A 351 2.53 17.61 28.95
N ILE A 352 2.15 16.49 29.54
CA ILE A 352 1.96 15.28 28.76
C ILE A 352 0.92 15.46 27.66
N ILE A 353 -0.19 16.13 27.98
CA ILE A 353 -1.25 16.37 27.02
C ILE A 353 -0.69 17.17 25.84
N SER A 354 0.09 18.20 26.16
CA SER A 354 0.68 19.05 25.14
C SER A 354 1.64 18.26 24.26
N THR A 355 2.39 17.35 24.87
CA THR A 355 3.36 16.53 24.15
C THR A 355 2.64 15.62 23.15
N ILE A 356 1.57 14.98 23.61
CA ILE A 356 0.79 14.08 22.76
C ILE A 356 0.10 14.88 21.67
N ARG A 357 -0.33 16.08 22.06
CA ARG A 357 -1.01 17.00 21.15
C ARG A 357 -0.09 17.49 20.04
N THR A 358 1.03 18.08 20.43
CA THR A 358 2.00 18.62 19.47
C THR A 358 2.70 17.54 18.66
N GLN A 359 3.74 16.95 19.24
CA GLN A 359 4.49 15.91 18.56
C GLN A 359 3.97 14.52 18.86
N ASP B 24 10.67 16.55 24.20
CA ASP B 24 10.70 17.39 25.39
C ASP B 24 11.78 18.45 25.26
N SER B 25 12.83 18.14 24.50
CA SER B 25 13.94 19.05 24.29
C SER B 25 13.86 19.72 22.93
N LEU B 26 12.64 19.98 22.47
CA LEU B 26 12.42 20.59 21.17
C LEU B 26 11.55 21.85 21.29
N SER B 27 11.25 22.47 20.15
CA SER B 27 10.44 23.68 20.08
C SER B 27 9.27 23.70 21.06
N SER B 28 9.26 24.70 21.94
CA SER B 28 8.19 24.85 22.92
C SER B 28 7.18 25.86 22.39
N SER B 29 7.52 26.52 21.29
CA SER B 29 6.65 27.51 20.68
C SER B 29 5.62 26.79 19.81
N LEU B 30 6.01 25.62 19.30
CA LEU B 30 5.11 24.83 18.47
C LEU B 30 4.04 24.22 19.37
N LYS B 31 4.42 23.97 20.62
CA LYS B 31 3.48 23.42 21.59
C LYS B 31 2.44 24.48 21.91
N THR B 32 2.89 25.72 21.95
CA THR B 32 2.01 26.85 22.24
C THR B 32 1.03 27.03 21.08
N CYS B 33 1.51 26.83 19.86
CA CYS B 33 0.68 26.97 18.67
C CYS B 33 -0.51 26.01 18.71
N TYR B 34 -0.25 24.77 19.10
CA TYR B 34 -1.31 23.78 19.17
C TYR B 34 -2.22 24.06 20.34
N LYS B 35 -1.73 24.82 21.31
CA LYS B 35 -2.54 25.18 22.47
C LYS B 35 -3.62 26.13 21.99
N TYR B 36 -3.20 27.13 21.21
CA TYR B 36 -4.14 28.11 20.67
C TYR B 36 -5.09 27.46 19.67
N LEU B 37 -4.60 26.45 18.97
CA LEU B 37 -5.41 25.75 17.99
C LEU B 37 -6.62 25.14 18.69
N ASN B 38 -6.38 24.51 19.84
CA ASN B 38 -7.47 23.90 20.59
C ASN B 38 -8.30 24.94 21.32
N GLN B 39 -7.75 26.15 21.45
CA GLN B 39 -8.45 27.24 22.10
C GLN B 39 -9.37 27.95 21.13
N THR B 40 -8.95 28.03 19.87
CA THR B 40 -9.74 28.69 18.84
C THR B 40 -10.63 27.74 18.04
N SER B 41 -10.10 26.58 17.70
CA SER B 41 -10.87 25.61 16.93
C SER B 41 -11.18 24.35 17.73
N ARG B 42 -12.34 24.35 18.38
CA ARG B 42 -12.75 23.22 19.21
C ARG B 42 -13.09 21.96 18.41
N SER B 43 -13.63 22.14 17.21
CA SER B 43 -14.01 21.00 16.38
C SER B 43 -13.21 20.84 15.08
N PHE B 44 -11.92 21.11 15.15
CA PHE B 44 -11.04 20.98 13.99
C PHE B 44 -9.69 20.41 14.44
N ALA B 45 -9.18 20.94 15.54
CA ALA B 45 -7.88 20.52 16.08
C ALA B 45 -7.71 19.00 16.06
N ALA B 46 -8.71 18.28 16.55
CA ALA B 46 -8.65 16.83 16.61
C ALA B 46 -8.29 16.22 15.27
N VAL B 47 -8.97 16.63 14.21
CA VAL B 47 -8.70 16.10 12.88
C VAL B 47 -7.46 16.73 12.24
N ILE B 48 -7.15 17.96 12.63
CA ILE B 48 -5.99 18.67 12.10
C ILE B 48 -4.72 18.00 12.60
N GLN B 49 -4.72 17.67 13.88
CA GLN B 49 -3.58 17.03 14.51
C GLN B 49 -3.45 15.59 14.00
N ALA B 50 -4.49 15.13 13.32
CA ALA B 50 -4.49 13.78 12.77
C ALA B 50 -3.82 13.75 11.41
N LEU B 51 -3.54 14.93 10.87
CA LEU B 51 -2.90 15.02 9.56
C LEU B 51 -1.55 14.32 9.58
N ASP B 52 -1.08 13.90 8.41
CA ASP B 52 0.19 13.19 8.32
C ASP B 52 1.35 14.05 7.88
N GLY B 53 2.53 13.75 8.44
CA GLY B 53 3.74 14.47 8.10
C GLY B 53 3.73 15.98 8.23
N GLU B 54 4.28 16.64 7.22
CA GLU B 54 4.39 18.09 7.17
C GLU B 54 3.06 18.84 7.22
N MET B 55 2.00 18.22 6.67
CA MET B 55 0.70 18.86 6.65
C MET B 55 0.21 19.38 7.99
N ARG B 56 0.45 18.62 9.05
CA ARG B 56 0.03 19.03 10.39
C ARG B 56 0.39 20.48 10.69
N ASN B 57 1.68 20.71 10.93
CA ASN B 57 2.15 22.05 11.24
C ASN B 57 1.72 23.06 10.19
N ALA B 58 1.83 22.68 8.93
CA ALA B 58 1.45 23.57 7.83
C ALA B 58 0.01 24.04 7.95
N VAL B 59 -0.91 23.09 8.15
CA VAL B 59 -2.32 23.41 8.28
C VAL B 59 -2.63 24.08 9.62
N CYS B 60 -1.86 23.74 10.65
CA CYS B 60 -2.06 24.31 11.98
C CYS B 60 -1.70 25.80 11.97
N ILE B 61 -0.51 26.10 11.48
CA ILE B 61 -0.02 27.48 11.41
C ILE B 61 -0.91 28.27 10.45
N PHE B 62 -1.33 27.62 9.37
CA PHE B 62 -2.18 28.26 8.37
C PHE B 62 -3.53 28.65 8.98
N TYR B 63 -4.08 27.77 9.81
CA TYR B 63 -5.36 28.04 10.45
C TYR B 63 -5.23 29.16 11.47
N LEU B 64 -4.09 29.24 12.15
CA LEU B 64 -3.86 30.27 13.15
C LEU B 64 -3.67 31.67 12.58
N VAL B 65 -2.92 31.78 11.49
CA VAL B 65 -2.70 33.07 10.87
C VAL B 65 -4.00 33.65 10.32
N LEU B 66 -4.87 32.77 9.83
CA LEU B 66 -6.15 33.21 9.29
C LEU B 66 -7.12 33.54 10.42
N ARG B 67 -6.87 32.96 11.59
CA ARG B 67 -7.74 33.23 12.74
C ARG B 67 -7.39 34.58 13.33
N ALA B 68 -6.10 34.92 13.31
CA ALA B 68 -5.64 36.20 13.83
C ALA B 68 -6.05 37.28 12.83
N LEU B 69 -6.03 36.92 11.55
CA LEU B 69 -6.41 37.84 10.49
C LEU B 69 -7.91 38.07 10.55
N ASP B 70 -8.63 37.07 11.02
CA ASP B 70 -10.08 37.16 11.13
C ASP B 70 -10.44 38.01 12.35
N THR B 71 -9.65 37.87 13.41
CA THR B 71 -9.89 38.61 14.64
C THR B 71 -9.78 40.12 14.42
N LEU B 72 -8.88 40.52 13.54
CA LEU B 72 -8.70 41.94 13.25
C LEU B 72 -9.95 42.48 12.57
N GLU B 73 -10.38 41.80 11.52
CA GLU B 73 -11.56 42.20 10.78
C GLU B 73 -12.79 42.27 11.67
N ASP B 74 -12.97 41.26 12.50
CA ASP B 74 -14.12 41.18 13.40
C ASP B 74 -14.16 42.25 14.49
N ASP B 75 -13.00 42.58 15.05
CA ASP B 75 -12.94 43.58 16.10
C ASP B 75 -13.43 44.94 15.60
N MET B 76 -14.64 45.33 16.02
CA MET B 76 -15.23 46.59 15.60
C MET B 76 -14.74 47.80 16.39
N THR B 77 -13.97 47.56 17.44
CA THR B 77 -13.44 48.65 18.27
C THR B 77 -12.22 49.26 17.59
N ILE B 78 -12.07 48.97 16.30
CA ILE B 78 -10.94 49.48 15.52
C ILE B 78 -11.50 50.24 14.33
N SER B 79 -11.08 51.49 14.20
CA SER B 79 -11.54 52.33 13.09
C SER B 79 -11.20 51.66 11.76
N VAL B 80 -11.92 52.05 10.71
CA VAL B 80 -11.69 51.48 9.39
C VAL B 80 -10.39 51.96 8.75
N GLU B 81 -10.05 53.23 8.94
CA GLU B 81 -8.83 53.81 8.38
C GLU B 81 -7.61 53.18 9.01
N LYS B 82 -7.80 52.53 10.15
CA LYS B 82 -6.70 51.88 10.86
C LYS B 82 -6.65 50.39 10.53
N LYS B 83 -7.82 49.77 10.45
CA LYS B 83 -7.92 48.34 10.17
C LYS B 83 -7.47 47.94 8.77
N VAL B 84 -7.75 48.77 7.78
CA VAL B 84 -7.38 48.45 6.40
C VAL B 84 -5.88 48.23 6.21
N PRO B 85 -5.04 49.17 6.68
CA PRO B 85 -3.58 48.99 6.54
C PRO B 85 -3.07 47.69 7.15
N LEU B 86 -3.74 47.25 8.20
CA LEU B 86 -3.36 46.01 8.88
C LEU B 86 -3.75 44.78 8.05
N LEU B 87 -4.92 44.82 7.43
CA LEU B 87 -5.37 43.70 6.60
C LEU B 87 -4.48 43.56 5.36
N HIS B 88 -4.21 44.68 4.71
CA HIS B 88 -3.39 44.70 3.50
C HIS B 88 -1.95 44.26 3.73
N ASN B 89 -1.42 44.50 4.92
CA ASN B 89 -0.05 44.13 5.22
C ASN B 89 0.07 42.99 6.21
N PHE B 90 -1.06 42.37 6.54
CA PHE B 90 -1.03 41.26 7.51
C PHE B 90 -0.10 40.15 7.04
N HIS B 91 -0.17 39.82 5.74
CA HIS B 91 0.66 38.78 5.18
C HIS B 91 2.13 39.16 5.26
N SER B 92 2.39 40.45 5.43
CA SER B 92 3.76 40.94 5.51
C SER B 92 4.32 40.85 6.93
N PHE B 93 3.43 40.91 7.92
CA PHE B 93 3.84 40.84 9.32
C PHE B 93 4.36 39.44 9.66
N LEU B 94 4.09 38.48 8.78
CA LEU B 94 4.52 37.11 8.98
C LEU B 94 6.04 37.04 9.02
N TYR B 95 6.67 38.06 8.44
CA TYR B 95 8.12 38.14 8.38
C TYR B 95 8.64 39.26 9.27
N GLN B 96 7.80 39.70 10.21
CA GLN B 96 8.15 40.74 11.16
C GLN B 96 8.13 40.06 12.53
N PRO B 97 9.24 39.42 12.91
CA PRO B 97 9.45 38.70 14.16
C PRO B 97 8.88 39.30 15.44
N ASP B 98 8.81 40.63 15.51
CA ASP B 98 8.32 41.27 16.72
C ASP B 98 6.97 41.95 16.59
N TRP B 99 6.26 41.73 15.49
CA TRP B 99 4.96 42.36 15.31
C TRP B 99 3.90 41.74 16.21
N ARG B 100 3.07 42.58 16.81
CA ARG B 100 2.01 42.13 17.69
C ARG B 100 0.82 43.08 17.59
N PHE B 101 -0.19 42.86 18.43
CA PHE B 101 -1.36 43.72 18.46
C PHE B 101 -2.01 43.60 19.84
N MET B 102 -1.88 44.65 20.63
CA MET B 102 -2.42 44.67 21.99
C MET B 102 -3.69 45.51 22.13
N GLU B 103 -4.16 46.06 21.02
CA GLU B 103 -5.36 46.90 21.07
C GLU B 103 -6.64 46.16 20.64
N SER B 104 -6.58 44.83 20.62
CA SER B 104 -7.74 44.03 20.23
C SER B 104 -8.59 43.67 21.44
N LYS B 105 -9.91 43.70 21.27
CA LYS B 105 -10.82 43.37 22.36
C LYS B 105 -11.60 42.08 22.16
N GLU B 106 -11.27 41.35 21.09
CA GLU B 106 -11.93 40.09 20.80
C GLU B 106 -11.43 39.02 21.77
N LYS B 107 -12.10 37.87 21.81
CA LYS B 107 -11.71 36.79 22.71
C LYS B 107 -10.45 36.07 22.24
N ASP B 108 -10.34 35.86 20.93
CA ASP B 108 -9.19 35.19 20.36
C ASP B 108 -8.07 36.19 20.10
N ARG B 109 -7.99 37.20 20.94
CA ARG B 109 -6.97 38.24 20.80
C ARG B 109 -5.59 37.70 21.16
N GLN B 110 -5.58 36.56 21.84
CA GLN B 110 -4.34 35.92 22.26
C GLN B 110 -3.38 35.62 21.10
N VAL B 111 -3.93 35.17 19.98
CA VAL B 111 -3.10 34.84 18.83
C VAL B 111 -2.48 36.10 18.22
N LEU B 112 -3.04 37.26 18.56
CA LEU B 112 -2.54 38.53 18.04
C LEU B 112 -1.50 39.14 18.98
N GLU B 113 -1.70 38.97 20.29
CA GLU B 113 -0.79 39.53 21.27
C GLU B 113 0.48 38.68 21.38
N ASP B 114 0.36 37.40 21.09
CA ASP B 114 1.49 36.49 21.15
C ASP B 114 1.77 35.99 19.74
N PHE B 115 1.40 36.80 18.76
CA PHE B 115 1.61 36.45 17.36
C PHE B 115 3.06 36.12 17.00
N PRO B 116 4.03 36.83 17.60
CA PRO B 116 5.44 36.55 17.30
C PRO B 116 5.78 35.07 17.41
N THR B 117 5.12 34.38 18.33
CA THR B 117 5.34 32.95 18.51
C THR B 117 4.83 32.17 17.31
N ILE B 118 3.66 32.58 16.80
CA ILE B 118 3.04 31.94 15.66
C ILE B 118 3.82 32.18 14.37
N SER B 119 4.24 33.43 14.15
CA SER B 119 4.99 33.78 12.96
C SER B 119 6.36 33.08 12.98
N LEU B 120 6.85 32.80 14.18
CA LEU B 120 8.14 32.14 14.33
C LEU B 120 8.03 30.77 13.67
N GLU B 121 7.00 30.02 14.06
CA GLU B 121 6.78 28.69 13.52
C GLU B 121 6.40 28.73 12.05
N PHE B 122 5.80 29.84 11.63
CA PHE B 122 5.41 30.01 10.23
C PHE B 122 6.68 30.05 9.38
N ARG B 123 7.71 30.71 9.89
CA ARG B 123 8.97 30.81 9.18
C ARG B 123 9.80 29.53 9.31
N ASN B 124 9.32 28.60 10.13
CA ASN B 124 10.03 27.33 10.33
C ASN B 124 9.53 26.27 9.35
N LEU B 125 8.40 26.56 8.70
CA LEU B 125 7.82 25.65 7.72
C LEU B 125 8.65 25.72 6.44
N ALA B 126 8.46 24.74 5.55
CA ALA B 126 9.20 24.74 4.30
C ALA B 126 8.86 26.05 3.62
N GLU B 127 9.82 26.65 2.92
CA GLU B 127 9.57 27.92 2.26
C GLU B 127 8.52 27.78 1.16
N LYS B 128 8.18 26.55 0.81
CA LYS B 128 7.17 26.34 -0.22
C LYS B 128 5.78 26.45 0.39
N TYR B 129 5.65 26.06 1.66
CA TYR B 129 4.37 26.15 2.35
C TYR B 129 4.09 27.60 2.73
N GLN B 130 5.17 28.36 2.92
CA GLN B 130 5.05 29.76 3.27
C GLN B 130 4.46 30.53 2.11
N THR B 131 4.88 30.16 0.90
CA THR B 131 4.40 30.81 -0.30
C THR B 131 2.88 30.72 -0.41
N VAL B 132 2.34 29.52 -0.23
CA VAL B 132 0.90 29.31 -0.30
C VAL B 132 0.16 30.11 0.76
N ILE B 133 0.56 29.92 2.01
CA ILE B 133 -0.07 30.62 3.14
C ILE B 133 0.04 32.14 3.01
N ALA B 134 1.25 32.62 2.75
CA ALA B 134 1.49 34.05 2.60
C ALA B 134 0.60 34.63 1.50
N ASP B 135 0.51 33.92 0.39
CA ASP B 135 -0.31 34.36 -0.73
C ASP B 135 -1.79 34.38 -0.40
N ILE B 136 -2.32 33.26 0.09
CA ILE B 136 -3.72 33.17 0.45
C ILE B 136 -4.06 34.21 1.51
N CYS B 137 -3.06 34.52 2.33
CA CYS B 137 -3.23 35.48 3.40
C CYS B 137 -3.27 36.90 2.84
N ARG B 138 -2.52 37.13 1.77
CA ARG B 138 -2.49 38.46 1.14
C ARG B 138 -3.79 38.78 0.43
N ARG B 139 -4.15 37.96 -0.54
CA ARG B 139 -5.38 38.14 -1.32
C ARG B 139 -6.61 38.19 -0.43
N MET B 140 -6.57 37.44 0.68
CA MET B 140 -7.69 37.39 1.60
C MET B 140 -7.85 38.73 2.33
N GLY B 141 -6.75 39.44 2.51
CA GLY B 141 -6.81 40.73 3.18
C GLY B 141 -7.42 41.79 2.28
N ILE B 142 -7.09 41.72 1.01
CA ILE B 142 -7.60 42.65 0.01
C ILE B 142 -9.13 42.56 0.00
N GLY B 143 -9.62 41.33 -0.04
CA GLY B 143 -11.06 41.10 -0.07
C GLY B 143 -11.74 41.60 1.19
N MET B 144 -11.25 41.17 2.35
CA MET B 144 -11.82 41.59 3.61
C MET B 144 -11.91 43.10 3.71
N ALA B 145 -10.97 43.80 3.09
CA ALA B 145 -10.96 45.26 3.11
C ALA B 145 -12.10 45.80 2.26
N GLU B 146 -12.31 45.20 1.09
CA GLU B 146 -13.37 45.64 0.19
C GLU B 146 -14.73 45.66 0.86
N PHE B 147 -15.00 44.66 1.70
CA PHE B 147 -16.29 44.57 2.37
C PHE B 147 -16.33 45.18 3.78
N LEU B 148 -15.51 46.19 4.00
CA LEU B 148 -15.48 46.87 5.28
C LEU B 148 -16.41 48.07 5.25
N ASP B 149 -16.54 48.65 4.06
CA ASP B 149 -17.40 49.81 3.87
C ASP B 149 -18.62 49.51 3.01
N LYS B 150 -19.03 48.23 2.97
CA LYS B 150 -20.20 47.83 2.19
C LYS B 150 -20.79 46.52 2.69
N HIS B 151 -21.97 46.18 2.18
CA HIS B 151 -22.65 44.94 2.56
C HIS B 151 -22.90 44.06 1.36
N VAL B 152 -23.28 42.81 1.63
CA VAL B 152 -23.56 41.87 0.56
C VAL B 152 -24.93 42.14 -0.02
N THR B 153 -24.96 42.53 -1.28
CA THR B 153 -26.22 42.84 -1.96
C THR B 153 -26.67 41.68 -2.85
N SER B 154 -26.01 41.55 -4.01
CA SER B 154 -26.36 40.50 -4.96
C SER B 154 -25.70 39.18 -4.59
N GLU B 155 -26.20 38.09 -5.17
CA GLU B 155 -25.66 36.77 -4.90
C GLU B 155 -24.23 36.69 -5.41
N GLN B 156 -24.00 37.30 -6.57
CA GLN B 156 -22.67 37.31 -7.16
C GLN B 156 -21.71 37.95 -6.17
N GLU B 157 -22.22 38.93 -5.43
CA GLU B 157 -21.42 39.61 -4.42
C GLU B 157 -21.27 38.70 -3.21
N TRP B 158 -22.31 37.91 -2.96
CA TRP B 158 -22.32 36.97 -1.84
C TRP B 158 -21.29 35.87 -2.03
N ASP B 159 -21.13 35.42 -3.26
CA ASP B 159 -20.17 34.37 -3.58
C ASP B 159 -18.77 34.95 -3.59
N LYS B 160 -18.67 36.25 -3.86
CA LYS B 160 -17.39 36.94 -3.90
C LYS B 160 -16.83 37.09 -2.49
N TYR B 161 -17.69 37.45 -1.56
CA TYR B 161 -17.29 37.62 -0.17
C TYR B 161 -16.85 36.27 0.39
N CYS B 162 -17.75 35.28 0.29
CA CYS B 162 -17.46 33.94 0.78
C CYS B 162 -16.15 33.43 0.19
N HIS B 163 -15.85 33.85 -1.03
CA HIS B 163 -14.61 33.45 -1.71
C HIS B 163 -13.41 33.94 -0.92
N TYR B 164 -13.43 35.22 -0.58
CA TYR B 164 -12.33 35.83 0.17
C TYR B 164 -12.14 35.25 1.57
N VAL B 165 -13.25 34.91 2.23
CA VAL B 165 -13.16 34.38 3.59
C VAL B 165 -13.22 32.87 3.72
N ALA B 166 -13.49 32.17 2.62
CA ALA B 166 -13.57 30.72 2.68
C ALA B 166 -13.08 30.06 1.40
N GLY B 167 -13.59 30.56 0.27
CA GLY B 167 -13.18 30.02 -1.01
C GLY B 167 -11.68 29.93 -1.17
N LEU B 168 -10.98 30.93 -0.63
CA LEU B 168 -9.52 30.95 -0.72
C LEU B 168 -8.88 29.93 0.22
N VAL B 169 -9.48 29.74 1.39
CA VAL B 169 -8.96 28.77 2.35
C VAL B 169 -9.00 27.38 1.73
N GLY B 170 -10.01 27.17 0.89
CA GLY B 170 -10.13 25.88 0.22
C GLY B 170 -9.03 25.74 -0.80
N ILE B 171 -8.74 26.83 -1.49
CA ILE B 171 -7.69 26.85 -2.50
C ILE B 171 -6.34 26.68 -1.84
N GLY B 172 -6.13 27.37 -0.73
CA GLY B 172 -4.86 27.28 -0.02
C GLY B 172 -4.59 25.87 0.46
N LEU B 173 -5.52 25.32 1.24
CA LEU B 173 -5.38 23.97 1.76
C LEU B 173 -5.11 22.98 0.64
N SER B 174 -5.82 23.14 -0.47
CA SER B 174 -5.65 22.25 -1.62
C SER B 174 -4.24 22.38 -2.20
N ARG B 175 -3.79 23.62 -2.37
CA ARG B 175 -2.46 23.88 -2.92
C ARG B 175 -1.40 23.29 -1.99
N LEU B 176 -1.72 23.19 -0.71
CA LEU B 176 -0.80 22.63 0.27
C LEU B 176 -0.72 21.11 0.14
N PHE B 177 -1.87 20.45 0.09
CA PHE B 177 -1.92 19.00 -0.05
C PHE B 177 -1.10 18.54 -1.25
N SER B 178 -1.26 19.24 -2.37
CA SER B 178 -0.53 18.90 -3.59
C SER B 178 0.95 19.18 -3.41
N ALA B 179 1.27 20.23 -2.68
CA ALA B 179 2.65 20.62 -2.43
C ALA B 179 3.37 19.60 -1.55
N SER B 180 2.62 18.96 -0.65
CA SER B 180 3.19 17.96 0.24
C SER B 180 3.26 16.60 -0.44
N GLU B 181 2.83 16.56 -1.71
CA GLU B 181 2.82 15.33 -2.49
C GLU B 181 1.94 14.25 -1.89
N PHE B 182 1.18 14.60 -0.86
CA PHE B 182 0.27 13.63 -0.23
C PHE B 182 -0.94 13.42 -1.13
N GLU B 183 -1.30 14.46 -1.87
CA GLU B 183 -2.43 14.40 -2.78
C GLU B 183 -1.98 14.70 -4.21
N ASP B 184 -2.70 14.16 -5.18
CA ASP B 184 -2.36 14.36 -6.58
C ASP B 184 -2.35 15.84 -6.97
N PRO B 185 -1.38 16.24 -7.80
CA PRO B 185 -1.24 17.62 -8.26
C PRO B 185 -2.54 18.21 -8.81
N LEU B 186 -3.51 17.35 -9.09
CA LEU B 186 -4.78 17.81 -9.62
C LEU B 186 -5.64 18.48 -8.56
N VAL B 187 -5.43 18.09 -7.30
CA VAL B 187 -6.20 18.65 -6.18
C VAL B 187 -6.07 20.17 -6.10
N GLY B 188 -4.82 20.66 -6.10
CA GLY B 188 -4.61 22.09 -6.01
C GLY B 188 -4.81 22.81 -7.33
N GLU B 189 -4.52 22.12 -8.43
CA GLU B 189 -4.66 22.72 -9.75
C GLU B 189 -6.09 23.20 -10.01
N ASP B 190 -7.06 22.39 -9.59
CA ASP B 190 -8.46 22.75 -9.78
C ASP B 190 -8.87 23.68 -8.65
N THR B 191 -8.75 24.99 -8.90
CA THR B 191 -9.09 25.98 -7.89
C THR B 191 -10.59 26.24 -7.75
N GLU B 192 -11.37 25.91 -8.77
CA GLU B 192 -12.80 26.14 -8.71
C GLU B 192 -13.51 25.14 -7.79
N ARG B 193 -13.09 23.89 -7.84
CA ARG B 193 -13.70 22.87 -6.99
C ARG B 193 -13.32 23.12 -5.54
N ALA B 194 -12.11 23.59 -5.32
CA ALA B 194 -11.65 23.90 -3.97
C ALA B 194 -12.44 25.09 -3.44
N ASN B 195 -12.75 26.03 -4.34
CA ASN B 195 -13.51 27.21 -3.97
C ASN B 195 -14.90 26.77 -3.51
N SER B 196 -15.47 25.80 -4.21
CA SER B 196 -16.79 25.28 -3.87
C SER B 196 -16.78 24.72 -2.46
N MET B 197 -15.73 23.98 -2.13
CA MET B 197 -15.60 23.39 -0.80
C MET B 197 -15.67 24.48 0.26
N GLY B 198 -15.04 25.61 -0.02
CA GLY B 198 -15.04 26.72 0.93
C GLY B 198 -16.35 27.46 1.01
N LEU B 199 -16.96 27.70 -0.14
CA LEU B 199 -18.23 28.42 -0.21
C LEU B 199 -19.36 27.66 0.49
N PHE B 200 -19.44 26.36 0.23
CA PHE B 200 -20.49 25.54 0.82
C PHE B 200 -20.52 25.65 2.34
N LEU B 201 -19.36 25.54 2.97
CA LEU B 201 -19.26 25.63 4.42
C LEU B 201 -19.59 27.03 4.92
N GLN B 202 -19.00 28.04 4.29
CA GLN B 202 -19.23 29.42 4.70
C GLN B 202 -20.71 29.79 4.64
N LYS B 203 -21.37 29.45 3.54
CA LYS B 203 -22.79 29.76 3.39
C LYS B 203 -23.60 29.03 4.46
N THR B 204 -23.39 27.72 4.56
CA THR B 204 -24.09 26.92 5.55
C THR B 204 -23.91 27.53 6.93
N ASN B 205 -22.73 28.09 7.17
CA ASN B 205 -22.41 28.70 8.45
C ASN B 205 -23.21 29.98 8.66
N ILE B 206 -23.21 30.84 7.64
CA ILE B 206 -23.95 32.10 7.71
C ILE B 206 -25.44 31.87 7.92
N ILE B 207 -26.02 30.99 7.11
CA ILE B 207 -27.43 30.67 7.19
C ILE B 207 -27.87 30.25 8.59
N ARG B 208 -26.97 29.60 9.32
CA ARG B 208 -27.27 29.13 10.67
C ARG B 208 -26.88 30.17 11.72
N ASP B 209 -25.99 31.09 11.35
CA ASP B 209 -25.50 32.12 12.24
C ASP B 209 -26.30 33.43 12.16
N TYR B 210 -27.45 33.39 11.49
CA TYR B 210 -28.28 34.59 11.35
C TYR B 210 -28.54 35.30 12.67
N LEU B 211 -29.34 34.67 13.52
CA LEU B 211 -29.70 35.27 14.81
C LEU B 211 -28.49 35.76 15.60
N GLU B 212 -27.37 35.05 15.50
CA GLU B 212 -26.16 35.43 16.22
C GLU B 212 -25.48 36.68 15.65
N ASP B 213 -25.52 36.83 14.33
CA ASP B 213 -24.90 37.99 13.69
C ASP B 213 -25.83 39.19 13.73
N GLN B 214 -27.08 38.94 14.07
CA GLN B 214 -28.08 40.00 14.15
C GLN B 214 -27.87 40.81 15.43
N GLN B 215 -27.57 40.11 16.51
CA GLN B 215 -27.32 40.74 17.80
C GLN B 215 -25.90 41.25 17.84
N GLY B 216 -25.13 40.91 16.82
CA GLY B 216 -23.74 41.34 16.74
C GLY B 216 -23.59 42.62 15.95
N GLY B 217 -24.63 42.97 15.19
CA GLY B 217 -24.59 44.19 14.40
C GLY B 217 -23.94 44.01 13.03
N ARG B 218 -23.86 42.77 12.57
CA ARG B 218 -23.26 42.48 11.27
C ARG B 218 -24.18 41.64 10.41
N GLU B 219 -24.54 42.16 9.24
CA GLU B 219 -25.42 41.46 8.32
C GLU B 219 -24.62 40.75 7.22
N PHE B 220 -24.95 39.49 6.97
CA PHE B 220 -24.25 38.71 5.96
C PHE B 220 -25.16 38.22 4.83
N TRP B 221 -26.46 38.19 5.09
CA TRP B 221 -27.43 37.75 4.09
C TRP B 221 -27.50 38.72 2.92
N PRO B 222 -27.51 38.19 1.68
CA PRO B 222 -27.57 39.02 0.47
C PRO B 222 -28.86 39.85 0.40
N GLN B 223 -28.70 41.16 0.37
CA GLN B 223 -29.83 42.08 0.33
C GLN B 223 -30.84 41.73 -0.76
N GLU B 224 -30.36 41.56 -1.99
CA GLU B 224 -31.23 41.24 -3.11
C GLU B 224 -32.05 39.96 -2.90
N VAL B 225 -31.97 39.40 -1.69
CA VAL B 225 -32.71 38.19 -1.37
C VAL B 225 -33.69 38.43 -0.23
N TRP B 226 -33.19 38.94 0.90
CA TRP B 226 -34.07 39.19 2.04
C TRP B 226 -34.90 40.46 1.83
N SER B 227 -34.46 41.32 0.92
CA SER B 227 -35.17 42.57 0.64
C SER B 227 -36.54 42.27 0.03
N ARG B 228 -36.60 41.25 -0.82
CA ARG B 228 -37.84 40.87 -1.45
C ARG B 228 -38.77 40.20 -0.44
N TYR B 229 -38.41 40.29 0.83
CA TYR B 229 -39.20 39.68 1.90
C TYR B 229 -39.52 40.71 2.99
N VAL B 230 -38.55 41.57 3.29
CA VAL B 230 -38.71 42.61 4.30
C VAL B 230 -37.90 43.84 3.89
N LYS B 231 -37.84 44.82 4.79
CA LYS B 231 -37.10 46.04 4.50
C LYS B 231 -35.78 46.06 5.27
N LYS B 232 -35.76 45.35 6.39
CA LYS B 232 -34.58 45.27 7.25
C LYS B 232 -34.27 43.82 7.57
N LEU B 233 -33.03 43.41 7.36
CA LEU B 233 -32.62 42.04 7.62
C LEU B 233 -32.92 41.63 9.06
N GLY B 234 -33.15 42.61 9.92
CA GLY B 234 -33.45 42.33 11.30
C GLY B 234 -34.93 42.09 11.57
N ASP B 235 -35.74 42.21 10.53
CA ASP B 235 -37.18 42.01 10.66
C ASP B 235 -37.51 40.55 10.93
N PHE B 236 -36.77 39.65 10.29
CA PHE B 236 -37.00 38.22 10.49
C PHE B 236 -36.91 37.85 11.96
N ALA B 237 -36.26 38.71 12.74
CA ALA B 237 -36.12 38.46 14.17
C ALA B 237 -37.49 38.62 14.82
N LEU B 238 -38.24 39.63 14.34
CA LEU B 238 -39.58 39.90 14.86
C LEU B 238 -40.51 38.74 14.48
N PRO B 239 -40.95 37.97 15.47
CA PRO B 239 -41.84 36.81 15.33
C PRO B 239 -42.94 36.87 14.27
N GLU B 240 -43.61 38.01 14.14
CA GLU B 240 -44.69 38.12 13.16
C GLU B 240 -44.28 37.84 11.71
N ASN B 241 -42.99 37.90 11.43
CA ASN B 241 -42.50 37.66 10.07
C ASN B 241 -41.78 36.32 9.95
N ILE B 242 -42.07 35.40 10.87
CA ILE B 242 -41.45 34.09 10.86
C ILE B 242 -41.76 33.34 9.58
N ASP B 243 -42.93 33.60 8.99
CA ASP B 243 -43.32 32.93 7.76
C ASP B 243 -42.46 33.37 6.59
N LEU B 244 -42.26 34.69 6.47
CA LEU B 244 -41.45 35.23 5.38
C LEU B 244 -39.99 34.84 5.61
N ALA B 245 -39.62 34.72 6.88
CA ALA B 245 -38.26 34.36 7.26
C ALA B 245 -37.90 32.98 6.72
N VAL B 246 -38.74 31.99 7.00
CA VAL B 246 -38.51 30.63 6.54
C VAL B 246 -38.49 30.56 5.01
N GLN B 247 -39.06 31.56 4.35
CA GLN B 247 -39.08 31.60 2.90
C GLN B 247 -37.72 32.00 2.38
N CYS B 248 -37.11 32.98 3.04
CA CYS B 248 -35.80 33.46 2.65
C CYS B 248 -34.78 32.39 3.05
N LEU B 249 -34.97 31.84 4.25
CA LEU B 249 -34.09 30.79 4.77
C LEU B 249 -33.99 29.63 3.79
N ASN B 250 -35.11 29.30 3.15
CA ASN B 250 -35.17 28.20 2.20
C ASN B 250 -34.55 28.52 0.84
N GLU B 251 -34.62 29.78 0.44
CA GLU B 251 -34.05 30.19 -0.85
C GLU B 251 -32.53 30.15 -0.78
N LEU B 252 -31.99 30.55 0.38
CA LEU B 252 -30.55 30.57 0.59
C LEU B 252 -29.99 29.15 0.67
N ILE B 253 -30.69 28.27 1.39
CA ILE B 253 -30.25 26.88 1.52
C ILE B 253 -30.24 26.26 0.13
N THR B 254 -31.24 26.60 -0.67
CA THR B 254 -31.34 26.10 -2.04
C THR B 254 -30.14 26.60 -2.82
N ASN B 255 -29.69 27.80 -2.48
CA ASN B 255 -28.55 28.42 -3.13
C ASN B 255 -27.27 27.64 -2.82
N ALA B 256 -27.13 27.25 -1.55
CA ALA B 256 -25.97 26.51 -1.10
C ALA B 256 -25.89 25.11 -1.70
N LEU B 257 -27.00 24.38 -1.66
CA LEU B 257 -27.06 23.03 -2.19
C LEU B 257 -26.41 22.88 -3.57
N HIS B 258 -26.30 23.97 -4.31
CA HIS B 258 -25.69 23.92 -5.63
C HIS B 258 -24.18 23.69 -5.60
N HIS B 259 -23.61 23.69 -4.40
CA HIS B 259 -22.17 23.49 -4.24
C HIS B 259 -21.84 22.03 -3.97
N ILE B 260 -22.87 21.25 -3.66
CA ILE B 260 -22.70 19.84 -3.36
C ILE B 260 -22.05 19.04 -4.50
N PRO B 261 -22.54 19.21 -5.74
CA PRO B 261 -21.96 18.47 -6.86
C PRO B 261 -20.44 18.55 -6.89
N ASP B 262 -19.89 19.72 -6.57
CA ASP B 262 -18.45 19.90 -6.57
C ASP B 262 -17.80 19.32 -5.32
N VAL B 263 -18.47 19.44 -4.19
CA VAL B 263 -17.95 18.91 -2.94
C VAL B 263 -17.64 17.43 -3.14
N ILE B 264 -18.55 16.72 -3.81
CA ILE B 264 -18.38 15.30 -4.08
C ILE B 264 -17.23 15.07 -5.06
N THR B 265 -17.21 15.83 -6.14
CA THR B 265 -16.17 15.70 -7.14
C THR B 265 -14.79 15.91 -6.51
N TYR B 266 -14.71 16.86 -5.59
CA TYR B 266 -13.45 17.17 -4.91
C TYR B 266 -13.00 16.02 -4.00
N LEU B 267 -13.91 15.53 -3.16
CA LEU B 267 -13.60 14.44 -2.24
C LEU B 267 -13.17 13.16 -2.96
N SER B 268 -13.90 12.82 -4.01
CA SER B 268 -13.62 11.61 -4.77
C SER B 268 -12.21 11.57 -5.38
N ARG B 269 -11.48 12.68 -5.28
CA ARG B 269 -10.13 12.74 -5.82
C ARG B 269 -9.07 12.50 -4.76
N LEU B 270 -9.47 12.62 -3.49
CA LEU B 270 -8.55 12.42 -2.39
C LEU B 270 -8.12 10.96 -2.29
N ARG B 271 -6.88 10.75 -1.88
CA ARG B 271 -6.32 9.40 -1.74
C ARG B 271 -5.75 9.14 -0.36
N ASN B 272 -5.37 10.20 0.35
CA ASN B 272 -4.82 10.08 1.69
C ASN B 272 -5.96 10.04 2.71
N GLN B 273 -5.91 9.06 3.61
CA GLN B 273 -6.96 8.91 4.61
C GLN B 273 -7.10 10.10 5.56
N SER B 274 -5.98 10.54 6.15
CA SER B 274 -6.03 11.66 7.08
C SER B 274 -6.61 12.91 6.42
N VAL B 275 -6.26 13.13 5.15
CA VAL B 275 -6.76 14.29 4.42
C VAL B 275 -8.27 14.16 4.19
N PHE B 276 -8.69 12.98 3.75
CA PHE B 276 -10.09 12.71 3.49
C PHE B 276 -10.94 13.03 4.71
N ASN B 277 -10.49 12.59 5.87
CA ASN B 277 -11.19 12.82 7.13
C ASN B 277 -11.29 14.31 7.37
N PHE B 278 -10.19 15.02 7.08
CA PHE B 278 -10.11 16.46 7.27
C PHE B 278 -11.07 17.25 6.37
N CYS B 279 -11.34 16.71 5.19
CA CYS B 279 -12.23 17.38 4.25
C CYS B 279 -13.66 16.89 4.29
N ALA B 280 -13.84 15.59 4.54
CA ALA B 280 -15.17 14.98 4.60
C ALA B 280 -15.99 15.43 5.80
N ILE B 281 -15.51 15.11 7.00
CA ILE B 281 -16.20 15.47 8.23
C ILE B 281 -16.89 16.84 8.20
N PRO B 282 -16.15 17.90 7.84
CA PRO B 282 -16.77 19.23 7.79
C PRO B 282 -17.95 19.30 6.83
N GLN B 283 -17.70 18.99 5.56
CA GLN B 283 -18.73 19.02 4.54
C GLN B 283 -19.97 18.24 4.97
N VAL B 284 -19.74 17.06 5.55
CA VAL B 284 -20.84 16.20 6.00
C VAL B 284 -21.70 16.89 7.05
N MET B 285 -21.07 17.56 8.00
CA MET B 285 -21.82 18.25 9.04
C MET B 285 -22.52 19.47 8.44
N ALA B 286 -21.93 20.02 7.39
CA ALA B 286 -22.53 21.18 6.74
C ALA B 286 -23.91 20.79 6.22
N ILE B 287 -23.97 19.72 5.44
CA ILE B 287 -25.23 19.24 4.88
C ILE B 287 -26.16 18.82 6.01
N ALA B 288 -25.60 18.24 7.05
CA ALA B 288 -26.39 17.81 8.19
C ALA B 288 -27.07 19.02 8.81
N THR B 289 -26.38 20.16 8.79
CA THR B 289 -26.92 21.39 9.35
C THR B 289 -28.04 21.98 8.48
N LEU B 290 -27.75 22.16 7.20
CA LEU B 290 -28.75 22.70 6.27
C LEU B 290 -30.02 21.86 6.32
N ALA B 291 -29.86 20.56 6.48
CA ALA B 291 -30.99 19.64 6.54
C ALA B 291 -31.89 19.98 7.72
N ALA B 292 -31.29 20.27 8.86
CA ALA B 292 -32.05 20.60 10.06
C ALA B 292 -32.63 22.01 9.98
N CYS B 293 -31.86 22.93 9.43
CA CYS B 293 -32.30 24.32 9.30
C CYS B 293 -33.37 24.56 8.25
N TYR B 294 -33.42 23.70 7.24
CA TYR B 294 -34.39 23.84 6.17
C TYR B 294 -35.83 23.87 6.66
N ASN B 295 -36.57 24.89 6.26
CA ASN B 295 -37.96 25.05 6.63
C ASN B 295 -38.15 25.08 8.14
N ASN B 296 -37.04 25.20 8.86
CA ASN B 296 -37.07 25.25 10.32
C ASN B 296 -37.12 26.70 10.80
N GLN B 297 -38.07 27.00 11.69
CA GLN B 297 -38.24 28.35 12.21
C GLN B 297 -37.26 28.72 13.32
N GLN B 298 -36.83 27.72 14.08
CA GLN B 298 -35.89 27.96 15.18
C GLN B 298 -34.60 28.65 14.73
N VAL B 299 -34.35 28.64 13.42
CA VAL B 299 -33.16 29.27 12.87
C VAL B 299 -33.18 30.76 13.21
N PHE B 300 -34.39 31.27 13.49
CA PHE B 300 -34.59 32.66 13.82
C PHE B 300 -34.89 32.89 15.30
N LYS B 301 -35.13 31.80 16.02
CA LYS B 301 -35.43 31.88 17.45
C LYS B 301 -34.23 31.48 18.31
N GLY B 302 -33.60 30.37 17.95
CA GLY B 302 -32.45 29.91 18.71
C GLY B 302 -31.52 29.02 17.90
N ALA B 303 -30.57 28.39 18.58
CA ALA B 303 -29.62 27.51 17.91
C ALA B 303 -30.28 26.20 17.54
N VAL B 304 -30.00 25.70 16.34
CA VAL B 304 -30.57 24.45 15.87
C VAL B 304 -29.64 23.30 16.29
N LEU B 305 -30.07 22.07 16.06
CA LEU B 305 -29.27 20.91 16.42
C LEU B 305 -29.57 19.67 15.58
N ILE B 306 -28.69 18.66 15.70
CA ILE B 306 -28.82 17.41 14.97
C ILE B 306 -30.28 17.04 14.69
N ALA B 311 -31.75 6.84 8.98
CA ALA B 311 -30.88 6.65 10.13
C ALA B 311 -29.79 5.64 9.83
N VAL B 312 -29.68 5.24 8.56
CA VAL B 312 -28.67 4.28 8.14
C VAL B 312 -27.28 4.87 8.31
N THR B 313 -27.22 6.20 8.41
CA THR B 313 -25.94 6.89 8.59
C THR B 313 -25.34 6.48 9.92
N LEU B 314 -26.20 6.12 10.87
CA LEU B 314 -25.77 5.70 12.20
C LEU B 314 -24.98 4.41 12.09
N MET B 315 -25.06 3.78 10.92
CA MET B 315 -24.37 2.52 10.65
C MET B 315 -23.00 2.75 10.02
N MET B 316 -22.82 3.91 9.37
CA MET B 316 -21.57 4.23 8.70
C MET B 316 -20.85 5.42 9.33
N ASP B 317 -19.67 5.72 8.79
CA ASP B 317 -18.86 6.82 9.27
C ASP B 317 -18.16 7.43 8.06
N ALA B 318 -18.04 8.75 8.05
CA ALA B 318 -17.40 9.45 6.93
C ALA B 318 -15.91 9.18 6.81
N THR B 319 -15.54 7.97 6.41
CA THR B 319 -14.13 7.61 6.24
C THR B 319 -13.82 7.15 4.83
N ASN B 320 -14.84 6.76 4.08
CA ASN B 320 -14.65 6.33 2.70
C ASN B 320 -15.63 7.08 1.80
N MET B 321 -15.23 7.30 0.56
CA MET B 321 -16.05 8.04 -0.40
C MET B 321 -17.50 7.59 -0.54
N PRO B 322 -17.73 6.30 -0.86
CA PRO B 322 -19.10 5.80 -1.00
C PRO B 322 -19.97 6.00 0.23
N ALA B 323 -19.36 5.94 1.41
CA ALA B 323 -20.11 6.13 2.65
C ALA B 323 -20.55 7.59 2.75
N VAL B 324 -19.63 8.48 2.38
CA VAL B 324 -19.92 9.91 2.43
C VAL B 324 -21.11 10.23 1.52
N LYS B 325 -21.09 9.69 0.31
CA LYS B 325 -22.19 9.90 -0.63
C LYS B 325 -23.50 9.48 0.02
N ALA B 326 -23.55 8.23 0.50
CA ALA B 326 -24.73 7.71 1.15
C ALA B 326 -25.25 8.71 2.18
N ILE B 327 -24.37 9.14 3.07
CA ILE B 327 -24.73 10.10 4.10
C ILE B 327 -25.31 11.36 3.47
N ILE B 328 -24.62 11.86 2.45
CA ILE B 328 -25.06 13.07 1.76
C ILE B 328 -26.42 12.85 1.10
N TYR B 329 -26.53 11.80 0.30
CA TYR B 329 -27.77 11.50 -0.38
C TYR B 329 -28.93 11.34 0.60
N GLN B 330 -28.66 10.73 1.75
CA GLN B 330 -29.69 10.52 2.75
C GLN B 330 -30.12 11.84 3.38
N TYR B 331 -29.18 12.75 3.54
CA TYR B 331 -29.48 14.06 4.11
C TYR B 331 -30.22 14.90 3.08
N MET B 332 -30.05 14.53 1.81
CA MET B 332 -30.69 15.23 0.72
C MET B 332 -32.18 14.90 0.72
N GLU B 333 -32.48 13.61 0.82
CA GLU B 333 -33.85 13.13 0.83
C GLU B 333 -34.63 13.57 2.06
N GLU B 334 -33.91 13.95 3.12
CA GLU B 334 -34.56 14.39 4.34
C GLU B 334 -34.99 15.84 4.20
N ILE B 335 -34.65 16.43 3.06
CA ILE B 335 -35.00 17.82 2.78
C ILE B 335 -36.04 17.84 1.68
N TYR B 336 -35.98 16.83 0.81
CA TYR B 336 -36.90 16.73 -0.32
C TYR B 336 -38.34 16.46 0.10
N HIS B 337 -38.54 15.49 0.97
CA HIS B 337 -39.89 15.16 1.43
C HIS B 337 -40.34 16.17 2.48
N ARG B 338 -39.55 17.22 2.63
CA ARG B 338 -39.83 18.28 3.60
C ARG B 338 -40.22 19.57 2.87
N ILE B 339 -39.88 19.64 1.60
CA ILE B 339 -40.17 20.81 0.78
C ILE B 339 -41.66 21.12 0.67
N PRO B 340 -42.11 22.21 1.29
CA PRO B 340 -43.53 22.59 1.24
C PRO B 340 -43.90 22.93 -0.20
N ASP B 341 -45.00 22.35 -0.70
CA ASP B 341 -45.42 22.60 -2.07
C ASP B 341 -45.70 24.08 -2.28
N SER B 342 -46.00 24.77 -1.19
CA SER B 342 -46.28 26.20 -1.21
C SER B 342 -45.04 27.00 -1.56
N ASN B 343 -44.09 27.05 -0.62
CA ASN B 343 -42.83 27.79 -0.76
C ASN B 343 -42.42 28.06 -2.21
N PRO B 344 -42.10 29.32 -2.53
CA PRO B 344 -41.69 29.74 -3.88
C PRO B 344 -40.38 29.15 -4.39
N SER B 345 -39.74 28.33 -3.56
CA SER B 345 -38.47 27.71 -3.95
C SER B 345 -38.67 26.27 -4.40
N SER B 346 -39.86 25.73 -4.13
CA SER B 346 -40.21 24.35 -4.49
C SER B 346 -39.46 23.85 -5.72
N SER B 347 -39.88 24.33 -6.89
CA SER B 347 -39.27 23.93 -8.14
C SER B 347 -37.74 23.90 -8.12
N LYS B 348 -37.12 24.99 -7.68
CA LYS B 348 -35.66 25.08 -7.63
C LYS B 348 -35.05 24.14 -6.60
N THR B 349 -35.60 24.11 -5.40
CA THR B 349 -35.10 23.23 -4.35
C THR B 349 -35.08 21.78 -4.83
N ARG B 350 -36.22 21.34 -5.37
CA ARG B 350 -36.36 19.98 -5.87
C ARG B 350 -35.48 19.73 -7.09
N GLN B 351 -35.32 20.77 -7.91
CA GLN B 351 -34.53 20.69 -9.14
C GLN B 351 -33.06 20.35 -8.90
N ILE B 352 -32.43 21.06 -7.97
CA ILE B 352 -31.02 20.82 -7.66
C ILE B 352 -30.83 19.49 -6.94
N ILE B 353 -31.76 19.16 -6.05
CA ILE B 353 -31.69 17.90 -5.31
C ILE B 353 -31.94 16.73 -6.26
N SER B 354 -32.47 17.04 -7.44
CA SER B 354 -32.73 16.02 -8.44
C SER B 354 -31.52 15.84 -9.34
N THR B 355 -30.63 16.84 -9.33
CA THR B 355 -29.42 16.79 -10.14
C THR B 355 -28.32 16.06 -9.37
N ILE B 356 -28.26 16.31 -8.06
CA ILE B 356 -27.27 15.68 -7.20
C ILE B 356 -27.62 14.20 -7.05
N ARG B 357 -28.93 13.94 -7.06
CA ARG B 357 -29.48 12.61 -6.92
C ARG B 357 -29.31 11.74 -8.17
N THR B 358 -28.99 12.37 -9.30
CA THR B 358 -28.83 11.63 -10.54
C THR B 358 -27.40 11.71 -11.11
N GLN B 359 -26.42 11.89 -10.24
CA GLN B 359 -25.03 11.98 -10.67
C GLN B 359 -24.87 13.14 -11.66
N LEU C 26 -29.12 13.40 -15.86
CA LEU C 26 -29.14 14.08 -17.14
C LEU C 26 -30.50 13.90 -17.83
N SER C 27 -30.83 12.65 -18.15
CA SER C 27 -32.09 12.33 -18.81
C SER C 27 -33.29 12.61 -17.90
N SER C 28 -34.33 13.22 -18.46
CA SER C 28 -35.53 13.55 -17.70
C SER C 28 -36.20 12.29 -17.15
N SER C 29 -36.13 11.21 -17.91
CA SER C 29 -36.72 9.94 -17.49
C SER C 29 -35.87 9.28 -16.41
N LEU C 30 -34.56 9.35 -16.56
CA LEU C 30 -33.66 8.75 -15.59
C LEU C 30 -33.83 9.40 -14.21
N LYS C 31 -33.89 10.73 -14.19
CA LYS C 31 -34.04 11.45 -12.93
C LYS C 31 -35.37 11.10 -12.28
N THR C 32 -36.34 10.71 -13.09
CA THR C 32 -37.66 10.34 -12.57
C THR C 32 -37.56 9.02 -11.82
N CYS C 33 -36.68 8.14 -12.30
CA CYS C 33 -36.49 6.84 -11.66
C CYS C 33 -35.95 7.03 -10.25
N TYR C 34 -34.88 7.78 -10.12
CA TYR C 34 -34.28 8.04 -8.81
C TYR C 34 -35.27 8.85 -7.98
N LYS C 35 -36.17 9.53 -8.68
CA LYS C 35 -37.21 10.32 -8.04
C LYS C 35 -38.14 9.35 -7.31
N TYR C 36 -38.50 8.25 -8.00
CA TYR C 36 -39.38 7.25 -7.41
C TYR C 36 -38.62 6.36 -6.43
N LEU C 37 -37.35 6.13 -6.73
CA LEU C 37 -36.50 5.29 -5.89
C LEU C 37 -36.45 5.79 -4.45
N ASN C 38 -36.38 7.11 -4.29
CA ASN C 38 -36.32 7.71 -2.96
C ASN C 38 -37.67 7.78 -2.26
N GLN C 39 -38.75 7.66 -3.01
CA GLN C 39 -40.07 7.72 -2.39
C GLN C 39 -40.67 6.34 -2.21
N THR C 40 -39.95 5.32 -2.69
CA THR C 40 -40.41 3.94 -2.57
C THR C 40 -39.38 3.15 -1.77
N SER C 41 -38.26 3.81 -1.45
CA SER C 41 -37.21 3.18 -0.69
C SER C 41 -36.85 4.02 0.53
N ARG C 42 -37.27 3.57 1.70
CA ARG C 42 -37.00 4.25 2.96
C ARG C 42 -35.55 4.70 3.02
N SER C 43 -34.67 3.77 3.34
CA SER C 43 -33.25 4.04 3.43
C SER C 43 -32.50 2.92 2.75
N PHE C 44 -32.41 3.01 1.42
CA PHE C 44 -31.74 1.99 0.63
C PHE C 44 -31.32 2.66 -0.67
N ALA C 45 -31.99 3.75 -1.01
CA ALA C 45 -31.69 4.48 -2.22
C ALA C 45 -30.35 5.21 -2.09
N ALA C 46 -30.02 5.62 -0.88
CA ALA C 46 -28.76 6.32 -0.63
C ALA C 46 -27.59 5.39 -0.87
N VAL C 47 -27.68 4.18 -0.32
CA VAL C 47 -26.63 3.19 -0.47
C VAL C 47 -26.50 2.77 -1.93
N ILE C 48 -27.62 2.71 -2.62
CA ILE C 48 -27.65 2.34 -4.04
C ILE C 48 -27.04 3.46 -4.87
N GLN C 49 -27.48 4.69 -4.63
CA GLN C 49 -26.99 5.84 -5.36
C GLN C 49 -25.49 6.03 -5.17
N ALA C 50 -24.96 5.41 -4.11
CA ALA C 50 -23.54 5.51 -3.81
C ALA C 50 -22.72 4.46 -4.57
N LEU C 51 -23.40 3.52 -5.20
CA LEU C 51 -22.70 2.48 -5.95
C LEU C 51 -21.82 3.10 -7.03
N ASP C 52 -20.83 2.33 -7.49
CA ASP C 52 -19.89 2.81 -8.51
C ASP C 52 -20.32 2.50 -9.94
N GLY C 53 -19.80 3.28 -10.87
CA GLY C 53 -20.08 3.10 -12.28
C GLY C 53 -21.49 2.71 -12.72
N GLU C 54 -21.55 1.68 -13.55
CA GLU C 54 -22.81 1.19 -14.10
C GLU C 54 -23.75 0.55 -13.07
N MET C 55 -23.19 0.02 -11.98
CA MET C 55 -24.01 -0.62 -10.96
C MET C 55 -25.08 0.35 -10.44
N ARG C 56 -24.71 1.62 -10.32
CA ARG C 56 -25.61 2.64 -9.81
C ARG C 56 -26.99 2.59 -10.47
N ASN C 57 -27.01 2.76 -11.79
CA ASN C 57 -28.26 2.75 -12.55
C ASN C 57 -28.91 1.37 -12.66
N ALA C 58 -28.10 0.33 -12.84
CA ALA C 58 -28.60 -1.03 -12.97
C ALA C 58 -29.43 -1.43 -11.74
N VAL C 59 -28.90 -1.16 -10.55
CA VAL C 59 -29.58 -1.49 -9.31
C VAL C 59 -30.82 -0.63 -9.08
N CYS C 60 -30.72 0.64 -9.45
CA CYS C 60 -31.85 1.55 -9.28
C CYS C 60 -33.07 1.05 -10.04
N ILE C 61 -32.84 0.58 -11.27
CA ILE C 61 -33.91 0.08 -12.11
C ILE C 61 -34.39 -1.27 -11.59
N PHE C 62 -33.43 -2.15 -11.29
CA PHE C 62 -33.75 -3.48 -10.76
C PHE C 62 -34.61 -3.38 -9.51
N TYR C 63 -34.38 -2.34 -8.72
CA TYR C 63 -35.14 -2.15 -7.50
C TYR C 63 -36.57 -1.69 -7.78
N LEU C 64 -36.73 -0.85 -8.80
CA LEU C 64 -38.05 -0.34 -9.17
C LEU C 64 -38.93 -1.41 -9.82
N VAL C 65 -38.34 -2.21 -10.70
CA VAL C 65 -39.08 -3.27 -11.37
C VAL C 65 -39.58 -4.28 -10.34
N LEU C 66 -38.80 -4.50 -9.29
CA LEU C 66 -39.20 -5.44 -8.25
C LEU C 66 -40.21 -4.75 -7.34
N ARG C 67 -40.21 -3.43 -7.36
CA ARG C 67 -41.14 -2.65 -6.55
C ARG C 67 -42.55 -2.83 -7.08
N ALA C 68 -42.73 -2.54 -8.37
CA ALA C 68 -44.03 -2.67 -9.02
C ALA C 68 -44.53 -4.09 -8.87
N LEU C 69 -43.69 -5.05 -9.22
CA LEU C 69 -44.05 -6.45 -9.12
C LEU C 69 -44.58 -6.75 -7.72
N ASP C 70 -43.92 -6.20 -6.72
CA ASP C 70 -44.33 -6.41 -5.34
C ASP C 70 -45.61 -5.66 -5.04
N THR C 71 -45.77 -4.48 -5.66
CA THR C 71 -46.94 -3.66 -5.45
C THR C 71 -48.21 -4.37 -5.95
N LEU C 72 -48.06 -5.16 -7.01
CA LEU C 72 -49.17 -5.90 -7.58
C LEU C 72 -49.55 -7.07 -6.69
N GLU C 73 -48.54 -7.74 -6.16
CA GLU C 73 -48.74 -8.89 -5.29
C GLU C 73 -49.51 -8.49 -4.03
N ASP C 74 -49.15 -7.35 -3.46
CA ASP C 74 -49.80 -6.86 -2.25
C ASP C 74 -51.18 -6.27 -2.49
N ASP C 75 -51.37 -5.64 -3.63
CA ASP C 75 -52.67 -5.02 -3.94
C ASP C 75 -53.78 -6.06 -3.92
N MET C 76 -54.59 -6.04 -2.87
CA MET C 76 -55.69 -6.98 -2.71
C MET C 76 -56.92 -6.64 -3.53
N THR C 77 -57.01 -5.39 -4.00
CA THR C 77 -58.15 -4.97 -4.79
C THR C 77 -58.14 -5.63 -6.16
N ILE C 78 -57.04 -6.31 -6.48
CA ILE C 78 -56.91 -7.00 -7.76
C ILE C 78 -57.31 -8.46 -7.57
N SER C 79 -58.28 -8.91 -8.36
CA SER C 79 -58.76 -10.28 -8.28
C SER C 79 -57.66 -11.26 -8.66
N VAL C 80 -57.64 -12.42 -8.00
CA VAL C 80 -56.64 -13.44 -8.28
C VAL C 80 -56.59 -13.74 -9.77
N GLU C 81 -57.74 -13.61 -10.43
CA GLU C 81 -57.84 -13.88 -11.85
C GLU C 81 -57.02 -12.90 -12.70
N LYS C 82 -56.89 -11.67 -12.23
CA LYS C 82 -56.12 -10.66 -12.95
C LYS C 82 -54.68 -10.62 -12.51
N LYS C 83 -54.44 -10.89 -11.22
CA LYS C 83 -53.10 -10.87 -10.67
C LYS C 83 -52.18 -11.96 -11.20
N VAL C 84 -52.69 -13.18 -11.31
CA VAL C 84 -51.88 -14.30 -11.81
C VAL C 84 -51.22 -13.98 -13.15
N PRO C 85 -52.01 -13.52 -14.13
CA PRO C 85 -51.42 -13.20 -15.44
C PRO C 85 -50.36 -12.11 -15.34
N LEU C 86 -50.60 -11.11 -14.51
CA LEU C 86 -49.66 -10.01 -14.35
C LEU C 86 -48.30 -10.46 -13.85
N LEU C 87 -48.30 -11.35 -12.85
CA LEU C 87 -47.06 -11.85 -12.28
C LEU C 87 -46.26 -12.65 -13.30
N HIS C 88 -46.91 -13.60 -13.97
CA HIS C 88 -46.24 -14.42 -14.96
C HIS C 88 -45.72 -13.67 -16.18
N ASN C 89 -46.43 -12.62 -16.59
CA ASN C 89 -46.03 -11.84 -17.75
C ASN C 89 -45.36 -10.51 -17.41
N PHE C 90 -45.06 -10.31 -16.13
CA PHE C 90 -44.43 -9.05 -15.72
C PHE C 90 -43.11 -8.78 -16.44
N HIS C 91 -42.25 -9.78 -16.47
CA HIS C 91 -40.94 -9.65 -17.10
C HIS C 91 -41.04 -9.20 -18.56
N SER C 92 -42.11 -9.62 -19.23
CA SER C 92 -42.30 -9.27 -20.63
C SER C 92 -42.75 -7.81 -20.82
N PHE C 93 -43.32 -7.22 -19.78
CA PHE C 93 -43.77 -5.83 -19.87
C PHE C 93 -42.56 -4.91 -20.00
N LEU C 94 -41.41 -5.40 -19.55
CA LEU C 94 -40.17 -4.63 -19.60
C LEU C 94 -39.82 -4.24 -21.04
N TYR C 95 -40.13 -5.10 -22.00
CA TYR C 95 -39.80 -4.82 -23.38
C TYR C 95 -40.97 -4.23 -24.15
N GLN C 96 -42.06 -3.92 -23.43
CA GLN C 96 -43.24 -3.33 -24.05
C GLN C 96 -43.30 -1.84 -23.69
N PRO C 97 -42.76 -0.99 -24.58
CA PRO C 97 -42.70 0.47 -24.47
C PRO C 97 -43.90 1.23 -23.94
N ASP C 98 -45.11 0.70 -24.10
CA ASP C 98 -46.30 1.40 -23.65
C ASP C 98 -47.15 0.70 -22.59
N TRP C 99 -46.60 -0.32 -21.94
CA TRP C 99 -47.38 -1.03 -20.93
C TRP C 99 -47.43 -0.24 -19.62
N ARG C 100 -48.61 -0.22 -19.01
CA ARG C 100 -48.80 0.47 -17.73
C ARG C 100 -50.04 -0.09 -17.04
N PHE C 101 -50.09 0.07 -15.72
CA PHE C 101 -51.22 -0.41 -14.92
C PHE C 101 -51.84 0.77 -14.18
N MET C 102 -53.13 0.98 -14.38
CA MET C 102 -53.82 2.10 -13.74
C MET C 102 -54.85 1.68 -12.71
N GLU C 103 -55.08 0.37 -12.56
CA GLU C 103 -56.05 -0.14 -11.62
C GLU C 103 -55.49 -0.39 -10.21
N SER C 104 -54.19 -0.15 -10.04
CA SER C 104 -53.58 -0.36 -8.73
C SER C 104 -54.18 0.62 -7.73
N LYS C 105 -54.26 0.20 -6.47
CA LYS C 105 -54.83 1.04 -5.43
C LYS C 105 -53.85 1.27 -4.29
N GLU C 106 -52.66 0.69 -4.41
CA GLU C 106 -51.63 0.85 -3.39
C GLU C 106 -51.12 2.28 -3.39
N LYS C 107 -50.21 2.60 -2.46
CA LYS C 107 -49.67 3.94 -2.37
C LYS C 107 -48.42 4.12 -3.23
N ASP C 108 -47.77 3.01 -3.58
CA ASP C 108 -46.58 3.04 -4.40
C ASP C 108 -46.92 2.69 -5.85
N ARG C 109 -48.18 2.94 -6.21
CA ARG C 109 -48.68 2.65 -7.55
C ARG C 109 -48.07 3.56 -8.61
N GLN C 110 -47.36 4.60 -8.16
CA GLN C 110 -46.74 5.55 -9.06
C GLN C 110 -45.84 4.86 -10.09
N VAL C 111 -45.13 3.82 -9.66
CA VAL C 111 -44.24 3.09 -10.55
C VAL C 111 -45.01 2.21 -11.53
N LEU C 112 -46.27 1.93 -11.22
CA LEU C 112 -47.11 1.11 -12.08
C LEU C 112 -47.78 1.94 -13.16
N GLU C 113 -48.17 3.16 -12.81
CA GLU C 113 -48.83 4.06 -13.74
C GLU C 113 -47.82 4.68 -14.71
N ASP C 114 -46.62 4.95 -14.21
CA ASP C 114 -45.57 5.55 -15.04
C ASP C 114 -44.50 4.51 -15.36
N PHE C 115 -44.90 3.25 -15.42
CA PHE C 115 -43.96 2.18 -15.71
C PHE C 115 -43.23 2.39 -17.03
N PRO C 116 -43.92 2.91 -18.06
CA PRO C 116 -43.27 3.13 -19.35
C PRO C 116 -41.94 3.85 -19.23
N THR C 117 -41.80 4.67 -18.18
CA THR C 117 -40.56 5.40 -17.96
C THR C 117 -39.49 4.46 -17.42
N ILE C 118 -39.82 3.78 -16.32
CA ILE C 118 -38.90 2.82 -15.72
C ILE C 118 -38.57 1.79 -16.80
N SER C 119 -39.58 1.50 -17.62
CA SER C 119 -39.46 0.55 -18.71
C SER C 119 -38.48 1.09 -19.74
N LEU C 120 -38.56 2.38 -20.00
CA LEU C 120 -37.69 3.05 -20.97
C LEU C 120 -36.22 2.99 -20.57
N GLU C 121 -35.94 3.34 -19.31
CA GLU C 121 -34.57 3.32 -18.81
C GLU C 121 -34.03 1.90 -18.73
N PHE C 122 -34.91 0.94 -18.46
CA PHE C 122 -34.51 -0.45 -18.38
C PHE C 122 -33.85 -0.91 -19.68
N ARG C 123 -34.42 -0.47 -20.80
CA ARG C 123 -33.90 -0.84 -22.10
C ARG C 123 -32.60 -0.11 -22.44
N ASN C 124 -32.25 0.88 -21.63
CA ASN C 124 -31.03 1.64 -21.85
C ASN C 124 -29.82 0.95 -21.22
N LEU C 125 -30.08 0.05 -20.28
CA LEU C 125 -29.02 -0.68 -19.61
C LEU C 125 -28.33 -1.61 -20.59
N ALA C 126 -27.13 -2.06 -20.23
CA ALA C 126 -26.37 -2.98 -21.06
C ALA C 126 -27.15 -4.29 -21.18
N GLU C 127 -27.12 -4.90 -22.36
CA GLU C 127 -27.84 -6.14 -22.58
C GLU C 127 -27.58 -7.17 -21.49
N LYS C 128 -26.36 -7.18 -20.97
CA LYS C 128 -25.99 -8.12 -19.91
C LYS C 128 -26.80 -7.91 -18.64
N TYR C 129 -27.01 -6.65 -18.26
CA TYR C 129 -27.78 -6.33 -17.06
C TYR C 129 -29.25 -6.68 -17.23
N GLN C 130 -29.78 -6.41 -18.42
CA GLN C 130 -31.18 -6.69 -18.71
C GLN C 130 -31.48 -8.18 -18.54
N THR C 131 -30.57 -9.03 -18.95
CA THR C 131 -30.76 -10.47 -18.83
C THR C 131 -31.02 -10.85 -17.38
N VAL C 132 -30.19 -10.33 -16.48
CA VAL C 132 -30.31 -10.61 -15.06
C VAL C 132 -31.64 -10.14 -14.50
N ILE C 133 -31.94 -8.86 -14.68
CA ILE C 133 -33.17 -8.27 -14.18
C ILE C 133 -34.41 -9.00 -14.70
N ALA C 134 -34.45 -9.22 -16.01
CA ALA C 134 -35.58 -9.92 -16.64
C ALA C 134 -35.72 -11.34 -16.10
N ASP C 135 -34.60 -12.04 -16.01
CA ASP C 135 -34.61 -13.42 -15.52
C ASP C 135 -35.10 -13.51 -14.08
N ILE C 136 -34.56 -12.66 -13.22
CA ILE C 136 -34.96 -12.65 -11.82
C ILE C 136 -36.40 -12.19 -11.70
N CYS C 137 -36.80 -11.34 -12.63
CA CYS C 137 -38.15 -10.80 -12.66
C CYS C 137 -39.16 -11.89 -13.04
N ARG C 138 -38.81 -12.66 -14.07
CA ARG C 138 -39.67 -13.75 -14.55
C ARG C 138 -39.84 -14.82 -13.47
N ARG C 139 -38.71 -15.36 -13.00
CA ARG C 139 -38.71 -16.39 -11.98
C ARG C 139 -39.42 -15.95 -10.70
N MET C 140 -39.30 -14.67 -10.37
CA MET C 140 -39.93 -14.14 -9.17
C MET C 140 -41.43 -14.04 -9.36
N GLY C 141 -41.86 -13.79 -10.60
CA GLY C 141 -43.28 -13.68 -10.88
C GLY C 141 -43.97 -15.02 -10.72
N ILE C 142 -43.36 -16.07 -11.25
CA ILE C 142 -43.92 -17.42 -11.16
C ILE C 142 -44.06 -17.85 -9.70
N GLY C 143 -43.04 -17.53 -8.90
CA GLY C 143 -43.07 -17.88 -7.50
C GLY C 143 -44.18 -17.20 -6.73
N MET C 144 -44.22 -15.88 -6.78
CA MET C 144 -45.24 -15.11 -6.07
C MET C 144 -46.64 -15.55 -6.50
N ALA C 145 -46.72 -16.11 -7.70
CA ALA C 145 -47.98 -16.57 -8.27
C ALA C 145 -48.50 -17.88 -7.69
N GLU C 146 -47.61 -18.70 -7.13
CA GLU C 146 -48.03 -19.97 -6.57
C GLU C 146 -48.41 -19.90 -5.09
N PHE C 147 -48.06 -18.80 -4.43
CA PHE C 147 -48.39 -18.63 -3.02
C PHE C 147 -49.57 -17.68 -2.83
N LEU C 148 -50.16 -17.25 -3.94
CA LEU C 148 -51.28 -16.32 -3.88
C LEU C 148 -52.47 -16.85 -3.08
N ASP C 149 -52.63 -18.17 -3.04
CA ASP C 149 -53.75 -18.76 -2.32
C ASP C 149 -53.35 -19.68 -1.17
N LYS C 150 -52.06 -20.00 -1.08
CA LYS C 150 -51.59 -20.89 -0.02
C LYS C 150 -50.79 -20.20 1.07
N HIS C 151 -50.66 -20.88 2.20
CA HIS C 151 -49.91 -20.40 3.36
C HIS C 151 -48.66 -21.24 3.54
N VAL C 152 -47.62 -20.65 4.09
CA VAL C 152 -46.38 -21.37 4.32
C VAL C 152 -46.63 -22.46 5.36
N THR C 153 -46.32 -23.70 5.01
CA THR C 153 -46.54 -24.83 5.90
C THR C 153 -45.24 -25.34 6.54
N SER C 154 -44.53 -26.21 5.84
CA SER C 154 -43.29 -26.79 6.33
C SER C 154 -42.13 -25.80 6.26
N GLU C 155 -41.06 -26.09 6.99
CA GLU C 155 -39.88 -25.23 6.98
C GLU C 155 -39.31 -25.19 5.58
N GLN C 156 -39.45 -26.30 4.86
CA GLN C 156 -38.94 -26.40 3.50
C GLN C 156 -39.70 -25.43 2.60
N GLU C 157 -40.98 -25.23 2.91
CA GLU C 157 -41.83 -24.31 2.17
C GLU C 157 -41.50 -22.88 2.52
N TRP C 158 -41.12 -22.65 3.78
CA TRP C 158 -40.77 -21.33 4.26
C TRP C 158 -39.51 -20.87 3.51
N ASP C 159 -38.66 -21.84 3.16
CA ASP C 159 -37.44 -21.58 2.42
C ASP C 159 -37.80 -21.35 0.96
N LYS C 160 -38.77 -22.12 0.49
CA LYS C 160 -39.24 -22.02 -0.89
C LYS C 160 -39.82 -20.65 -1.16
N TYR C 161 -40.53 -20.10 -0.17
CA TYR C 161 -41.14 -18.78 -0.30
C TYR C 161 -40.11 -17.67 -0.27
N CYS C 162 -39.29 -17.64 0.78
CA CYS C 162 -38.28 -16.61 0.93
C CYS C 162 -37.37 -16.52 -0.30
N HIS C 163 -37.19 -17.62 -1.00
CA HIS C 163 -36.35 -17.64 -2.19
C HIS C 163 -36.96 -16.81 -3.31
N TYR C 164 -38.29 -16.89 -3.44
CA TYR C 164 -39.00 -16.16 -4.48
C TYR C 164 -39.08 -14.65 -4.24
N VAL C 165 -39.11 -14.25 -2.96
CA VAL C 165 -39.21 -12.82 -2.66
C VAL C 165 -37.94 -12.18 -2.12
N ALA C 166 -36.92 -12.98 -1.83
CA ALA C 166 -35.67 -12.46 -1.29
C ALA C 166 -34.46 -13.18 -1.87
N GLY C 167 -34.47 -14.50 -1.80
CA GLY C 167 -33.36 -15.28 -2.32
C GLY C 167 -32.98 -14.89 -3.74
N LEU C 168 -33.99 -14.84 -4.62
CA LEU C 168 -33.74 -14.46 -6.00
C LEU C 168 -33.17 -13.05 -6.08
N VAL C 169 -33.62 -12.18 -5.20
CA VAL C 169 -33.13 -10.81 -5.16
C VAL C 169 -31.63 -10.85 -4.89
N GLY C 170 -31.24 -11.80 -4.04
CA GLY C 170 -29.83 -11.94 -3.70
C GLY C 170 -29.05 -12.45 -4.88
N ILE C 171 -29.58 -13.48 -5.53
CA ILE C 171 -28.94 -14.07 -6.69
C ILE C 171 -28.83 -13.03 -7.79
N GLY C 172 -29.89 -12.23 -7.94
CA GLY C 172 -29.90 -11.20 -8.97
C GLY C 172 -28.79 -10.19 -8.80
N LEU C 173 -28.76 -9.53 -7.65
CA LEU C 173 -27.75 -8.52 -7.35
C LEU C 173 -26.34 -9.05 -7.58
N SER C 174 -26.06 -10.25 -7.06
CA SER C 174 -24.75 -10.87 -7.20
C SER C 174 -24.34 -10.95 -8.65
N ARG C 175 -25.27 -11.38 -9.49
CA ARG C 175 -24.99 -11.52 -10.92
C ARG C 175 -24.84 -10.16 -11.59
N LEU C 176 -25.30 -9.11 -10.90
CA LEU C 176 -25.20 -7.76 -11.43
C LEU C 176 -23.82 -7.20 -11.11
N PHE C 177 -23.31 -7.53 -9.92
CA PHE C 177 -21.98 -7.07 -9.51
C PHE C 177 -20.91 -7.72 -10.37
N SER C 178 -21.08 -9.01 -10.65
CA SER C 178 -20.12 -9.75 -11.47
C SER C 178 -20.10 -9.21 -12.89
N ALA C 179 -21.28 -8.99 -13.46
CA ALA C 179 -21.38 -8.48 -14.82
C ALA C 179 -20.64 -7.15 -14.97
N SER C 180 -20.77 -6.29 -13.96
CA SER C 180 -20.09 -4.99 -13.98
C SER C 180 -18.60 -5.17 -13.79
N GLU C 181 -18.20 -6.36 -13.34
CA GLU C 181 -16.80 -6.69 -13.12
C GLU C 181 -16.20 -5.96 -11.91
N PHE C 182 -17.06 -5.37 -11.10
CA PHE C 182 -16.60 -4.69 -9.90
C PHE C 182 -16.33 -5.74 -8.83
N GLU C 183 -16.72 -6.97 -9.13
CA GLU C 183 -16.51 -8.09 -8.23
C GLU C 183 -16.00 -9.28 -9.04
N ASP C 184 -15.90 -10.45 -8.40
CA ASP C 184 -15.42 -11.64 -9.09
C ASP C 184 -16.58 -12.50 -9.57
N PRO C 185 -16.38 -13.25 -10.66
CA PRO C 185 -17.41 -14.12 -11.21
C PRO C 185 -18.01 -15.02 -10.13
N LEU C 186 -17.16 -15.46 -9.20
CA LEU C 186 -17.57 -16.32 -8.11
C LEU C 186 -18.85 -15.84 -7.44
N VAL C 187 -18.96 -14.54 -7.20
CA VAL C 187 -20.13 -13.96 -6.56
C VAL C 187 -21.43 -14.37 -7.24
N GLY C 188 -21.48 -14.18 -8.56
CA GLY C 188 -22.68 -14.53 -9.30
C GLY C 188 -22.82 -16.01 -9.60
N GLU C 189 -21.81 -16.80 -9.26
CA GLU C 189 -21.84 -18.24 -9.51
C GLU C 189 -22.35 -19.01 -8.30
N ASP C 190 -21.96 -18.58 -7.11
CA ASP C 190 -22.40 -19.25 -5.90
C ASP C 190 -23.78 -18.74 -5.53
N THR C 191 -24.79 -19.32 -6.14
CA THR C 191 -26.17 -18.92 -5.90
C THR C 191 -26.67 -19.30 -4.51
N GLU C 192 -26.03 -20.27 -3.87
CA GLU C 192 -26.43 -20.70 -2.54
C GLU C 192 -26.12 -19.65 -1.50
N ARG C 193 -24.90 -19.13 -1.52
CA ARG C 193 -24.49 -18.10 -0.59
C ARG C 193 -25.33 -16.84 -0.84
N ALA C 194 -25.54 -16.54 -2.13
CA ALA C 194 -26.33 -15.38 -2.51
C ALA C 194 -27.78 -15.54 -2.06
N ASN C 195 -28.26 -16.78 -2.08
CA ASN C 195 -29.62 -17.07 -1.67
C ASN C 195 -29.78 -16.89 -0.15
N SER C 196 -28.77 -17.36 0.60
CA SER C 196 -28.79 -17.25 2.05
C SER C 196 -28.82 -15.78 2.47
N MET C 197 -28.12 -14.95 1.72
CA MET C 197 -28.09 -13.51 2.01
C MET C 197 -29.51 -12.97 2.02
N GLY C 198 -30.31 -13.43 1.07
CA GLY C 198 -31.69 -12.98 0.97
C GLY C 198 -32.59 -13.61 2.01
N LEU C 199 -32.47 -14.92 2.20
CA LEU C 199 -33.28 -15.64 3.18
C LEU C 199 -33.07 -15.15 4.60
N PHE C 200 -31.85 -14.75 4.93
CA PHE C 200 -31.55 -14.27 6.28
C PHE C 200 -32.33 -13.00 6.57
N LEU C 201 -32.21 -12.02 5.68
CA LEU C 201 -32.92 -10.74 5.85
C LEU C 201 -34.43 -10.94 5.82
N GLN C 202 -34.90 -11.74 4.88
CA GLN C 202 -36.33 -12.00 4.73
C GLN C 202 -36.92 -12.70 5.95
N LYS C 203 -36.29 -13.76 6.41
CA LYS C 203 -36.78 -14.49 7.57
C LYS C 203 -36.78 -13.61 8.81
N THR C 204 -35.78 -12.74 8.92
CA THR C 204 -35.69 -11.83 10.07
C THR C 204 -36.88 -10.89 10.10
N ASN C 205 -37.25 -10.34 8.94
CA ASN C 205 -38.38 -9.42 8.85
C ASN C 205 -39.68 -10.13 9.20
N ILE C 206 -39.83 -11.36 8.74
CA ILE C 206 -41.03 -12.13 9.01
C ILE C 206 -41.16 -12.46 10.48
N ILE C 207 -40.03 -12.75 11.12
CA ILE C 207 -40.03 -13.10 12.54
C ILE C 207 -40.42 -11.90 13.42
N ARG C 208 -39.99 -10.71 13.01
CA ARG C 208 -40.28 -9.51 13.76
C ARG C 208 -41.69 -8.98 13.55
N ASP C 209 -42.05 -8.72 12.31
CA ASP C 209 -43.36 -8.19 11.97
C ASP C 209 -44.51 -9.18 12.16
N TYR C 210 -44.35 -10.13 13.08
CA TYR C 210 -45.40 -11.11 13.33
C TYR C 210 -46.74 -10.43 13.59
N LEU C 211 -46.77 -9.59 14.62
CA LEU C 211 -48.00 -8.90 15.00
C LEU C 211 -48.52 -7.99 13.89
N GLU C 212 -47.63 -7.18 13.31
CA GLU C 212 -48.02 -6.26 12.24
C GLU C 212 -48.79 -6.95 11.12
N ASP C 213 -48.23 -8.03 10.59
CA ASP C 213 -48.88 -8.75 9.51
C ASP C 213 -50.11 -9.50 10.01
N GLN C 214 -50.07 -9.93 11.26
CA GLN C 214 -51.19 -10.66 11.85
C GLN C 214 -52.40 -9.72 11.95
N GLN C 215 -52.13 -8.42 11.88
CA GLN C 215 -53.19 -7.42 11.94
C GLN C 215 -53.61 -7.06 10.52
N GLY C 216 -53.20 -7.88 9.57
CA GLY C 216 -53.54 -7.63 8.18
C GLY C 216 -53.94 -8.91 7.46
N GLY C 217 -54.32 -9.92 8.23
CA GLY C 217 -54.73 -11.18 7.65
C GLY C 217 -53.61 -11.90 6.92
N ARG C 218 -52.42 -11.31 6.93
CA ARG C 218 -51.27 -11.91 6.26
C ARG C 218 -50.61 -12.94 7.17
N GLU C 219 -50.34 -14.11 6.61
CA GLU C 219 -49.73 -15.20 7.36
C GLU C 219 -48.45 -15.70 6.68
N PHE C 220 -47.33 -15.60 7.39
CA PHE C 220 -46.04 -16.03 6.85
C PHE C 220 -45.36 -17.13 7.66
N TRP C 221 -45.46 -17.05 8.97
CA TRP C 221 -44.86 -18.05 9.85
C TRP C 221 -45.21 -19.47 9.40
N PRO C 222 -44.20 -20.34 9.27
CA PRO C 222 -44.42 -21.73 8.84
C PRO C 222 -45.41 -22.46 9.73
N GLN C 223 -46.59 -22.75 9.18
CA GLN C 223 -47.64 -23.43 9.91
C GLN C 223 -47.17 -24.70 10.59
N GLU C 224 -46.30 -25.45 9.91
CA GLU C 224 -45.79 -26.70 10.44
C GLU C 224 -45.00 -26.50 11.74
N VAL C 225 -44.61 -25.26 12.02
CA VAL C 225 -43.85 -24.96 13.21
C VAL C 225 -44.71 -24.41 14.34
N TRP C 226 -45.54 -23.40 14.05
CA TRP C 226 -46.39 -22.82 15.08
C TRP C 226 -47.61 -23.67 15.40
N SER C 227 -47.75 -24.79 14.71
CA SER C 227 -48.87 -25.69 14.95
C SER C 227 -48.59 -26.61 16.13
N ARG C 228 -47.33 -26.71 16.52
CA ARG C 228 -46.96 -27.56 17.65
C ARG C 228 -47.14 -26.80 18.96
N TYR C 229 -47.53 -25.53 18.86
CA TYR C 229 -47.73 -24.70 20.04
C TYR C 229 -49.17 -24.27 20.21
N VAL C 230 -49.71 -23.55 19.24
CA VAL C 230 -51.10 -23.09 19.31
C VAL C 230 -51.94 -23.70 18.18
N LYS C 231 -53.23 -23.43 18.20
CA LYS C 231 -54.14 -23.97 17.19
C LYS C 231 -54.14 -23.11 15.92
N LYS C 232 -54.06 -21.79 16.10
CA LYS C 232 -54.01 -20.88 14.96
C LYS C 232 -52.97 -19.80 15.27
N LEU C 233 -52.17 -19.45 14.26
CA LEU C 233 -51.13 -18.44 14.42
C LEU C 233 -51.54 -17.19 15.19
N GLY C 234 -52.82 -16.86 15.14
CA GLY C 234 -53.30 -15.68 15.83
C GLY C 234 -53.32 -15.78 17.34
N ASP C 235 -53.13 -16.98 17.88
CA ASP C 235 -53.15 -17.17 19.32
C ASP C 235 -51.96 -16.57 20.05
N PHE C 236 -50.83 -16.42 19.36
CA PHE C 236 -49.64 -15.85 19.98
C PHE C 236 -49.91 -14.42 20.42
N ALA C 237 -50.92 -13.80 19.81
CA ALA C 237 -51.31 -12.43 20.13
C ALA C 237 -52.05 -12.43 21.46
N LEU C 238 -52.57 -13.59 21.85
CA LEU C 238 -53.31 -13.74 23.10
C LEU C 238 -52.36 -13.82 24.28
N PRO C 239 -52.55 -12.94 25.29
CA PRO C 239 -51.73 -12.87 26.50
C PRO C 239 -51.38 -14.21 27.16
N GLU C 240 -52.39 -15.04 27.37
CA GLU C 240 -52.19 -16.34 28.02
C GLU C 240 -51.30 -17.31 27.24
N ASN C 241 -50.89 -16.93 26.05
CA ASN C 241 -50.05 -17.79 25.22
C ASN C 241 -48.67 -17.20 24.98
N ILE C 242 -48.36 -16.11 25.66
CA ILE C 242 -47.06 -15.45 25.51
C ILE C 242 -45.92 -16.45 25.68
N ASP C 243 -46.06 -17.34 26.65
CA ASP C 243 -45.03 -18.34 26.92
C ASP C 243 -44.80 -19.24 25.71
N LEU C 244 -45.89 -19.67 25.08
CA LEU C 244 -45.79 -20.53 23.90
C LEU C 244 -45.24 -19.73 22.73
N ALA C 245 -45.79 -18.53 22.54
CA ALA C 245 -45.38 -17.65 21.46
C ALA C 245 -43.86 -17.44 21.44
N VAL C 246 -43.27 -17.28 22.62
CA VAL C 246 -41.83 -17.06 22.72
C VAL C 246 -41.04 -18.29 22.28
N GLN C 247 -41.43 -19.45 22.77
CA GLN C 247 -40.72 -20.68 22.41
C GLN C 247 -40.72 -20.88 20.90
N CYS C 248 -41.85 -20.59 20.27
CA CYS C 248 -41.95 -20.71 18.82
C CYS C 248 -41.03 -19.67 18.20
N LEU C 249 -41.08 -18.45 18.74
CA LEU C 249 -40.26 -17.36 18.26
C LEU C 249 -38.80 -17.80 18.18
N ASN C 250 -38.30 -18.34 19.28
CA ASN C 250 -36.91 -18.80 19.35
C ASN C 250 -36.60 -19.91 18.35
N GLU C 251 -37.59 -20.76 18.08
CA GLU C 251 -37.39 -21.85 17.13
C GLU C 251 -37.09 -21.29 15.73
N LEU C 252 -37.86 -20.30 15.33
CA LEU C 252 -37.68 -19.68 14.01
C LEU C 252 -36.37 -18.92 13.92
N ILE C 253 -36.05 -18.19 14.99
CA ILE C 253 -34.82 -17.40 15.03
C ILE C 253 -33.61 -18.33 14.91
N THR C 254 -33.66 -19.46 15.60
CA THR C 254 -32.57 -20.43 15.55
C THR C 254 -32.39 -20.88 14.13
N ASN C 255 -33.50 -21.02 13.41
CA ASN C 255 -33.48 -21.45 12.01
C ASN C 255 -32.71 -20.43 11.18
N ALA C 256 -33.08 -19.16 11.30
CA ALA C 256 -32.44 -18.09 10.56
C ALA C 256 -30.94 -18.04 10.82
N LEU C 257 -30.53 -18.39 12.03
CA LEU C 257 -29.11 -18.36 12.39
C LEU C 257 -28.25 -19.25 11.52
N HIS C 258 -28.82 -20.32 10.97
CA HIS C 258 -28.05 -21.23 10.12
C HIS C 258 -27.56 -20.57 8.84
N HIS C 259 -28.03 -19.35 8.57
CA HIS C 259 -27.65 -18.64 7.36
C HIS C 259 -26.39 -17.79 7.53
N ILE C 260 -26.04 -17.50 8.78
CA ILE C 260 -24.86 -16.70 9.08
C ILE C 260 -23.58 -17.18 8.39
N PRO C 261 -23.30 -18.50 8.44
CA PRO C 261 -22.09 -19.00 7.80
C PRO C 261 -21.96 -18.50 6.35
N ASP C 262 -23.03 -18.64 5.57
CA ASP C 262 -23.02 -18.19 4.19
C ASP C 262 -22.93 -16.67 4.09
N VAL C 263 -23.65 -15.98 4.97
CA VAL C 263 -23.63 -14.52 4.99
C VAL C 263 -22.20 -14.03 5.16
N ILE C 264 -21.47 -14.67 6.07
CA ILE C 264 -20.09 -14.31 6.34
C ILE C 264 -19.23 -14.63 5.13
N THR C 265 -19.45 -15.80 4.54
CA THR C 265 -18.69 -16.22 3.38
C THR C 265 -18.90 -15.27 2.20
N TYR C 266 -20.15 -14.84 2.02
CA TYR C 266 -20.49 -13.93 0.94
C TYR C 266 -19.79 -12.57 1.10
N LEU C 267 -19.97 -11.96 2.27
CA LEU C 267 -19.38 -10.66 2.55
C LEU C 267 -17.85 -10.65 2.46
N SER C 268 -17.24 -11.79 2.77
CA SER C 268 -15.79 -11.90 2.72
C SER C 268 -15.22 -11.90 1.31
N ARG C 269 -16.04 -12.28 0.33
CA ARG C 269 -15.60 -12.34 -1.05
C ARG C 269 -15.66 -10.99 -1.77
N LEU C 270 -16.41 -10.04 -1.21
CA LEU C 270 -16.56 -8.71 -1.80
C LEU C 270 -15.24 -7.94 -1.82
N ARG C 271 -14.99 -7.21 -2.89
CA ARG C 271 -13.76 -6.43 -3.03
C ARG C 271 -14.00 -4.94 -3.27
N ASN C 272 -15.24 -4.59 -3.59
CA ASN C 272 -15.58 -3.19 -3.83
C ASN C 272 -16.22 -2.58 -2.59
N GLN C 273 -15.79 -1.37 -2.23
CA GLN C 273 -16.29 -0.68 -1.07
C GLN C 273 -17.78 -0.35 -1.16
N SER C 274 -18.17 0.32 -2.25
CA SER C 274 -19.56 0.69 -2.43
C SER C 274 -20.47 -0.52 -2.36
N VAL C 275 -20.01 -1.64 -2.94
CA VAL C 275 -20.78 -2.88 -2.94
C VAL C 275 -20.83 -3.51 -1.55
N PHE C 276 -19.74 -3.37 -0.79
CA PHE C 276 -19.68 -3.93 0.54
C PHE C 276 -20.68 -3.24 1.46
N ASN C 277 -20.65 -1.91 1.46
CA ASN C 277 -21.55 -1.11 2.28
C ASN C 277 -23.00 -1.44 1.95
N PHE C 278 -23.24 -1.78 0.68
CA PHE C 278 -24.56 -2.12 0.20
C PHE C 278 -25.05 -3.45 0.78
N CYS C 279 -24.17 -4.44 0.79
CA CYS C 279 -24.51 -5.77 1.28
C CYS C 279 -24.33 -5.94 2.79
N ALA C 280 -23.23 -5.41 3.32
CA ALA C 280 -22.92 -5.56 4.74
C ALA C 280 -23.92 -4.92 5.71
N ILE C 281 -24.29 -3.67 5.46
CA ILE C 281 -25.22 -2.96 6.33
C ILE C 281 -26.52 -3.73 6.59
N PRO C 282 -27.22 -4.14 5.53
CA PRO C 282 -28.46 -4.89 5.73
C PRO C 282 -28.31 -6.13 6.61
N GLN C 283 -27.28 -6.93 6.34
CA GLN C 283 -27.02 -8.14 7.11
C GLN C 283 -26.78 -7.83 8.57
N VAL C 284 -25.88 -6.90 8.84
CA VAL C 284 -25.56 -6.51 10.21
C VAL C 284 -26.80 -6.05 10.95
N MET C 285 -27.55 -5.15 10.33
CA MET C 285 -28.78 -4.62 10.92
C MET C 285 -29.82 -5.71 11.16
N ALA C 286 -29.71 -6.80 10.41
CA ALA C 286 -30.63 -7.93 10.56
C ALA C 286 -30.27 -8.79 11.76
N ILE C 287 -28.97 -8.97 11.99
CA ILE C 287 -28.51 -9.75 13.12
C ILE C 287 -28.89 -9.02 14.40
N ALA C 288 -28.73 -7.71 14.38
CA ALA C 288 -29.06 -6.87 15.53
C ALA C 288 -30.53 -7.04 15.89
N THR C 289 -31.37 -7.20 14.87
CA THR C 289 -32.80 -7.36 15.08
C THR C 289 -33.10 -8.71 15.73
N LEU C 290 -32.44 -9.76 15.25
CA LEU C 290 -32.61 -11.09 15.79
C LEU C 290 -32.19 -11.15 17.25
N ALA C 291 -30.99 -10.65 17.53
CA ALA C 291 -30.47 -10.66 18.90
C ALA C 291 -31.42 -9.92 19.85
N ALA C 292 -32.05 -8.86 19.34
CA ALA C 292 -32.97 -8.07 20.15
C ALA C 292 -34.32 -8.75 20.34
N CYS C 293 -34.71 -9.58 19.38
CA CYS C 293 -35.99 -10.29 19.46
C CYS C 293 -35.91 -11.60 20.23
N TYR C 294 -34.74 -12.24 20.22
CA TYR C 294 -34.57 -13.51 20.89
C TYR C 294 -35.10 -13.55 22.32
N ASN C 295 -36.06 -14.44 22.56
CA ASN C 295 -36.65 -14.62 23.87
C ASN C 295 -37.29 -13.34 24.42
N ASN C 296 -37.64 -12.43 23.52
CA ASN C 296 -38.26 -11.17 23.92
C ASN C 296 -39.78 -11.27 23.78
N GLN C 297 -40.50 -10.89 24.84
CA GLN C 297 -41.95 -10.95 24.83
C GLN C 297 -42.59 -9.80 24.07
N GLN C 298 -41.79 -8.80 23.74
CA GLN C 298 -42.27 -7.62 23.02
C GLN C 298 -42.61 -7.89 21.56
N VAL C 299 -42.03 -8.95 20.99
CA VAL C 299 -42.29 -9.30 19.60
C VAL C 299 -43.78 -9.48 19.35
N PHE C 300 -44.53 -9.70 20.43
CA PHE C 300 -45.98 -9.91 20.33
C PHE C 300 -46.75 -8.76 20.95
N LYS C 301 -46.08 -7.64 21.16
CA LYS C 301 -46.69 -6.46 21.75
C LYS C 301 -46.16 -5.20 21.06
N GLY C 302 -46.15 -5.22 19.73
CA GLY C 302 -45.66 -4.09 18.98
C GLY C 302 -44.25 -4.31 18.47
N ALA C 303 -43.52 -3.23 18.23
CA ALA C 303 -42.15 -3.32 17.75
C ALA C 303 -41.18 -3.71 18.85
N VAL C 304 -39.92 -3.96 18.49
CA VAL C 304 -38.91 -4.35 19.45
C VAL C 304 -37.75 -3.34 19.49
N LEU C 305 -37.10 -3.26 20.66
CA LEU C 305 -35.99 -2.35 20.86
C LEU C 305 -34.68 -2.92 20.31
N ILE C 306 -34.13 -2.27 19.29
CA ILE C 306 -32.89 -2.71 18.66
C ILE C 306 -31.67 -2.24 19.45
N ARG C 307 -31.27 -3.02 20.44
CA ARG C 307 -30.11 -2.70 21.27
C ARG C 307 -28.82 -2.75 20.45
N ALA C 311 -21.23 -2.37 23.35
CA ALA C 311 -19.95 -3.00 23.66
C ALA C 311 -18.86 -2.54 22.69
N VAL C 312 -18.09 -3.49 22.17
CA VAL C 312 -17.02 -3.18 21.23
C VAL C 312 -17.58 -2.73 19.88
N THR C 313 -18.89 -2.90 19.71
CA THR C 313 -19.57 -2.52 18.48
C THR C 313 -19.64 -1.01 18.32
N LEU C 314 -19.69 -0.31 19.43
CA LEU C 314 -19.78 1.14 19.42
C LEU C 314 -18.55 1.79 18.78
N MET C 315 -17.38 1.25 19.09
CA MET C 315 -16.12 1.78 18.57
C MET C 315 -15.86 1.49 17.09
N MET C 316 -16.77 0.78 16.42
CA MET C 316 -16.55 0.46 15.02
C MET C 316 -17.84 0.28 14.21
N ASP C 317 -17.75 0.55 12.92
CA ASP C 317 -18.90 0.43 12.02
C ASP C 317 -18.65 -0.66 10.99
N ALA C 318 -19.69 -0.94 10.21
CA ALA C 318 -19.62 -1.98 9.17
C ALA C 318 -19.11 -1.47 7.84
N THR C 319 -17.79 -1.37 7.70
CA THR C 319 -17.19 -0.91 6.46
C THR C 319 -15.99 -1.77 6.08
N ASN C 320 -15.64 -2.71 6.96
CA ASN C 320 -14.53 -3.61 6.72
C ASN C 320 -14.93 -4.99 7.26
N MET C 321 -14.62 -6.04 6.50
CA MET C 321 -15.00 -7.39 6.90
C MET C 321 -14.71 -7.69 8.38
N PRO C 322 -13.46 -7.49 8.83
CA PRO C 322 -13.12 -7.77 10.22
C PRO C 322 -14.10 -7.15 11.21
N ALA C 323 -14.48 -5.90 10.95
CA ALA C 323 -15.43 -5.21 11.82
C ALA C 323 -16.78 -5.90 11.78
N VAL C 324 -17.22 -6.25 10.57
CA VAL C 324 -18.51 -6.92 10.40
C VAL C 324 -18.55 -8.23 11.15
N LYS C 325 -17.51 -9.05 11.00
CA LYS C 325 -17.45 -10.33 11.69
C LYS C 325 -17.51 -10.07 13.20
N ALA C 326 -16.77 -9.06 13.64
CA ALA C 326 -16.74 -8.70 15.06
C ALA C 326 -18.15 -8.35 15.53
N ILE C 327 -18.82 -7.47 14.79
CA ILE C 327 -20.16 -7.05 15.14
C ILE C 327 -21.11 -8.25 15.12
N ILE C 328 -20.92 -9.14 14.15
CA ILE C 328 -21.77 -10.32 14.04
C ILE C 328 -21.58 -11.26 15.22
N TYR C 329 -20.34 -11.65 15.48
CA TYR C 329 -20.06 -12.53 16.60
C TYR C 329 -20.58 -11.89 17.88
N GLN C 330 -20.41 -10.57 17.97
CA GLN C 330 -20.85 -9.81 19.13
C GLN C 330 -22.32 -10.10 19.42
N TYR C 331 -23.16 -10.00 18.39
CA TYR C 331 -24.59 -10.26 18.54
C TYR C 331 -24.88 -11.73 18.76
N MET C 332 -23.94 -12.59 18.38
CA MET C 332 -24.11 -14.03 18.57
C MET C 332 -24.14 -14.33 20.06
N GLU C 333 -23.21 -13.72 20.79
CA GLU C 333 -23.14 -13.93 22.23
C GLU C 333 -24.36 -13.30 22.88
N GLU C 334 -24.84 -12.21 22.31
CA GLU C 334 -26.02 -11.53 22.84
C GLU C 334 -27.12 -12.56 23.02
N ILE C 335 -27.38 -13.31 21.96
CA ILE C 335 -28.41 -14.35 21.98
C ILE C 335 -28.00 -15.53 22.86
N TYR C 336 -26.70 -15.83 22.86
CA TYR C 336 -26.19 -16.94 23.64
C TYR C 336 -26.33 -16.74 25.14
N HIS C 337 -26.01 -15.54 25.62
CA HIS C 337 -26.11 -15.26 27.04
C HIS C 337 -27.56 -15.18 27.53
N ARG C 338 -28.51 -15.22 26.61
CA ARG C 338 -29.91 -15.12 26.98
C ARG C 338 -30.70 -16.41 26.76
N ILE C 339 -30.01 -17.49 26.42
CA ILE C 339 -30.66 -18.77 26.18
C ILE C 339 -30.99 -19.51 27.47
N PRO C 340 -32.29 -19.60 27.82
CA PRO C 340 -32.75 -20.27 29.03
C PRO C 340 -32.84 -21.79 28.81
N ASP C 341 -32.52 -22.56 29.84
CA ASP C 341 -32.55 -24.02 29.73
C ASP C 341 -33.97 -24.54 29.50
N SER C 342 -34.94 -23.90 30.14
CA SER C 342 -36.33 -24.31 30.01
C SER C 342 -36.84 -24.25 28.58
N ASN C 343 -36.08 -23.62 27.70
CA ASN C 343 -36.48 -23.51 26.30
C ASN C 343 -36.18 -24.79 25.53
N PRO C 344 -37.14 -25.24 24.72
CA PRO C 344 -37.01 -26.46 23.91
C PRO C 344 -35.87 -26.39 22.89
N SER C 345 -35.54 -25.17 22.46
CA SER C 345 -34.48 -25.00 21.47
C SER C 345 -33.11 -24.76 22.11
N SER C 346 -33.11 -24.46 23.39
CA SER C 346 -31.89 -24.20 24.15
C SER C 346 -30.68 -25.03 23.70
N SER C 347 -30.88 -26.34 23.62
CA SER C 347 -29.80 -27.25 23.23
C SER C 347 -29.26 -27.03 21.81
N LYS C 348 -30.17 -26.90 20.84
CA LYS C 348 -29.76 -26.71 19.45
C LYS C 348 -29.54 -25.26 19.05
N THR C 349 -29.98 -24.33 19.90
CA THR C 349 -29.81 -22.90 19.61
C THR C 349 -28.35 -22.52 19.80
N ARG C 350 -27.72 -23.09 20.81
CA ARG C 350 -26.32 -22.81 21.08
C ARG C 350 -25.42 -23.68 20.20
N GLN C 351 -25.97 -24.78 19.72
CA GLN C 351 -25.23 -25.69 18.86
C GLN C 351 -24.74 -24.96 17.60
N ILE C 352 -25.66 -24.25 16.95
CA ILE C 352 -25.33 -23.51 15.74
C ILE C 352 -24.39 -22.34 16.03
N ILE C 353 -24.60 -21.69 17.18
CA ILE C 353 -23.76 -20.57 17.56
C ILE C 353 -22.32 -21.05 17.83
N SER C 354 -22.20 -22.19 18.50
CA SER C 354 -20.88 -22.74 18.81
C SER C 354 -20.16 -23.12 17.52
N THR C 355 -20.93 -23.40 16.48
CA THR C 355 -20.38 -23.77 15.18
C THR C 355 -19.86 -22.52 14.48
N ILE C 356 -20.68 -21.46 14.51
CA ILE C 356 -20.33 -20.20 13.89
C ILE C 356 -19.08 -19.60 14.54
N ARG C 357 -18.82 -20.01 15.78
CA ARG C 357 -17.65 -19.54 16.52
C ARG C 357 -16.36 -20.15 15.99
N THR C 358 -16.30 -21.48 16.01
CA THR C 358 -15.12 -22.22 15.57
C THR C 358 -14.76 -21.95 14.11
N GLN C 359 -15.75 -22.02 13.22
CA GLN C 359 -15.50 -21.79 11.80
C GLN C 359 -14.78 -20.46 11.59
N ASN C 360 -13.51 -20.52 11.25
CA ASN C 360 -12.70 -19.32 11.02
C ASN C 360 -13.01 -18.70 9.67
N SER D 27 13.96 28.91 -3.73
CA SER D 27 14.95 29.93 -3.41
C SER D 27 16.27 29.62 -4.11
N SER D 28 16.87 30.65 -4.69
CA SER D 28 18.14 30.49 -5.39
C SER D 28 19.20 29.93 -4.45
N SER D 29 19.05 30.24 -3.17
CA SER D 29 19.99 29.75 -2.15
C SER D 29 19.92 28.24 -2.05
N LEU D 30 18.75 27.68 -2.38
CA LEU D 30 18.58 26.24 -2.34
C LEU D 30 19.17 25.61 -3.59
N LYS D 31 18.99 26.29 -4.73
CA LYS D 31 19.53 25.82 -5.99
C LYS D 31 21.06 25.80 -5.93
N THR D 32 21.61 26.76 -5.19
CA THR D 32 23.06 26.85 -5.05
C THR D 32 23.60 25.64 -4.31
N CYS D 33 22.87 25.19 -3.30
CA CYS D 33 23.28 24.03 -2.51
C CYS D 33 23.35 22.78 -3.38
N TYR D 34 22.30 22.56 -4.17
CA TYR D 34 22.26 21.40 -5.05
C TYR D 34 23.33 21.49 -6.12
N LYS D 35 23.86 22.68 -6.33
CA LYS D 35 24.91 22.87 -7.32
C LYS D 35 26.22 22.36 -6.73
N TYR D 36 26.49 22.74 -5.48
CA TYR D 36 27.71 22.29 -4.80
C TYR D 36 27.62 20.79 -4.57
N LEU D 37 26.42 20.32 -4.30
CA LEU D 37 26.20 18.90 -4.05
C LEU D 37 26.73 18.11 -5.24
N ASN D 38 26.48 18.62 -6.44
CA ASN D 38 26.95 17.95 -7.65
C ASN D 38 28.43 18.20 -7.88
N GLN D 39 28.90 19.41 -7.59
CA GLN D 39 30.30 19.76 -7.77
C GLN D 39 31.18 19.02 -6.76
N THR D 40 30.55 18.56 -5.69
CA THR D 40 31.25 17.86 -4.62
C THR D 40 31.04 16.36 -4.65
N SER D 41 29.83 15.93 -5.03
CA SER D 41 29.51 14.52 -5.06
C SER D 41 29.56 13.91 -6.46
N ARG D 42 29.36 12.60 -6.52
CA ARG D 42 29.37 11.86 -7.77
C ARG D 42 28.67 10.53 -7.55
N SER D 43 29.18 9.75 -6.59
CA SER D 43 28.61 8.45 -6.25
C SER D 43 27.52 8.61 -5.20
N PHE D 44 26.78 9.72 -5.29
CA PHE D 44 25.71 10.01 -4.34
C PHE D 44 24.75 11.06 -4.88
N ALA D 45 25.29 12.19 -5.30
CA ALA D 45 24.47 13.29 -5.82
C ALA D 45 23.18 12.84 -6.50
N ALA D 46 23.28 11.87 -7.39
CA ALA D 46 22.10 11.37 -8.11
C ALA D 46 21.11 10.64 -7.21
N VAL D 47 21.61 9.75 -6.35
CA VAL D 47 20.76 8.99 -5.46
C VAL D 47 20.18 9.82 -4.32
N ILE D 48 20.88 10.88 -3.94
CA ILE D 48 20.43 11.76 -2.86
C ILE D 48 19.26 12.59 -3.33
N GLN D 49 19.32 13.04 -4.58
CA GLN D 49 18.26 13.84 -5.14
C GLN D 49 17.04 12.98 -5.43
N ALA D 50 17.21 11.68 -5.32
CA ALA D 50 16.13 10.73 -5.57
C ALA D 50 15.31 10.51 -4.31
N LEU D 51 15.84 10.92 -3.17
CA LEU D 51 15.13 10.76 -1.90
C LEU D 51 13.73 11.36 -1.94
N ASP D 52 12.81 10.78 -1.17
CA ASP D 52 11.43 11.26 -1.14
C ASP D 52 11.18 12.30 -0.06
N GLY D 53 10.19 13.14 -0.31
CA GLY D 53 9.81 14.17 0.65
C GLY D 53 10.94 15.06 1.14
N GLU D 54 10.93 15.34 2.45
CA GLU D 54 11.94 16.19 3.06
C GLU D 54 13.32 15.58 3.28
N MET D 55 13.44 14.26 3.14
CA MET D 55 14.75 13.62 3.32
C MET D 55 15.72 14.20 2.30
N ARG D 56 15.20 14.52 1.12
CA ARG D 56 16.00 15.09 0.04
C ARG D 56 16.85 16.26 0.51
N ASN D 57 16.21 17.32 0.96
CA ASN D 57 16.92 18.51 1.43
C ASN D 57 17.76 18.23 2.67
N ALA D 58 17.20 17.51 3.62
CA ALA D 58 17.90 17.18 4.86
C ALA D 58 19.26 16.54 4.57
N VAL D 59 19.25 15.45 3.81
CA VAL D 59 20.47 14.73 3.46
C VAL D 59 21.41 15.58 2.60
N CYS D 60 20.84 16.33 1.67
CA CYS D 60 21.62 17.19 0.80
C CYS D 60 22.46 18.17 1.61
N ILE D 61 21.80 18.86 2.54
CA ILE D 61 22.46 19.82 3.40
C ILE D 61 23.40 19.11 4.37
N PHE D 62 22.93 18.00 4.93
CA PHE D 62 23.74 17.24 5.87
C PHE D 62 25.06 16.83 5.24
N TYR D 63 25.04 16.58 3.93
CA TYR D 63 26.24 16.18 3.21
C TYR D 63 27.19 17.35 3.00
N LEU D 64 26.65 18.51 2.67
CA LEU D 64 27.47 19.70 2.43
C LEU D 64 28.20 20.15 3.69
N VAL D 65 27.52 20.17 4.82
CA VAL D 65 28.15 20.59 6.06
C VAL D 65 29.29 19.65 6.44
N LEU D 66 29.05 18.35 6.30
CA LEU D 66 30.07 17.36 6.61
C LEU D 66 31.24 17.48 5.65
N ARG D 67 30.95 17.93 4.43
CA ARG D 67 31.98 18.11 3.43
C ARG D 67 32.91 19.23 3.83
N ALA D 68 32.33 20.40 4.10
CA ALA D 68 33.09 21.57 4.51
C ALA D 68 33.92 21.23 5.73
N LEU D 69 33.32 20.48 6.65
CA LEU D 69 34.02 20.08 7.86
C LEU D 69 35.24 19.24 7.48
N ASP D 70 35.03 18.33 6.54
CA ASP D 70 36.11 17.46 6.09
C ASP D 70 37.15 18.23 5.28
N THR D 71 36.71 19.32 4.65
CA THR D 71 37.62 20.14 3.85
C THR D 71 38.62 20.87 4.75
N LEU D 72 38.17 21.25 5.94
CA LEU D 72 39.02 21.96 6.89
C LEU D 72 39.96 20.98 7.56
N GLU D 73 39.53 19.72 7.68
CA GLU D 73 40.33 18.69 8.30
C GLU D 73 41.49 18.28 7.40
N ASP D 74 41.22 18.16 6.11
CA ASP D 74 42.25 17.77 5.15
C ASP D 74 43.16 18.91 4.73
N ASP D 75 42.65 20.13 4.77
CA ASP D 75 43.44 21.29 4.39
C ASP D 75 44.70 21.33 5.26
N MET D 76 45.86 21.23 4.61
CA MET D 76 47.13 21.24 5.32
C MET D 76 47.71 22.62 5.52
N THR D 77 47.13 23.62 4.85
CA THR D 77 47.61 24.99 4.99
C THR D 77 46.88 25.71 6.11
N ILE D 78 46.71 25.01 7.24
CA ILE D 78 46.06 25.57 8.41
C ILE D 78 46.77 25.11 9.67
N SER D 79 47.26 26.08 10.45
CA SER D 79 47.98 25.79 11.69
C SER D 79 47.14 24.90 12.61
N VAL D 80 47.74 23.81 13.09
CA VAL D 80 47.05 22.89 13.99
C VAL D 80 46.36 23.69 15.09
N GLU D 81 47.07 24.68 15.61
CA GLU D 81 46.55 25.54 16.67
C GLU D 81 45.69 26.63 16.05
N LYS D 82 44.78 26.21 15.18
CA LYS D 82 43.87 27.12 14.50
C LYS D 82 42.80 26.25 13.86
N LYS D 83 43.17 25.03 13.52
CA LYS D 83 42.27 24.08 12.90
C LYS D 83 41.44 23.34 13.96
N VAL D 84 42.03 23.12 15.12
CA VAL D 84 41.34 22.43 16.19
C VAL D 84 40.05 23.16 16.59
N PRO D 85 40.14 24.47 16.89
CA PRO D 85 38.94 25.22 17.27
C PRO D 85 37.88 25.17 16.18
N LEU D 86 38.30 25.32 14.92
CA LEU D 86 37.38 25.28 13.79
C LEU D 86 36.58 23.99 13.78
N LEU D 87 37.26 22.88 14.02
CA LEU D 87 36.62 21.56 14.04
C LEU D 87 35.72 21.45 15.26
N HIS D 88 36.19 21.95 16.40
CA HIS D 88 35.44 21.91 17.63
C HIS D 88 34.25 22.87 17.63
N ASN D 89 34.28 23.87 16.76
CA ASN D 89 33.19 24.85 16.70
C ASN D 89 32.49 24.90 15.36
N PHE D 90 32.79 23.96 14.48
CA PHE D 90 32.15 23.95 13.17
C PHE D 90 30.64 23.81 13.29
N HIS D 91 30.21 23.00 14.25
CA HIS D 91 28.79 22.74 14.50
C HIS D 91 28.02 24.00 14.86
N SER D 92 28.73 25.00 15.39
CA SER D 92 28.09 26.24 15.80
C SER D 92 27.96 27.24 14.67
N PHE D 93 28.88 27.19 13.72
CA PHE D 93 28.85 28.12 12.59
C PHE D 93 27.57 27.93 11.77
N LEU D 94 26.87 26.84 12.03
CA LEU D 94 25.62 26.55 11.33
C LEU D 94 24.54 27.53 11.76
N TYR D 95 24.72 28.15 12.91
CA TYR D 95 23.75 29.11 13.42
C TYR D 95 24.19 30.55 13.21
N GLN D 96 25.37 30.73 12.62
CA GLN D 96 25.90 32.05 12.35
C GLN D 96 25.69 32.39 10.88
N PRO D 97 24.73 33.27 10.58
CA PRO D 97 24.36 33.71 9.23
C PRO D 97 25.48 34.18 8.32
N ASP D 98 26.53 34.77 8.89
CA ASP D 98 27.61 35.29 8.06
C ASP D 98 28.98 34.61 8.19
N TRP D 99 29.05 33.51 8.93
CA TRP D 99 30.33 32.83 9.07
C TRP D 99 30.80 32.29 7.73
N ARG D 100 32.12 32.18 7.57
CA ARG D 100 32.70 31.65 6.34
C ARG D 100 34.22 31.53 6.49
N PHE D 101 34.84 30.84 5.56
CA PHE D 101 36.28 30.63 5.57
C PHE D 101 36.85 30.96 4.20
N MET D 102 37.93 31.72 4.16
CA MET D 102 38.54 32.12 2.89
C MET D 102 39.96 31.60 2.70
N GLU D 103 40.67 31.38 3.82
CA GLU D 103 42.05 30.90 3.78
C GLU D 103 42.22 29.53 3.13
N SER D 104 41.16 28.73 3.09
CA SER D 104 41.22 27.39 2.52
C SER D 104 41.71 27.39 1.08
N LYS D 105 42.51 26.38 0.74
CA LYS D 105 43.06 26.25 -0.60
C LYS D 105 42.62 24.95 -1.26
N GLU D 106 41.88 24.13 -0.52
CA GLU D 106 41.39 22.86 -1.03
C GLU D 106 40.59 23.07 -2.32
N LYS D 107 40.29 21.99 -3.02
CA LYS D 107 39.55 22.08 -4.27
C LYS D 107 38.03 22.17 -4.06
N ASP D 108 37.61 22.12 -2.80
CA ASP D 108 36.19 22.22 -2.46
C ASP D 108 35.96 23.35 -1.46
N ARG D 109 36.76 24.40 -1.59
CA ARG D 109 36.67 25.57 -0.73
C ARG D 109 35.40 26.37 -0.99
N GLN D 110 34.75 26.07 -2.11
CA GLN D 110 33.53 26.78 -2.50
C GLN D 110 32.43 26.68 -1.43
N VAL D 111 32.36 25.55 -0.74
CA VAL D 111 31.35 25.36 0.30
C VAL D 111 31.72 26.16 1.54
N LEU D 112 33.02 26.34 1.78
CA LEU D 112 33.49 27.09 2.93
C LEU D 112 33.33 28.59 2.71
N GLU D 113 33.78 29.08 1.57
CA GLU D 113 33.67 30.50 1.25
C GLU D 113 32.22 30.97 1.23
N ASP D 114 31.33 30.13 0.74
CA ASP D 114 29.91 30.48 0.69
C ASP D 114 29.11 29.58 1.62
N PHE D 115 29.54 29.53 2.88
CA PHE D 115 28.84 28.72 3.88
C PHE D 115 27.51 29.35 4.26
N PRO D 116 27.43 30.70 4.31
CA PRO D 116 26.17 31.36 4.67
C PRO D 116 25.00 30.78 3.88
N THR D 117 25.24 30.45 2.63
CA THR D 117 24.22 29.89 1.76
C THR D 117 23.79 28.53 2.28
N ILE D 118 24.77 27.71 2.67
CA ILE D 118 24.51 26.38 3.20
C ILE D 118 23.87 26.44 4.59
N SER D 119 24.40 27.31 5.44
CA SER D 119 23.88 27.46 6.79
C SER D 119 22.44 27.99 6.75
N LEU D 120 22.18 28.87 5.78
CA LEU D 120 20.85 29.44 5.63
C LEU D 120 19.84 28.34 5.41
N GLU D 121 20.11 27.49 4.40
CA GLU D 121 19.22 26.39 4.06
C GLU D 121 19.16 25.35 5.18
N PHE D 122 20.14 25.39 6.07
CA PHE D 122 20.19 24.48 7.21
C PHE D 122 19.15 24.93 8.24
N ARG D 123 19.07 26.23 8.45
CA ARG D 123 18.14 26.80 9.41
C ARG D 123 16.70 26.81 8.89
N ASN D 124 16.51 26.33 7.66
CA ASN D 124 15.17 26.29 7.08
C ASN D 124 14.62 24.86 7.17
N LEU D 125 15.49 23.91 7.47
CA LEU D 125 15.08 22.52 7.61
C LEU D 125 14.30 22.39 8.91
N ALA D 126 13.44 21.39 9.01
CA ALA D 126 12.66 21.19 10.23
C ALA D 126 13.62 21.13 11.41
N GLU D 127 13.23 21.72 12.52
CA GLU D 127 14.06 21.75 13.70
C GLU D 127 14.52 20.35 14.13
N LYS D 128 13.69 19.35 13.90
CA LYS D 128 14.02 17.98 14.26
C LYS D 128 15.24 17.47 13.50
N TYR D 129 15.54 18.10 12.37
CA TYR D 129 16.68 17.70 11.55
C TYR D 129 17.91 18.51 11.97
N GLN D 130 17.70 19.75 12.34
CA GLN D 130 18.79 20.62 12.76
C GLN D 130 19.55 19.99 13.93
N THR D 131 18.80 19.41 14.86
CA THR D 131 19.40 18.78 16.03
C THR D 131 20.29 17.61 15.62
N VAL D 132 19.76 16.73 14.79
CA VAL D 132 20.51 15.56 14.33
C VAL D 132 21.80 15.98 13.63
N ILE D 133 21.68 16.83 12.63
CA ILE D 133 22.83 17.31 11.87
C ILE D 133 23.84 18.04 12.75
N ALA D 134 23.33 18.94 13.61
CA ALA D 134 24.19 19.70 14.49
C ALA D 134 24.94 18.78 15.46
N ASP D 135 24.22 17.81 16.02
CA ASP D 135 24.80 16.87 16.97
C ASP D 135 25.95 16.07 16.36
N ILE D 136 25.71 15.48 15.19
CA ILE D 136 26.73 14.69 14.53
C ILE D 136 27.92 15.56 14.18
N CYS D 137 27.65 16.67 13.51
CA CYS D 137 28.70 17.60 13.10
C CYS D 137 29.55 18.08 14.28
N ARG D 138 28.97 18.08 15.47
CA ARG D 138 29.67 18.51 16.67
C ARG D 138 30.56 17.38 17.18
N ARG D 139 29.98 16.18 17.27
CA ARG D 139 30.70 15.01 17.74
C ARG D 139 31.76 14.54 16.75
N MET D 140 31.51 14.81 15.47
CA MET D 140 32.44 14.41 14.43
C MET D 140 33.63 15.36 14.38
N GLY D 141 33.40 16.63 14.71
CA GLY D 141 34.46 17.61 14.69
C GLY D 141 35.48 17.33 15.78
N ILE D 142 34.99 16.79 16.90
CA ILE D 142 35.84 16.46 18.03
C ILE D 142 36.75 15.28 17.68
N GLY D 143 36.16 14.26 17.08
CA GLY D 143 36.92 13.09 16.70
C GLY D 143 38.06 13.42 15.76
N MET D 144 37.76 14.18 14.71
CA MET D 144 38.76 14.56 13.73
C MET D 144 39.89 15.38 14.35
N ALA D 145 39.54 16.20 15.34
CA ALA D 145 40.53 17.03 16.02
C ALA D 145 41.45 16.14 16.84
N GLU D 146 40.91 15.03 17.33
CA GLU D 146 41.66 14.09 18.14
C GLU D 146 42.71 13.33 17.32
N PHE D 147 42.34 12.93 16.11
CA PHE D 147 43.24 12.18 15.24
C PHE D 147 43.99 13.05 14.25
N LEU D 148 44.54 14.17 14.71
CA LEU D 148 45.29 15.04 13.83
C LEU D 148 46.78 14.80 13.99
N ASP D 149 47.20 14.57 15.22
CA ASP D 149 48.60 14.32 15.53
C ASP D 149 48.87 12.82 15.67
N LYS D 150 47.82 12.02 15.56
CA LYS D 150 47.96 10.57 15.69
C LYS D 150 47.70 9.80 14.41
N HIS D 151 48.05 8.52 14.48
CA HIS D 151 47.86 7.58 13.37
C HIS D 151 47.18 6.37 14.01
N VAL D 152 46.44 5.61 13.23
CA VAL D 152 45.76 4.43 13.76
C VAL D 152 46.77 3.39 14.24
N THR D 153 46.75 3.11 15.53
CA THR D 153 47.68 2.14 16.11
C THR D 153 47.06 0.75 16.23
N SER D 154 46.18 0.57 17.21
CA SER D 154 45.52 -0.70 17.41
C SER D 154 44.24 -0.80 16.61
N GLU D 155 43.74 -2.03 16.42
CA GLU D 155 42.52 -2.24 15.67
C GLU D 155 41.33 -1.62 16.39
N GLN D 156 41.39 -1.61 17.72
CA GLN D 156 40.32 -1.02 18.52
C GLN D 156 40.27 0.46 18.21
N GLU D 157 41.43 1.04 17.90
CA GLU D 157 41.54 2.45 17.58
C GLU D 157 41.06 2.70 16.15
N TRP D 158 41.19 1.69 15.31
CA TRP D 158 40.78 1.80 13.91
C TRP D 158 39.26 1.97 13.83
N ASP D 159 38.53 1.23 14.66
CA ASP D 159 37.08 1.33 14.69
C ASP D 159 36.69 2.71 15.17
N LYS D 160 37.44 3.20 16.16
CA LYS D 160 37.20 4.51 16.75
C LYS D 160 37.32 5.60 15.68
N TYR D 161 38.37 5.53 14.88
CA TYR D 161 38.57 6.50 13.82
C TYR D 161 37.43 6.45 12.82
N CYS D 162 37.15 5.25 12.32
CA CYS D 162 36.08 5.06 11.35
C CYS D 162 34.75 5.53 11.90
N HIS D 163 34.62 5.52 13.22
CA HIS D 163 33.39 5.95 13.87
C HIS D 163 33.21 7.46 13.75
N TYR D 164 34.29 8.19 14.04
CA TYR D 164 34.25 9.65 13.96
C TYR D 164 34.16 10.18 12.53
N VAL D 165 34.42 9.32 11.55
CA VAL D 165 34.37 9.75 10.15
C VAL D 165 33.30 9.09 9.31
N ALA D 166 32.99 7.83 9.61
CA ALA D 166 31.97 7.11 8.85
C ALA D 166 30.89 6.53 9.74
N GLY D 167 31.24 6.25 10.99
CA GLY D 167 30.28 5.69 11.92
C GLY D 167 29.14 6.66 12.23
N LEU D 168 29.50 7.82 12.77
CA LEU D 168 28.52 8.85 13.11
C LEU D 168 27.64 9.22 11.92
N VAL D 169 28.21 9.16 10.72
CA VAL D 169 27.48 9.49 9.50
C VAL D 169 26.32 8.50 9.33
N GLY D 170 26.63 7.22 9.50
CA GLY D 170 25.60 6.19 9.37
C GLY D 170 24.51 6.37 10.40
N ILE D 171 24.89 6.87 11.58
CA ILE D 171 23.92 7.09 12.65
C ILE D 171 23.07 8.30 12.35
N GLY D 172 23.72 9.40 11.96
CA GLY D 172 22.99 10.62 11.63
C GLY D 172 21.90 10.37 10.62
N LEU D 173 22.23 9.69 9.54
CA LEU D 173 21.26 9.38 8.51
C LEU D 173 20.12 8.55 9.08
N SER D 174 20.47 7.50 9.83
CA SER D 174 19.46 6.63 10.43
C SER D 174 18.50 7.44 11.28
N ARG D 175 19.04 8.39 12.04
CA ARG D 175 18.23 9.24 12.89
C ARG D 175 17.40 10.23 12.08
N LEU D 176 17.80 10.44 10.83
CA LEU D 176 17.09 11.36 9.93
C LEU D 176 15.93 10.65 9.24
N PHE D 177 16.18 9.40 8.84
CA PHE D 177 15.16 8.60 8.16
C PHE D 177 13.98 8.29 9.08
N SER D 178 14.28 8.07 10.36
CA SER D 178 13.23 7.77 11.33
C SER D 178 12.54 9.04 11.79
N ALA D 179 13.21 10.18 11.61
CA ALA D 179 12.66 11.45 12.02
C ALA D 179 11.61 11.91 11.00
N SER D 180 11.80 11.52 9.75
CA SER D 180 10.88 11.88 8.68
C SER D 180 9.73 10.89 8.59
N GLU D 181 9.82 9.81 9.37
CA GLU D 181 8.80 8.76 9.38
C GLU D 181 8.77 7.89 8.13
N PHE D 182 9.69 8.14 7.20
CA PHE D 182 9.76 7.33 5.98
C PHE D 182 10.30 5.96 6.35
N GLU D 183 10.90 5.87 7.53
CA GLU D 183 11.47 4.62 8.03
C GLU D 183 11.04 4.35 9.46
N ASP D 184 11.01 3.06 9.82
CA ASP D 184 10.63 2.64 11.16
C ASP D 184 11.54 3.26 12.22
N PRO D 185 11.00 3.59 13.40
CA PRO D 185 11.74 4.18 14.52
C PRO D 185 12.91 3.32 14.98
N LEU D 186 12.88 2.04 14.61
CA LEU D 186 13.93 1.10 14.99
C LEU D 186 15.25 1.44 14.30
N VAL D 187 15.19 1.89 13.06
CA VAL D 187 16.37 2.23 12.29
C VAL D 187 17.21 3.32 12.95
N GLY D 188 16.57 4.23 13.66
CA GLY D 188 17.29 5.31 14.30
C GLY D 188 17.76 5.00 15.72
N GLU D 189 17.19 3.96 16.32
CA GLU D 189 17.56 3.58 17.68
C GLU D 189 18.79 2.68 17.72
N ASP D 190 18.76 1.60 16.95
CA ASP D 190 19.88 0.66 16.92
C ASP D 190 21.10 1.27 16.24
N THR D 191 21.78 2.17 16.96
CA THR D 191 22.96 2.86 16.44
C THR D 191 24.15 1.92 16.27
N GLU D 192 24.11 0.78 16.94
CA GLU D 192 25.20 -0.18 16.86
C GLU D 192 25.29 -0.74 15.44
N ARG D 193 24.13 -0.79 14.76
CA ARG D 193 24.06 -1.29 13.40
C ARG D 193 24.39 -0.19 12.41
N ALA D 194 23.80 0.98 12.61
CA ALA D 194 24.04 2.11 11.73
C ALA D 194 25.54 2.43 11.70
N ASN D 195 26.21 2.14 12.81
CA ASN D 195 27.63 2.39 12.92
C ASN D 195 28.40 1.46 11.97
N SER D 196 28.02 0.18 11.96
CA SER D 196 28.67 -0.82 11.10
C SER D 196 28.59 -0.41 9.63
N MET D 197 27.47 0.16 9.22
CA MET D 197 27.29 0.60 7.84
C MET D 197 28.44 1.53 7.46
N GLY D 198 28.75 2.47 8.36
CA GLY D 198 29.83 3.41 8.11
C GLY D 198 31.19 2.75 8.15
N LEU D 199 31.44 1.98 9.20
CA LEU D 199 32.72 1.30 9.36
C LEU D 199 33.01 0.39 8.17
N PHE D 200 32.00 -0.31 7.68
CA PHE D 200 32.22 -1.21 6.56
C PHE D 200 32.63 -0.47 5.28
N LEU D 201 32.00 0.67 5.03
CA LEU D 201 32.32 1.46 3.84
C LEU D 201 33.68 2.16 4.01
N GLN D 202 33.91 2.71 5.20
CA GLN D 202 35.15 3.41 5.49
C GLN D 202 36.36 2.50 5.30
N LYS D 203 36.41 1.43 6.08
CA LYS D 203 37.50 0.47 6.01
C LYS D 203 37.75 0.03 4.56
N THR D 204 36.68 -0.22 3.82
CA THR D 204 36.81 -0.64 2.43
C THR D 204 37.64 0.38 1.66
N ASN D 205 37.25 1.65 1.75
CA ASN D 205 37.98 2.71 1.07
C ASN D 205 39.44 2.76 1.49
N ILE D 206 39.66 2.79 2.80
CA ILE D 206 41.01 2.83 3.34
C ILE D 206 41.84 1.66 2.84
N ILE D 207 41.33 0.45 3.02
CA ILE D 207 42.04 -0.75 2.59
C ILE D 207 42.53 -0.69 1.15
N ARG D 208 41.72 -0.14 0.26
CA ARG D 208 42.12 -0.06 -1.15
C ARG D 208 42.97 1.17 -1.45
N ASP D 209 42.59 2.32 -0.89
CA ASP D 209 43.32 3.56 -1.13
C ASP D 209 44.63 3.60 -0.36
N TYR D 210 45.42 2.54 -0.46
CA TYR D 210 46.70 2.47 0.22
C TYR D 210 47.69 3.40 -0.46
N LEU D 211 47.94 3.15 -1.75
CA LEU D 211 48.87 3.95 -2.53
C LEU D 211 48.45 5.42 -2.51
N GLU D 212 47.16 5.66 -2.71
CA GLU D 212 46.60 7.01 -2.72
C GLU D 212 47.03 7.82 -1.49
N ASP D 213 46.74 7.30 -0.31
CA ASP D 213 47.09 7.99 0.93
C ASP D 213 48.58 7.91 1.22
N GLN D 214 49.29 7.05 0.49
CA GLN D 214 50.73 6.89 0.68
C GLN D 214 51.51 8.02 0.03
N GLN D 215 51.00 8.54 -1.08
CA GLN D 215 51.66 9.63 -1.79
C GLN D 215 51.19 10.97 -1.22
N GLY D 216 50.21 10.90 -0.31
CA GLY D 216 49.70 12.10 0.31
C GLY D 216 50.36 12.31 1.65
N GLY D 217 50.75 11.21 2.30
CA GLY D 217 51.40 11.31 3.59
C GLY D 217 50.56 10.81 4.76
N ARG D 218 49.40 10.25 4.47
CA ARG D 218 48.53 9.73 5.53
C ARG D 218 48.68 8.22 5.69
N GLU D 219 48.49 7.74 6.91
CA GLU D 219 48.60 6.32 7.22
C GLU D 219 47.40 5.86 8.04
N PHE D 220 46.38 5.35 7.36
CA PHE D 220 45.17 4.89 8.02
C PHE D 220 45.23 3.44 8.48
N TRP D 221 46.03 2.63 7.79
CA TRP D 221 46.17 1.22 8.14
C TRP D 221 46.63 1.11 9.60
N PRO D 222 45.94 0.26 10.39
CA PRO D 222 46.26 0.05 11.81
C PRO D 222 47.67 -0.46 12.09
N GLN D 223 48.40 0.29 12.91
CA GLN D 223 49.77 -0.03 13.28
C GLN D 223 49.97 -1.48 13.70
N GLU D 224 49.30 -1.90 14.76
CA GLU D 224 49.42 -3.26 15.28
C GLU D 224 49.20 -4.34 14.23
N VAL D 225 48.79 -3.94 13.03
CA VAL D 225 48.56 -4.88 11.96
C VAL D 225 49.73 -4.93 10.96
N TRP D 226 50.03 -3.79 10.34
CA TRP D 226 51.13 -3.74 9.37
C TRP D 226 52.49 -3.91 10.04
N SER D 227 52.64 -3.35 11.24
CA SER D 227 53.90 -3.45 11.97
C SER D 227 54.25 -4.91 12.25
N ARG D 228 53.23 -5.76 12.26
CA ARG D 228 53.43 -7.19 12.51
C ARG D 228 53.92 -7.85 11.22
N TYR D 229 54.27 -7.02 10.24
CA TYR D 229 54.74 -7.53 8.96
C TYR D 229 55.98 -6.81 8.44
N VAL D 230 56.10 -5.52 8.73
CA VAL D 230 57.25 -4.74 8.29
C VAL D 230 57.70 -3.72 9.33
N LYS D 231 58.55 -2.80 8.89
CA LYS D 231 59.08 -1.75 9.77
C LYS D 231 58.23 -0.49 9.63
N LYS D 232 58.20 0.06 8.41
CA LYS D 232 57.43 1.26 8.13
C LYS D 232 56.21 0.88 7.32
N LEU D 233 55.10 1.58 7.52
CA LEU D 233 53.87 1.29 6.80
C LEU D 233 53.99 1.48 5.30
N GLY D 234 55.01 2.20 4.86
CA GLY D 234 55.21 2.43 3.44
C GLY D 234 56.05 1.36 2.76
N ASP D 235 56.47 0.36 3.53
CA ASP D 235 57.30 -0.72 3.00
C ASP D 235 56.55 -1.61 2.02
N PHE D 236 55.23 -1.67 2.14
CA PHE D 236 54.43 -2.51 1.24
C PHE D 236 54.58 -2.06 -0.20
N ALA D 237 54.85 -0.77 -0.41
CA ALA D 237 55.02 -0.22 -1.74
C ALA D 237 56.24 -0.81 -2.43
N LEU D 238 57.14 -1.38 -1.66
CA LEU D 238 58.36 -1.97 -2.21
C LEU D 238 58.09 -3.42 -2.60
N PRO D 239 58.43 -3.79 -3.86
CA PRO D 239 58.24 -5.12 -4.43
C PRO D 239 58.69 -6.31 -3.56
N GLU D 240 59.87 -6.19 -2.96
CA GLU D 240 60.40 -7.27 -2.13
C GLU D 240 59.57 -7.48 -0.85
N ASN D 241 58.41 -6.85 -0.80
CA ASN D 241 57.52 -6.97 0.36
C ASN D 241 56.10 -7.27 -0.09
N ILE D 242 55.93 -7.54 -1.38
CA ILE D 242 54.62 -7.84 -1.94
C ILE D 242 53.96 -9.05 -1.29
N ASP D 243 54.76 -9.97 -0.77
CA ASP D 243 54.23 -11.16 -0.11
C ASP D 243 53.81 -10.87 1.32
N LEU D 244 54.31 -9.78 1.88
CA LEU D 244 53.97 -9.39 3.24
C LEU D 244 52.83 -8.39 3.18
N ALA D 245 52.77 -7.65 2.07
CA ALA D 245 51.75 -6.64 1.88
C ALA D 245 50.40 -7.32 1.65
N VAL D 246 50.38 -8.34 0.81
CA VAL D 246 49.16 -9.07 0.51
C VAL D 246 48.64 -9.83 1.72
N GLN D 247 49.53 -10.23 2.63
CA GLN D 247 49.12 -10.96 3.82
C GLN D 247 48.54 -10.00 4.85
N CYS D 248 48.93 -8.73 4.76
CA CYS D 248 48.43 -7.70 5.67
C CYS D 248 47.10 -7.21 5.11
N LEU D 249 47.04 -7.11 3.79
CA LEU D 249 45.84 -6.67 3.10
C LEU D 249 44.70 -7.62 3.45
N ASN D 250 44.92 -8.90 3.18
CA ASN D 250 43.93 -9.94 3.45
C ASN D 250 43.46 -9.91 4.90
N GLU D 251 44.38 -9.63 5.83
CA GLU D 251 44.03 -9.60 7.24
C GLU D 251 43.01 -8.49 7.51
N LEU D 252 43.25 -7.31 6.96
CA LEU D 252 42.35 -6.18 7.13
C LEU D 252 41.00 -6.47 6.50
N ILE D 253 41.02 -6.95 5.25
CA ILE D 253 39.79 -7.27 4.55
C ILE D 253 38.95 -8.21 5.40
N THR D 254 39.62 -9.14 6.08
CA THR D 254 38.94 -10.10 6.94
C THR D 254 38.20 -9.34 8.05
N ASN D 255 38.90 -8.38 8.65
CA ASN D 255 38.33 -7.58 9.73
C ASN D 255 37.04 -6.89 9.27
N ALA D 256 37.10 -6.26 8.11
CA ALA D 256 35.95 -5.56 7.57
C ALA D 256 34.79 -6.51 7.28
N LEU D 257 35.11 -7.73 6.86
CA LEU D 257 34.09 -8.71 6.56
C LEU D 257 33.18 -9.04 7.74
N HIS D 258 33.64 -8.72 8.95
CA HIS D 258 32.86 -8.98 10.16
C HIS D 258 31.69 -8.01 10.32
N HIS D 259 31.70 -6.93 9.53
CA HIS D 259 30.65 -5.94 9.59
C HIS D 259 29.45 -6.34 8.75
N ILE D 260 29.71 -7.04 7.64
CA ILE D 260 28.65 -7.48 6.74
C ILE D 260 27.39 -7.98 7.44
N PRO D 261 27.54 -8.87 8.43
CA PRO D 261 26.38 -9.38 9.16
C PRO D 261 25.42 -8.28 9.60
N ASP D 262 25.98 -7.19 10.11
CA ASP D 262 25.17 -6.06 10.57
C ASP D 262 24.57 -5.31 9.39
N VAL D 263 25.35 -5.15 8.33
CA VAL D 263 24.87 -4.46 7.14
C VAL D 263 23.60 -5.10 6.62
N ILE D 264 23.56 -6.44 6.62
CA ILE D 264 22.39 -7.16 6.15
C ILE D 264 21.22 -6.91 7.10
N THR D 265 21.50 -6.96 8.39
CA THR D 265 20.48 -6.72 9.41
C THR D 265 19.90 -5.33 9.22
N TYR D 266 20.78 -4.35 9.04
CA TYR D 266 20.38 -2.96 8.85
C TYR D 266 19.49 -2.78 7.63
N LEU D 267 19.98 -3.19 6.47
CA LEU D 267 19.24 -3.07 5.22
C LEU D 267 17.90 -3.81 5.25
N SER D 268 17.84 -4.91 6.00
CA SER D 268 16.63 -5.71 6.11
C SER D 268 15.49 -4.98 6.78
N ARG D 269 15.80 -3.90 7.49
CA ARG D 269 14.80 -3.12 8.19
C ARG D 269 14.23 -1.98 7.35
N LEU D 270 14.98 -1.57 6.33
CA LEU D 270 14.52 -0.49 5.45
C LEU D 270 13.26 -0.90 4.71
N ARG D 271 12.35 0.04 4.52
CA ARG D 271 11.09 -0.23 3.83
C ARG D 271 10.77 0.77 2.72
N ASN D 272 11.49 1.89 2.71
CA ASN D 272 11.29 2.92 1.69
C ASN D 272 12.25 2.65 0.53
N GLN D 273 11.71 2.58 -0.68
CA GLN D 273 12.52 2.31 -1.87
C GLN D 273 13.66 3.30 -2.09
N SER D 274 13.35 4.59 -2.10
CA SER D 274 14.36 5.60 -2.31
C SER D 274 15.48 5.48 -1.28
N VAL D 275 15.11 5.26 -0.02
CA VAL D 275 16.09 5.12 1.04
C VAL D 275 16.90 3.83 0.88
N PHE D 276 16.26 2.80 0.35
CA PHE D 276 16.92 1.52 0.14
C PHE D 276 18.02 1.67 -0.89
N ASN D 277 17.70 2.30 -2.02
CA ASN D 277 18.68 2.50 -3.07
C ASN D 277 19.85 3.31 -2.54
N PHE D 278 19.54 4.22 -1.63
CA PHE D 278 20.54 5.10 -1.01
C PHE D 278 21.51 4.37 -0.11
N CYS D 279 21.02 3.32 0.57
CA CYS D 279 21.85 2.55 1.49
C CYS D 279 22.43 1.29 0.84
N ALA D 280 21.57 0.52 0.19
CA ALA D 280 21.97 -0.73 -0.45
C ALA D 280 23.09 -0.55 -1.48
N ILE D 281 22.87 0.30 -2.48
CA ILE D 281 23.85 0.52 -3.54
C ILE D 281 25.28 0.67 -3.01
N PRO D 282 25.52 1.59 -2.07
CA PRO D 282 26.87 1.79 -1.53
C PRO D 282 27.47 0.50 -0.96
N GLN D 283 26.71 -0.16 -0.09
CA GLN D 283 27.16 -1.39 0.55
C GLN D 283 27.55 -2.44 -0.49
N VAL D 284 26.65 -2.71 -1.43
CA VAL D 284 26.90 -3.70 -2.47
C VAL D 284 28.17 -3.36 -3.24
N MET D 285 28.36 -2.06 -3.49
CA MET D 285 29.52 -1.59 -4.23
C MET D 285 30.79 -1.74 -3.39
N ALA D 286 30.63 -1.70 -2.08
CA ALA D 286 31.77 -1.84 -1.18
C ALA D 286 32.24 -3.29 -1.14
N ILE D 287 31.28 -4.22 -1.08
CA ILE D 287 31.60 -5.63 -1.04
C ILE D 287 32.31 -6.01 -2.33
N ALA D 288 31.82 -5.48 -3.44
CA ALA D 288 32.40 -5.75 -4.75
C ALA D 288 33.86 -5.36 -4.75
N THR D 289 34.20 -4.31 -4.01
CA THR D 289 35.56 -3.83 -3.93
C THR D 289 36.45 -4.82 -3.17
N LEU D 290 35.99 -5.24 -1.99
CA LEU D 290 36.75 -6.18 -1.19
C LEU D 290 37.01 -7.47 -1.96
N ALA D 291 36.04 -7.89 -2.76
CA ALA D 291 36.18 -9.11 -3.54
C ALA D 291 37.17 -8.96 -4.69
N ALA D 292 37.48 -7.71 -5.03
CA ALA D 292 38.41 -7.45 -6.12
C ALA D 292 39.79 -7.08 -5.60
N CYS D 293 39.90 -6.83 -4.31
CA CYS D 293 41.16 -6.46 -3.70
C CYS D 293 41.78 -7.61 -2.91
N TYR D 294 40.94 -8.56 -2.50
CA TYR D 294 41.41 -9.70 -1.72
C TYR D 294 42.53 -10.45 -2.43
N ASN D 295 43.61 -10.71 -1.69
CA ASN D 295 44.76 -11.42 -2.22
C ASN D 295 45.11 -10.90 -3.60
N ASN D 296 45.25 -9.58 -3.72
CA ASN D 296 45.58 -8.95 -4.99
C ASN D 296 46.75 -7.97 -4.82
N GLN D 297 47.81 -8.20 -5.58
CA GLN D 297 48.99 -7.35 -5.51
C GLN D 297 48.79 -5.98 -6.14
N GLN D 298 47.91 -5.92 -7.14
CA GLN D 298 47.65 -4.67 -7.84
C GLN D 298 47.22 -3.54 -6.90
N VAL D 299 46.91 -3.90 -5.65
CA VAL D 299 46.50 -2.93 -4.65
C VAL D 299 47.69 -2.09 -4.22
N PHE D 300 48.87 -2.44 -4.72
CA PHE D 300 50.09 -1.74 -4.38
C PHE D 300 50.77 -1.17 -5.63
N LYS D 301 49.96 -0.91 -6.66
CA LYS D 301 50.47 -0.36 -7.91
C LYS D 301 49.44 0.59 -8.53
N ALA D 311 27.85 -14.05 -11.82
CA ALA D 311 27.04 -14.89 -12.69
C ALA D 311 25.58 -14.47 -12.61
N VAL D 312 25.00 -14.54 -11.42
CA VAL D 312 23.61 -14.16 -11.21
C VAL D 312 23.52 -12.67 -10.92
N THR D 313 24.67 -12.05 -10.68
CA THR D 313 24.73 -10.62 -10.38
C THR D 313 24.35 -9.79 -11.60
N LEU D 314 24.42 -10.41 -12.78
CA LEU D 314 24.09 -9.72 -14.01
C LEU D 314 22.64 -9.91 -14.42
N MET D 315 21.86 -10.54 -13.55
CA MET D 315 20.45 -10.78 -13.84
C MET D 315 19.52 -10.14 -12.82
N MET D 316 20.10 -9.43 -11.85
CA MET D 316 19.31 -8.78 -10.81
C MET D 316 20.08 -7.64 -10.16
N ASP D 317 19.40 -6.54 -9.91
CA ASP D 317 20.03 -5.38 -9.28
C ASP D 317 19.65 -5.31 -7.80
N ALA D 318 20.17 -4.30 -7.10
CA ALA D 318 19.91 -4.14 -5.68
C ALA D 318 18.68 -3.28 -5.37
N THR D 319 17.51 -3.75 -5.77
CA THR D 319 16.27 -3.01 -5.51
C THR D 319 15.46 -3.66 -4.40
N ASN D 320 15.72 -4.93 -4.15
CA ASN D 320 15.02 -5.67 -3.10
C ASN D 320 16.04 -6.35 -2.19
N MET D 321 15.62 -6.69 -0.98
CA MET D 321 16.51 -7.33 -0.02
C MET D 321 17.05 -8.67 -0.51
N PRO D 322 16.15 -9.57 -0.97
CA PRO D 322 16.60 -10.88 -1.44
C PRO D 322 17.72 -10.79 -2.46
N ALA D 323 17.65 -9.80 -3.34
CA ALA D 323 18.68 -9.61 -4.35
C ALA D 323 19.98 -9.17 -3.69
N VAL D 324 19.87 -8.17 -2.81
CA VAL D 324 21.04 -7.66 -2.11
C VAL D 324 21.80 -8.79 -1.45
N LYS D 325 21.07 -9.67 -0.77
CA LYS D 325 21.69 -10.81 -0.10
C LYS D 325 22.38 -11.68 -1.12
N ALA D 326 21.63 -12.11 -2.13
CA ALA D 326 22.14 -12.96 -3.19
C ALA D 326 23.45 -12.41 -3.75
N ILE D 327 23.47 -11.11 -4.02
CA ILE D 327 24.66 -10.45 -4.54
C ILE D 327 25.80 -10.61 -3.55
N ILE D 328 25.52 -10.32 -2.28
CA ILE D 328 26.53 -10.40 -1.23
C ILE D 328 27.11 -11.81 -1.15
N TYR D 329 26.23 -12.79 -1.04
CA TYR D 329 26.66 -14.19 -0.93
C TYR D 329 27.60 -14.57 -2.05
N GLN D 330 27.30 -14.15 -3.28
CA GLN D 330 28.16 -14.47 -4.42
C GLN D 330 29.56 -13.89 -4.27
N TYR D 331 29.64 -12.66 -3.76
CA TYR D 331 30.93 -12.02 -3.57
C TYR D 331 31.69 -12.70 -2.44
N MET D 332 30.95 -13.31 -1.53
CA MET D 332 31.57 -14.01 -0.40
C MET D 332 32.28 -15.25 -0.89
N GLU D 333 31.70 -15.92 -1.88
CA GLU D 333 32.28 -17.13 -2.43
C GLU D 333 33.47 -16.78 -3.32
N GLU D 334 33.36 -15.69 -4.05
CA GLU D 334 34.43 -15.25 -4.94
C GLU D 334 35.70 -15.07 -4.13
N ILE D 335 35.53 -14.65 -2.88
CA ILE D 335 36.65 -14.45 -1.97
C ILE D 335 36.99 -15.78 -1.31
N TYR D 336 35.95 -16.52 -0.94
CA TYR D 336 36.10 -17.80 -0.30
C TYR D 336 36.77 -18.82 -1.22
N HIS D 337 36.68 -18.56 -2.52
CA HIS D 337 37.27 -19.44 -3.53
C HIS D 337 38.62 -18.91 -4.00
N ARG D 338 39.28 -18.13 -3.15
CA ARG D 338 40.60 -17.58 -3.46
C ARG D 338 41.41 -17.45 -2.20
N ILE D 339 40.98 -18.13 -1.15
CA ILE D 339 41.67 -18.10 0.13
C ILE D 339 42.82 -19.13 0.15
N PRO D 340 44.06 -18.64 0.03
CA PRO D 340 45.23 -19.52 0.04
C PRO D 340 45.49 -20.05 1.45
N ASP D 341 45.62 -21.37 1.57
CA ASP D 341 45.86 -22.00 2.85
C ASP D 341 47.17 -21.50 3.46
N SER D 342 48.03 -20.92 2.63
CA SER D 342 49.31 -20.40 3.07
C SER D 342 49.17 -19.09 3.85
N ASN D 343 48.15 -18.31 3.51
CA ASN D 343 47.92 -17.03 4.19
C ASN D 343 47.52 -17.28 5.64
N PRO D 344 48.13 -16.54 6.59
CA PRO D 344 47.86 -16.68 8.02
C PRO D 344 46.42 -16.37 8.44
N SER D 345 45.71 -15.62 7.60
CA SER D 345 44.33 -15.25 7.89
C SER D 345 43.36 -16.32 7.38
N SER D 346 43.89 -17.29 6.67
CA SER D 346 43.08 -18.37 6.10
C SER D 346 41.97 -18.86 7.03
N SER D 347 42.32 -19.07 8.30
CA SER D 347 41.34 -19.55 9.27
C SER D 347 40.20 -18.56 9.50
N LYS D 348 40.54 -17.37 10.00
CA LYS D 348 39.54 -16.35 10.28
C LYS D 348 38.66 -16.07 9.07
N THR D 349 39.27 -15.64 7.97
CA THR D 349 38.55 -15.33 6.74
C THR D 349 37.44 -16.33 6.47
N ARG D 350 37.74 -17.61 6.60
CA ARG D 350 36.77 -18.67 6.36
C ARG D 350 35.71 -18.70 7.45
N GLN D 351 36.17 -18.68 8.70
CA GLN D 351 35.27 -18.73 9.86
C GLN D 351 34.18 -17.65 9.76
N ILE D 352 34.60 -16.44 9.39
CA ILE D 352 33.66 -15.32 9.28
C ILE D 352 32.72 -15.49 8.09
N ILE D 353 33.27 -15.89 6.95
CA ILE D 353 32.44 -16.09 5.75
C ILE D 353 31.43 -17.20 5.98
N SER D 354 31.76 -18.14 6.85
CA SER D 354 30.87 -19.25 7.15
C SER D 354 29.70 -18.77 8.01
N THR D 355 29.94 -17.76 8.82
CA THR D 355 28.91 -17.21 9.70
C THR D 355 27.89 -16.39 8.91
N ILE D 356 28.36 -15.74 7.85
CA ILE D 356 27.49 -14.92 7.01
C ILE D 356 26.57 -15.79 6.16
N ARG D 357 27.14 -16.88 5.62
CA ARG D 357 26.38 -17.80 4.78
C ARG D 357 25.41 -18.63 5.60
N THR D 358 25.68 -18.75 6.90
CA THR D 358 24.83 -19.54 7.78
C THR D 358 23.76 -18.66 8.42
N GLN D 359 24.10 -17.42 8.72
CA GLN D 359 23.20 -16.47 9.36
C GLN D 359 21.72 -16.79 9.23
N ASN D 360 21.12 -16.43 8.10
CA ASN D 360 19.70 -16.67 7.84
C ASN D 360 18.87 -15.54 8.42
N SER E 27 24.98 -23.86 15.30
CA SER E 27 25.02 -25.29 15.01
C SER E 27 26.02 -25.59 13.89
N SER E 28 27.23 -25.99 14.28
CA SER E 28 28.27 -26.32 13.32
C SER E 28 27.82 -27.35 12.31
N SER E 29 26.87 -28.19 12.70
CA SER E 29 26.34 -29.21 11.80
C SER E 29 25.62 -28.54 10.63
N LEU E 30 24.96 -27.43 10.92
CA LEU E 30 24.23 -26.70 9.90
C LEU E 30 25.22 -25.94 9.02
N LYS E 31 26.29 -25.44 9.65
CA LYS E 31 27.33 -24.70 8.93
C LYS E 31 27.90 -25.57 7.83
N THR E 32 28.22 -26.81 8.20
CA THR E 32 28.79 -27.77 7.25
C THR E 32 27.91 -27.91 6.01
N CYS E 33 26.61 -28.06 6.24
CA CYS E 33 25.67 -28.20 5.15
C CYS E 33 25.82 -27.09 4.13
N TYR E 34 25.67 -25.85 4.58
CA TYR E 34 25.80 -24.70 3.70
C TYR E 34 27.16 -24.65 3.01
N LYS E 35 28.19 -25.15 3.69
CA LYS E 35 29.52 -25.17 3.11
C LYS E 35 29.50 -26.09 1.90
N TYR E 36 28.81 -27.23 2.04
CA TYR E 36 28.70 -28.19 0.95
C TYR E 36 27.80 -27.67 -0.15
N LEU E 37 26.76 -26.91 0.25
CA LEU E 37 25.82 -26.36 -0.71
C LEU E 37 26.56 -25.48 -1.73
N ASN E 38 27.37 -24.56 -1.23
CA ASN E 38 28.14 -23.67 -2.08
C ASN E 38 29.20 -24.48 -2.81
N GLN E 39 29.43 -25.70 -2.35
CA GLN E 39 30.43 -26.59 -2.92
C GLN E 39 29.82 -27.49 -4.00
N THR E 40 28.53 -27.74 -3.90
CA THR E 40 27.84 -28.60 -4.86
C THR E 40 26.72 -27.85 -5.59
N SER E 41 26.72 -26.52 -5.45
CA SER E 41 25.71 -25.70 -6.11
C SER E 41 26.23 -24.27 -6.26
N ARG E 42 26.77 -23.99 -7.44
CA ARG E 42 27.32 -22.68 -7.75
C ARG E 42 26.26 -21.67 -8.23
N SER E 43 25.20 -22.17 -8.84
CA SER E 43 24.14 -21.30 -9.35
C SER E 43 22.82 -21.43 -8.62
N PHE E 44 22.88 -21.65 -7.31
CA PHE E 44 21.67 -21.79 -6.51
C PHE E 44 21.91 -21.37 -5.06
N ALA E 45 23.08 -21.69 -4.53
CA ALA E 45 23.43 -21.35 -3.16
C ALA E 45 23.10 -19.90 -2.84
N ALA E 46 23.40 -19.02 -3.78
CA ALA E 46 23.15 -17.58 -3.60
C ALA E 46 21.67 -17.28 -3.38
N VAL E 47 20.84 -17.68 -4.33
CA VAL E 47 19.41 -17.44 -4.24
C VAL E 47 18.75 -18.22 -3.12
N ILE E 48 19.29 -19.40 -2.80
CA ILE E 48 18.72 -20.23 -1.74
C ILE E 48 18.95 -19.58 -0.38
N GLN E 49 20.19 -19.20 -0.11
CA GLN E 49 20.54 -18.57 1.14
C GLN E 49 19.84 -17.23 1.30
N ALA E 50 19.09 -16.83 0.27
CA ALA E 50 18.37 -15.56 0.30
C ALA E 50 16.90 -15.79 0.62
N LEU E 51 16.51 -17.06 0.70
CA LEU E 51 15.13 -17.40 1.01
C LEU E 51 14.75 -16.93 2.41
N ASP E 52 13.47 -16.65 2.60
CA ASP E 52 12.97 -16.15 3.88
C ASP E 52 12.63 -17.24 4.90
N GLY E 53 13.19 -17.11 6.09
CA GLY E 53 12.93 -18.05 7.17
C GLY E 53 13.11 -19.52 6.89
N GLU E 54 12.09 -20.30 7.27
CA GLU E 54 12.09 -21.75 7.10
C GLU E 54 12.49 -22.29 5.73
N MET E 55 11.97 -21.70 4.67
CA MET E 55 12.29 -22.15 3.31
C MET E 55 13.79 -22.27 3.10
N ARG E 56 14.55 -21.41 3.76
CA ARG E 56 16.00 -21.39 3.64
C ARG E 56 16.65 -22.74 3.98
N ASN E 57 16.60 -23.11 5.26
CA ASN E 57 17.19 -24.38 5.69
C ASN E 57 16.56 -25.58 5.00
N ALA E 58 15.25 -25.53 4.82
CA ALA E 58 14.53 -26.62 4.16
C ALA E 58 15.09 -26.86 2.76
N VAL E 59 15.03 -25.82 1.92
CA VAL E 59 15.54 -25.91 0.55
C VAL E 59 17.01 -26.29 0.53
N CYS E 60 17.77 -25.77 1.48
CA CYS E 60 19.20 -26.06 1.57
C CYS E 60 19.40 -27.56 1.72
N ILE E 61 18.66 -28.17 2.64
CA ILE E 61 18.74 -29.60 2.89
C ILE E 61 18.19 -30.38 1.70
N PHE E 62 17.05 -29.94 1.18
CA PHE E 62 16.42 -30.59 0.05
C PHE E 62 17.37 -30.71 -1.14
N TYR E 63 18.27 -29.72 -1.27
CA TYR E 63 19.24 -29.70 -2.35
C TYR E 63 20.45 -30.58 -2.04
N LEU E 64 20.64 -30.88 -0.75
CA LEU E 64 21.77 -31.70 -0.32
C LEU E 64 21.50 -33.19 -0.48
N VAL E 65 20.24 -33.58 -0.27
CA VAL E 65 19.86 -34.98 -0.39
C VAL E 65 19.79 -35.40 -1.85
N LEU E 66 19.20 -34.55 -2.69
CA LEU E 66 19.08 -34.84 -4.11
C LEU E 66 20.46 -34.86 -4.74
N ARG E 67 21.37 -34.05 -4.20
CA ARG E 67 22.73 -34.00 -4.71
C ARG E 67 23.41 -35.34 -4.44
N ALA E 68 23.25 -35.82 -3.21
CA ALA E 68 23.83 -37.10 -2.81
C ALA E 68 23.23 -38.23 -3.62
N LEU E 69 21.93 -38.15 -3.88
CA LEU E 69 21.24 -39.16 -4.66
C LEU E 69 21.77 -39.16 -6.10
N ASP E 70 22.00 -37.96 -6.62
CA ASP E 70 22.52 -37.82 -7.98
C ASP E 70 23.97 -38.25 -8.01
N THR E 71 24.66 -38.12 -6.89
CA THR E 71 26.06 -38.51 -6.81
C THR E 71 26.21 -40.02 -6.92
N LEU E 72 25.14 -40.75 -6.62
CA LEU E 72 25.14 -42.21 -6.70
C LEU E 72 24.84 -42.68 -8.11
N GLU E 73 23.70 -42.24 -8.65
CA GLU E 73 23.28 -42.62 -9.99
C GLU E 73 24.36 -42.38 -11.04
N ASP E 74 25.30 -41.49 -10.73
CA ASP E 74 26.36 -41.16 -11.67
C ASP E 74 27.67 -41.89 -11.40
N ASP E 75 27.86 -42.34 -10.15
CA ASP E 75 29.07 -43.05 -9.81
C ASP E 75 29.05 -44.42 -10.48
N MET E 76 29.70 -44.51 -11.64
CA MET E 76 29.73 -45.75 -12.41
C MET E 76 30.53 -46.86 -11.73
N THR E 77 31.41 -46.50 -10.82
CA THR E 77 32.22 -47.48 -10.11
C THR E 77 31.33 -48.45 -9.33
N ILE E 78 30.05 -48.13 -9.24
CA ILE E 78 29.11 -48.98 -8.53
C ILE E 78 28.27 -49.79 -9.51
N SER E 79 28.13 -51.08 -9.23
CA SER E 79 27.35 -51.96 -10.10
C SER E 79 25.86 -51.64 -9.99
N VAL E 80 25.11 -51.97 -11.04
CA VAL E 80 23.68 -51.71 -11.05
C VAL E 80 22.97 -52.52 -9.98
N GLU E 81 23.42 -53.75 -9.77
CA GLU E 81 22.84 -54.63 -8.77
C GLU E 81 23.06 -54.08 -7.36
N LYS E 82 24.12 -53.31 -7.19
CA LYS E 82 24.46 -52.71 -5.90
C LYS E 82 23.91 -51.28 -5.81
N LYS E 83 23.70 -50.67 -6.97
CA LYS E 83 23.20 -49.29 -7.03
C LYS E 83 21.70 -49.21 -6.79
N VAL E 84 20.92 -49.95 -7.58
CA VAL E 84 19.47 -49.95 -7.44
C VAL E 84 19.04 -49.93 -5.97
N PRO E 85 19.57 -50.86 -5.16
CA PRO E 85 19.21 -50.91 -3.74
C PRO E 85 19.49 -49.59 -3.02
N LEU E 86 20.67 -49.03 -3.28
CA LEU E 86 21.07 -47.76 -2.68
C LEU E 86 20.10 -46.64 -3.04
N LEU E 87 19.60 -46.67 -4.27
CA LEU E 87 18.67 -45.65 -4.74
C LEU E 87 17.25 -45.88 -4.23
N HIS E 88 16.80 -47.13 -4.27
CA HIS E 88 15.45 -47.48 -3.81
C HIS E 88 15.29 -47.22 -2.32
N ASN E 89 16.34 -47.44 -1.56
CA ASN E 89 16.30 -47.23 -0.12
C ASN E 89 17.13 -46.03 0.29
N PHE E 90 17.06 -44.96 -0.49
CA PHE E 90 17.82 -43.75 -0.16
C PHE E 90 17.05 -42.91 0.85
N HIS E 91 15.74 -42.81 0.65
CA HIS E 91 14.88 -42.04 1.55
C HIS E 91 14.92 -42.61 2.96
N SER E 92 15.40 -43.84 3.08
CA SER E 92 15.48 -44.51 4.38
C SER E 92 16.76 -44.15 5.12
N PHE E 93 17.84 -43.94 4.37
CA PHE E 93 19.12 -43.59 4.99
C PHE E 93 18.99 -42.29 5.77
N LEU E 94 17.97 -41.50 5.41
CA LEU E 94 17.74 -40.23 6.08
C LEU E 94 17.48 -40.43 7.58
N TYR E 95 16.56 -41.34 7.90
CA TYR E 95 16.22 -41.62 9.28
C TYR E 95 17.19 -42.55 9.99
N GLN E 96 18.29 -42.90 9.32
CA GLN E 96 19.30 -43.79 9.90
C GLN E 96 20.55 -42.99 10.22
N PRO E 97 20.62 -42.42 11.44
CA PRO E 97 21.72 -41.61 11.97
C PRO E 97 23.15 -42.03 11.65
N ASP E 98 23.37 -43.32 11.36
CA ASP E 98 24.71 -43.79 11.06
C ASP E 98 25.09 -43.91 9.59
N TRP E 99 24.13 -44.30 8.75
CA TRP E 99 24.41 -44.49 7.33
C TRP E 99 25.29 -43.43 6.70
N ARG E 100 26.10 -43.87 5.73
CA ARG E 100 27.02 -42.99 5.01
C ARG E 100 27.75 -43.83 3.97
N PHE E 101 27.79 -43.35 2.73
CA PHE E 101 28.46 -44.10 1.66
C PHE E 101 29.92 -43.66 1.57
N MET E 102 30.82 -44.64 1.53
CA MET E 102 32.25 -44.34 1.44
C MET E 102 32.89 -44.85 0.16
N GLU E 103 32.19 -45.75 -0.54
CA GLU E 103 32.71 -46.32 -1.78
C GLU E 103 32.45 -45.45 -2.99
N SER E 104 32.26 -44.15 -2.75
CA SER E 104 32.02 -43.21 -3.84
C SER E 104 33.32 -42.63 -4.38
N LYS E 105 33.45 -42.62 -5.71
CA LYS E 105 34.65 -42.09 -6.35
C LYS E 105 34.39 -40.72 -6.97
N GLU E 106 33.12 -40.30 -6.91
CA GLU E 106 32.73 -39.00 -7.47
C GLU E 106 33.34 -37.86 -6.67
N LYS E 107 33.14 -36.64 -7.15
CA LYS E 107 33.67 -35.45 -6.49
C LYS E 107 32.73 -34.99 -5.37
N ASP E 108 31.44 -35.18 -5.57
CA ASP E 108 30.44 -34.80 -4.58
C ASP E 108 30.35 -35.84 -3.47
N ARG E 109 31.17 -36.89 -3.58
CA ARG E 109 31.20 -37.97 -2.60
C ARG E 109 31.19 -37.43 -1.18
N GLN E 110 31.80 -36.26 -1.01
CA GLN E 110 31.90 -35.61 0.29
C GLN E 110 30.57 -35.55 1.04
N VAL E 111 29.47 -35.35 0.31
CA VAL E 111 28.16 -35.27 0.93
C VAL E 111 27.67 -36.64 1.38
N LEU E 112 28.07 -37.69 0.66
CA LEU E 112 27.67 -39.04 0.99
C LEU E 112 28.46 -39.55 2.20
N GLU E 113 29.77 -39.34 2.17
CA GLU E 113 30.63 -39.78 3.26
C GLU E 113 30.21 -39.12 4.58
N ASP E 114 29.91 -37.83 4.53
CA ASP E 114 29.50 -37.10 5.72
C ASP E 114 28.00 -36.88 5.70
N PHE E 115 27.27 -37.87 5.19
CA PHE E 115 25.82 -37.80 5.10
C PHE E 115 25.15 -37.64 6.46
N PRO E 116 25.66 -38.32 7.50
CA PRO E 116 25.07 -38.21 8.84
C PRO E 116 24.82 -36.76 9.26
N THR E 117 25.69 -35.87 8.81
CA THR E 117 25.58 -34.45 9.13
C THR E 117 24.32 -33.88 8.46
N ILE E 118 24.10 -34.29 7.22
CA ILE E 118 22.94 -33.83 6.45
C ILE E 118 21.68 -34.46 7.01
N SER E 119 21.76 -35.74 7.36
CA SER E 119 20.62 -36.45 7.93
C SER E 119 20.26 -35.82 9.26
N LEU E 120 21.29 -35.34 9.97
CA LEU E 120 21.09 -34.70 11.27
C LEU E 120 20.20 -33.47 11.13
N GLU E 121 20.55 -32.59 10.20
CA GLU E 121 19.77 -31.39 9.97
C GLU E 121 18.39 -31.72 9.42
N PHE E 122 18.33 -32.72 8.54
CA PHE E 122 17.06 -33.14 7.96
C PHE E 122 16.04 -33.43 9.04
N ARG E 123 16.46 -34.17 10.06
CA ARG E 123 15.56 -34.53 11.16
C ARG E 123 15.30 -33.34 12.08
N ASN E 124 16.00 -32.23 11.85
CA ASN E 124 15.83 -31.02 12.65
C ASN E 124 14.78 -30.11 12.02
N LEU E 125 14.28 -30.50 10.87
CA LEU E 125 13.26 -29.71 10.18
C LEU E 125 11.87 -30.17 10.59
N ALA E 126 10.88 -29.30 10.43
CA ALA E 126 9.51 -29.63 10.79
C ALA E 126 9.08 -30.85 9.98
N GLU E 127 8.27 -31.71 10.59
CA GLU E 127 7.79 -32.91 9.91
C GLU E 127 7.20 -32.61 8.54
N LYS E 128 6.58 -31.44 8.42
CA LYS E 128 5.97 -31.05 7.14
C LYS E 128 7.00 -31.09 6.02
N TYR E 129 8.14 -30.47 6.25
CA TYR E 129 9.20 -30.45 5.25
C TYR E 129 9.87 -31.81 5.14
N GLN E 130 9.99 -32.51 6.26
CA GLN E 130 10.59 -33.84 6.26
C GLN E 130 9.73 -34.77 5.41
N THR E 131 8.43 -34.51 5.42
CA THR E 131 7.48 -35.31 4.64
C THR E 131 7.71 -35.12 3.15
N VAL E 132 7.58 -33.89 2.68
CA VAL E 132 7.76 -33.58 1.27
C VAL E 132 9.09 -34.11 0.74
N ILE E 133 10.19 -33.77 1.42
CA ILE E 133 11.51 -34.22 1.00
C ILE E 133 11.58 -35.75 0.89
N ALA E 134 11.43 -36.42 2.02
CA ALA E 134 11.49 -37.88 2.07
C ALA E 134 10.63 -38.52 0.98
N ASP E 135 9.47 -37.93 0.73
CA ASP E 135 8.55 -38.44 -0.29
C ASP E 135 9.20 -38.35 -1.67
N ILE E 136 9.74 -37.17 -2.00
CA ILE E 136 10.38 -36.95 -3.28
C ILE E 136 11.57 -37.90 -3.47
N CYS E 137 12.44 -37.96 -2.46
CA CYS E 137 13.60 -38.83 -2.53
C CYS E 137 13.18 -40.26 -2.81
N ARG E 138 12.00 -40.62 -2.34
CA ARG E 138 11.47 -41.96 -2.55
C ARG E 138 10.95 -42.12 -3.97
N ARG E 139 10.05 -41.23 -4.37
CA ARG E 139 9.48 -41.28 -5.72
C ARG E 139 10.55 -41.11 -6.78
N MET E 140 11.61 -40.40 -6.43
CA MET E 140 12.71 -40.14 -7.34
C MET E 140 13.69 -41.33 -7.36
N GLY E 141 13.93 -41.91 -6.21
CA GLY E 141 14.83 -43.04 -6.12
C GLY E 141 14.37 -44.21 -6.96
N ILE E 142 13.09 -44.18 -7.35
CA ILE E 142 12.51 -45.24 -8.16
C ILE E 142 12.76 -44.96 -9.64
N GLY E 143 12.44 -43.74 -10.06
CA GLY E 143 12.63 -43.36 -11.45
C GLY E 143 14.08 -43.45 -11.91
N MET E 144 14.99 -42.94 -11.09
CA MET E 144 16.41 -42.96 -11.44
C MET E 144 16.90 -44.38 -11.71
N ALA E 145 16.59 -45.30 -10.82
CA ALA E 145 17.00 -46.70 -10.97
C ALA E 145 16.33 -47.34 -12.18
N GLU E 146 15.14 -46.85 -12.52
CA GLU E 146 14.39 -47.38 -13.65
C GLU E 146 15.10 -47.15 -14.99
N PHE E 147 15.96 -46.14 -15.04
CA PHE E 147 16.67 -45.83 -16.28
C PHE E 147 18.14 -46.28 -16.26
N LEU E 148 18.54 -46.94 -15.17
CA LEU E 148 19.93 -47.41 -15.07
C LEU E 148 20.25 -48.47 -16.12
N ASP E 149 19.22 -49.06 -16.71
CA ASP E 149 19.41 -50.09 -17.72
C ASP E 149 18.98 -49.67 -19.13
N LYS E 150 17.99 -48.79 -19.21
CA LYS E 150 17.50 -48.35 -20.50
C LYS E 150 17.97 -46.95 -20.89
N HIS E 151 17.46 -46.48 -22.03
CA HIS E 151 17.80 -45.16 -22.54
C HIS E 151 16.55 -44.41 -22.97
N VAL E 152 16.69 -43.10 -23.16
CA VAL E 152 15.57 -42.27 -23.58
C VAL E 152 15.34 -42.47 -25.07
N THR E 153 14.20 -43.06 -25.41
CA THR E 153 13.87 -43.33 -26.80
C THR E 153 12.95 -42.27 -27.40
N SER E 154 11.68 -42.30 -26.99
CA SER E 154 10.69 -41.35 -27.49
C SER E 154 10.69 -40.04 -26.69
N GLU E 155 10.11 -39.00 -27.28
CA GLU E 155 10.04 -37.70 -26.61
C GLU E 155 9.22 -37.86 -25.33
N GLN E 156 8.28 -38.81 -25.35
CA GLN E 156 7.44 -39.08 -24.19
C GLN E 156 8.30 -39.65 -23.07
N GLU E 157 9.26 -40.48 -23.45
CA GLU E 157 10.16 -41.09 -22.47
C GLU E 157 11.17 -40.05 -21.99
N TRP E 158 11.30 -38.97 -22.75
CA TRP E 158 12.23 -37.90 -22.40
C TRP E 158 11.57 -37.04 -21.31
N ASP E 159 10.28 -36.79 -21.47
CA ASP E 159 9.54 -36.01 -20.49
C ASP E 159 9.47 -36.79 -19.19
N LYS E 160 9.29 -38.11 -19.32
CA LYS E 160 9.21 -38.98 -18.16
C LYS E 160 10.50 -38.93 -17.35
N TYR E 161 11.63 -39.00 -18.05
CA TYR E 161 12.93 -38.96 -17.38
C TYR E 161 13.12 -37.63 -16.66
N CYS E 162 12.88 -36.54 -17.39
CA CYS E 162 13.01 -35.21 -16.83
C CYS E 162 12.09 -35.03 -15.63
N HIS E 163 11.07 -35.88 -15.56
CA HIS E 163 10.12 -35.83 -14.47
C HIS E 163 10.71 -36.39 -13.18
N TYR E 164 11.49 -37.45 -13.30
CA TYR E 164 12.11 -38.08 -12.12
C TYR E 164 13.34 -37.34 -11.61
N VAL E 165 14.23 -36.99 -12.52
CA VAL E 165 15.47 -36.30 -12.15
C VAL E 165 15.33 -34.81 -11.86
N ALA E 166 14.32 -34.16 -12.42
CA ALA E 166 14.13 -32.74 -12.20
C ALA E 166 12.68 -32.32 -11.96
N GLY E 167 11.78 -32.88 -12.76
CA GLY E 167 10.36 -32.57 -12.63
C GLY E 167 9.88 -32.62 -11.20
N LEU E 168 10.19 -33.72 -10.51
CA LEU E 168 9.78 -33.89 -9.12
C LEU E 168 10.43 -32.81 -8.25
N VAL E 169 11.68 -32.49 -8.56
CA VAL E 169 12.40 -31.45 -7.81
C VAL E 169 11.57 -30.18 -7.84
N GLY E 170 10.91 -29.93 -8.97
CA GLY E 170 10.09 -28.75 -9.10
C GLY E 170 8.89 -28.85 -8.17
N ILE E 171 8.23 -30.00 -8.19
CA ILE E 171 7.05 -30.22 -7.35
C ILE E 171 7.41 -30.20 -5.87
N GLY E 172 8.55 -30.80 -5.52
CA GLY E 172 8.97 -30.82 -4.14
C GLY E 172 9.08 -29.43 -3.55
N LEU E 173 9.71 -28.52 -4.30
CA LEU E 173 9.86 -27.14 -3.85
C LEU E 173 8.50 -26.47 -3.76
N SER E 174 7.70 -26.59 -4.82
CA SER E 174 6.38 -25.98 -4.84
C SER E 174 5.60 -26.41 -3.60
N ARG E 175 5.84 -27.63 -3.15
CA ARG E 175 5.16 -28.17 -1.97
C ARG E 175 5.75 -27.62 -0.69
N LEU E 176 7.02 -27.19 -0.75
CA LEU E 176 7.68 -26.61 0.41
C LEU E 176 7.29 -25.14 0.57
N PHE E 177 7.03 -24.48 -0.56
CA PHE E 177 6.64 -23.08 -0.53
C PHE E 177 5.23 -22.93 0.03
N SER E 178 4.40 -23.94 -0.23
CA SER E 178 3.03 -23.92 0.27
C SER E 178 3.00 -24.36 1.73
N ALA E 179 3.91 -25.26 2.09
CA ALA E 179 3.99 -25.75 3.46
C ALA E 179 4.62 -24.70 4.36
N SER E 180 5.46 -23.85 3.77
CA SER E 180 6.14 -22.80 4.53
C SER E 180 5.17 -21.67 4.82
N GLU E 181 4.08 -21.61 4.05
CA GLU E 181 3.05 -20.59 4.20
C GLU E 181 3.48 -19.24 3.61
N PHE E 182 4.54 -19.26 2.81
CA PHE E 182 5.01 -18.04 2.17
C PHE E 182 4.36 -17.91 0.81
N GLU E 183 3.89 -19.03 0.27
CA GLU E 183 3.22 -19.06 -1.02
C GLU E 183 1.88 -19.77 -0.89
N ASP E 184 0.86 -19.23 -1.53
CA ASP E 184 -0.47 -19.82 -1.49
C ASP E 184 -0.44 -21.31 -1.82
N PRO E 185 -1.39 -22.08 -1.27
CA PRO E 185 -1.50 -23.53 -1.48
C PRO E 185 -1.48 -23.95 -2.96
N LEU E 186 -2.03 -23.11 -3.82
CA LEU E 186 -2.08 -23.39 -5.25
C LEU E 186 -0.72 -23.76 -5.83
N VAL E 187 0.34 -23.14 -5.31
CA VAL E 187 1.69 -23.41 -5.78
C VAL E 187 2.05 -24.90 -5.69
N GLY E 188 1.75 -25.50 -4.54
CA GLY E 188 2.06 -26.91 -4.34
C GLY E 188 1.00 -27.85 -4.89
N GLU E 189 -0.17 -27.30 -5.23
CA GLU E 189 -1.25 -28.11 -5.76
C GLU E 189 -1.09 -28.38 -7.26
N ASP E 190 -0.87 -27.33 -8.03
CA ASP E 190 -0.69 -27.46 -9.48
C ASP E 190 0.65 -28.12 -9.79
N THR E 191 0.73 -29.42 -9.53
CA THR E 191 1.95 -30.18 -9.78
C THR E 191 2.33 -30.17 -11.26
N GLU E 192 1.44 -29.70 -12.11
CA GLU E 192 1.69 -29.62 -13.54
C GLU E 192 2.74 -28.56 -13.84
N ARG E 193 2.46 -27.32 -13.46
CA ARG E 193 3.41 -26.24 -13.68
C ARG E 193 4.71 -26.55 -12.96
N ALA E 194 4.61 -26.98 -11.72
CA ALA E 194 5.80 -27.33 -10.95
C ALA E 194 6.61 -28.34 -11.75
N ASN E 195 5.91 -29.16 -12.53
CA ASN E 195 6.55 -30.19 -13.35
C ASN E 195 7.19 -29.55 -14.58
N SER E 196 6.43 -28.69 -15.26
CA SER E 196 6.93 -28.02 -16.45
C SER E 196 8.17 -27.18 -16.11
N MET E 197 8.11 -26.50 -14.96
CA MET E 197 9.22 -25.67 -14.51
C MET E 197 10.53 -26.46 -14.50
N GLY E 198 10.51 -27.61 -13.84
CA GLY E 198 11.69 -28.44 -13.76
C GLY E 198 12.07 -29.10 -15.07
N LEU E 199 11.06 -29.34 -15.92
CA LEU E 199 11.29 -29.97 -17.21
C LEU E 199 11.96 -29.02 -18.18
N PHE E 200 11.69 -27.73 -18.00
CA PHE E 200 12.27 -26.70 -18.87
C PHE E 200 13.77 -26.56 -18.65
N LEU E 201 14.18 -26.55 -17.38
CA LEU E 201 15.59 -26.41 -17.04
C LEU E 201 16.39 -27.67 -17.34
N GLN E 202 15.80 -28.82 -17.09
CA GLN E 202 16.48 -30.09 -17.33
C GLN E 202 16.76 -30.29 -18.81
N LYS E 203 15.76 -29.98 -19.64
CA LYS E 203 15.94 -30.11 -21.09
C LYS E 203 16.99 -29.12 -21.58
N THR E 204 16.94 -27.91 -21.05
CA THR E 204 17.90 -26.88 -21.44
C THR E 204 19.32 -27.35 -21.10
N ASN E 205 19.45 -28.09 -20.00
CA ASN E 205 20.74 -28.62 -19.58
C ASN E 205 21.16 -29.76 -20.50
N ILE E 206 20.27 -30.72 -20.68
CA ILE E 206 20.53 -31.88 -21.52
C ILE E 206 20.97 -31.44 -22.92
N ILE E 207 20.25 -30.48 -23.48
CA ILE E 207 20.55 -29.96 -24.81
C ILE E 207 21.90 -29.24 -24.85
N ARG E 208 22.16 -28.44 -23.82
CA ARG E 208 23.41 -27.69 -23.73
C ARG E 208 24.63 -28.56 -23.46
N ASP E 209 24.53 -29.42 -22.45
CA ASP E 209 25.63 -30.29 -22.06
C ASP E 209 25.80 -31.53 -22.93
N TYR E 210 25.23 -31.51 -24.13
CA TYR E 210 25.35 -32.66 -25.03
C TYR E 210 26.75 -33.22 -25.12
N LEU E 211 27.68 -32.39 -25.58
CA LEU E 211 29.07 -32.81 -25.75
C LEU E 211 29.70 -33.48 -24.53
N GLU E 212 29.74 -32.77 -23.40
CA GLU E 212 30.33 -33.34 -22.19
C GLU E 212 29.66 -34.64 -21.78
N ASP E 213 28.34 -34.70 -21.87
CA ASP E 213 27.61 -35.90 -21.51
C ASP E 213 28.03 -37.04 -22.43
N GLN E 214 28.34 -36.69 -23.67
CA GLN E 214 28.76 -37.67 -24.67
C GLN E 214 30.19 -38.11 -24.38
N GLN E 215 31.06 -37.14 -24.12
CA GLN E 215 32.45 -37.43 -23.82
C GLN E 215 32.55 -37.97 -22.40
N GLY E 216 31.37 -38.18 -21.80
CA GLY E 216 31.30 -38.70 -20.45
C GLY E 216 30.79 -40.14 -20.47
N GLY E 217 30.37 -40.59 -21.64
CA GLY E 217 29.87 -41.94 -21.77
C GLY E 217 28.39 -42.10 -21.47
N ARG E 218 27.66 -41.00 -21.44
CA ARG E 218 26.23 -41.06 -21.17
C ARG E 218 25.42 -40.34 -22.25
N GLU E 219 24.13 -40.68 -22.35
CA GLU E 219 23.25 -40.09 -23.34
C GLU E 219 21.90 -39.73 -22.73
N PHE E 220 21.34 -38.59 -23.14
CA PHE E 220 20.05 -38.15 -22.62
C PHE E 220 19.10 -37.68 -23.71
N TRP E 221 19.60 -37.57 -24.93
CA TRP E 221 18.78 -37.13 -26.05
C TRP E 221 17.84 -38.25 -26.52
N PRO E 222 16.58 -37.91 -26.84
CA PRO E 222 15.57 -38.86 -27.29
C PRO E 222 15.94 -39.53 -28.62
N GLN E 223 16.16 -40.83 -28.57
CA GLN E 223 16.53 -41.62 -29.76
C GLN E 223 15.63 -41.40 -30.96
N GLU E 224 14.32 -41.55 -30.76
CA GLU E 224 13.35 -41.40 -31.84
C GLU E 224 13.47 -40.05 -32.54
N VAL E 225 14.33 -39.17 -32.02
CA VAL E 225 14.52 -37.85 -32.60
C VAL E 225 15.85 -37.77 -33.37
N TRP E 226 16.95 -38.12 -32.71
CA TRP E 226 18.24 -38.07 -33.37
C TRP E 226 18.46 -39.24 -34.32
N SER E 227 17.62 -40.26 -34.20
CA SER E 227 17.72 -41.45 -35.05
C SER E 227 17.32 -41.09 -36.48
N ARG E 228 16.53 -40.04 -36.62
CA ARG E 228 16.09 -39.61 -37.95
C ARG E 228 17.17 -38.78 -38.63
N TYR E 229 18.26 -38.51 -37.92
CA TYR E 229 19.36 -37.72 -38.47
C TYR E 229 20.63 -38.54 -38.67
N VAL E 230 21.02 -39.29 -37.64
CA VAL E 230 22.23 -40.10 -37.71
C VAL E 230 22.02 -41.51 -37.18
N LYS E 231 23.05 -42.33 -37.28
CA LYS E 231 23.00 -43.72 -36.81
C LYS E 231 23.11 -43.82 -35.29
N LYS E 232 24.12 -43.19 -34.72
CA LYS E 232 24.34 -43.20 -33.27
C LYS E 232 24.21 -41.78 -32.75
N LEU E 233 23.87 -41.63 -31.48
CA LEU E 233 23.71 -40.29 -30.89
C LEU E 233 25.05 -39.58 -30.79
N GLY E 234 26.14 -40.35 -30.78
CA GLY E 234 27.46 -39.76 -30.66
C GLY E 234 28.01 -39.18 -31.96
N ASP E 235 27.35 -39.47 -33.07
CA ASP E 235 27.81 -38.96 -34.36
C ASP E 235 27.82 -37.44 -34.43
N PHE E 236 27.00 -36.79 -33.62
CA PHE E 236 26.95 -35.34 -33.62
C PHE E 236 28.27 -34.75 -33.13
N ALA E 237 29.13 -35.61 -32.59
CA ALA E 237 30.42 -35.17 -32.09
C ALA E 237 31.46 -35.26 -33.19
N LEU E 238 30.99 -35.40 -34.43
CA LEU E 238 31.88 -35.50 -35.58
C LEU E 238 31.61 -34.34 -36.53
N PRO E 239 32.67 -33.56 -36.85
CA PRO E 239 32.59 -32.40 -37.75
C PRO E 239 31.80 -32.59 -39.04
N GLU E 240 31.79 -33.81 -39.58
CA GLU E 240 31.07 -34.08 -40.81
C GLU E 240 29.56 -34.14 -40.63
N ASN E 241 29.12 -34.26 -39.38
CA ASN E 241 27.70 -34.32 -39.08
C ASN E 241 27.25 -33.11 -38.28
N ILE E 242 27.97 -32.01 -38.43
CA ILE E 242 27.66 -30.78 -37.70
C ILE E 242 26.34 -30.16 -38.14
N ASP E 243 26.07 -30.19 -39.45
CA ASP E 243 24.84 -29.63 -39.99
C ASP E 243 23.62 -30.38 -39.48
N LEU E 244 23.70 -31.71 -39.50
CA LEU E 244 22.59 -32.53 -39.02
C LEU E 244 22.42 -32.31 -37.52
N ALA E 245 23.53 -32.14 -36.82
CA ALA E 245 23.52 -31.91 -35.38
C ALA E 245 22.71 -30.68 -35.02
N VAL E 246 22.86 -29.62 -35.80
CA VAL E 246 22.14 -28.38 -35.55
C VAL E 246 20.64 -28.56 -35.75
N GLN E 247 20.27 -29.26 -36.83
CA GLN E 247 18.86 -29.50 -37.12
C GLN E 247 18.19 -30.20 -35.95
N CYS E 248 18.80 -31.26 -35.46
CA CYS E 248 18.27 -32.01 -34.33
C CYS E 248 18.22 -31.09 -33.13
N LEU E 249 19.28 -30.31 -32.95
CA LEU E 249 19.38 -29.37 -31.85
C LEU E 249 18.16 -28.45 -31.81
N ASN E 250 17.82 -27.90 -32.98
CA ASN E 250 16.68 -27.00 -33.08
C ASN E 250 15.36 -27.68 -32.72
N GLU E 251 15.23 -28.95 -33.07
CA GLU E 251 13.99 -29.66 -32.77
C GLU E 251 13.82 -29.87 -31.27
N LEU E 252 14.91 -30.14 -30.57
CA LEU E 252 14.85 -30.33 -29.13
C LEU E 252 14.64 -28.99 -28.43
N ILE E 253 15.16 -27.92 -29.02
CA ILE E 253 15.01 -26.60 -28.45
C ILE E 253 13.57 -26.12 -28.63
N THR E 254 12.97 -26.50 -29.77
CA THR E 254 11.59 -26.12 -30.05
C THR E 254 10.69 -26.88 -29.10
N ASN E 255 11.15 -28.06 -28.68
CA ASN E 255 10.40 -28.90 -27.77
C ASN E 255 10.36 -28.31 -26.37
N ALA E 256 11.48 -27.76 -25.91
CA ALA E 256 11.56 -27.16 -24.60
C ALA E 256 10.79 -25.84 -24.52
N LEU E 257 10.63 -25.19 -25.68
CA LEU E 257 9.92 -23.92 -25.74
C LEU E 257 8.46 -24.03 -25.33
N HIS E 258 7.92 -25.25 -25.39
CA HIS E 258 6.52 -25.47 -25.04
C HIS E 258 6.26 -25.37 -23.54
N HIS E 259 7.31 -25.50 -22.74
CA HIS E 259 7.16 -25.42 -21.29
C HIS E 259 7.05 -23.97 -20.85
N ILE E 260 7.48 -23.06 -21.72
CA ILE E 260 7.44 -21.64 -21.41
C ILE E 260 6.07 -21.16 -20.94
N PRO E 261 5.01 -21.45 -21.70
CA PRO E 261 3.67 -21.02 -21.29
C PRO E 261 3.39 -21.33 -19.82
N ASP E 262 3.84 -22.50 -19.37
CA ASP E 262 3.63 -22.89 -17.97
C ASP E 262 4.58 -22.14 -17.06
N VAL E 263 5.86 -22.08 -17.45
CA VAL E 263 6.87 -21.39 -16.67
C VAL E 263 6.40 -19.98 -16.34
N ILE E 264 5.86 -19.29 -17.34
CA ILE E 264 5.36 -17.94 -17.16
C ILE E 264 4.22 -17.94 -16.16
N THR E 265 3.25 -18.81 -16.37
CA THR E 265 2.08 -18.91 -15.50
C THR E 265 2.45 -19.21 -14.05
N TYR E 266 3.43 -20.10 -13.86
CA TYR E 266 3.86 -20.46 -12.52
C TYR E 266 4.50 -19.26 -11.82
N LEU E 267 5.42 -18.60 -12.50
CA LEU E 267 6.12 -17.43 -11.95
C LEU E 267 5.17 -16.28 -11.59
N SER E 268 4.08 -16.17 -12.33
CA SER E 268 3.12 -15.09 -12.10
C SER E 268 2.25 -15.33 -10.86
N ARG E 269 2.30 -16.55 -10.32
CA ARG E 269 1.50 -16.88 -9.13
C ARG E 269 2.27 -16.67 -7.83
N LEU E 270 3.57 -16.48 -7.94
CA LEU E 270 4.41 -16.25 -6.76
C LEU E 270 4.11 -14.87 -6.19
N ARG E 271 4.16 -14.74 -4.87
CA ARG E 271 3.90 -13.46 -4.21
C ARG E 271 4.93 -13.12 -3.15
N ASN E 272 6.02 -13.88 -3.13
CA ASN E 272 7.10 -13.65 -2.18
C ASN E 272 8.36 -13.35 -2.98
N GLN E 273 8.94 -12.17 -2.75
CA GLN E 273 10.14 -11.76 -3.47
C GLN E 273 11.24 -12.80 -3.45
N SER E 274 11.70 -13.17 -2.26
CA SER E 274 12.77 -14.16 -2.12
C SER E 274 12.50 -15.42 -2.93
N VAL E 275 11.24 -15.87 -2.93
CA VAL E 275 10.85 -17.07 -3.66
C VAL E 275 10.91 -16.82 -5.17
N PHE E 276 10.46 -15.64 -5.59
CA PHE E 276 10.46 -15.28 -7.00
C PHE E 276 11.89 -15.27 -7.55
N ASN E 277 12.80 -14.64 -6.83
CA ASN E 277 14.20 -14.56 -7.24
C ASN E 277 14.79 -15.96 -7.39
N PHE E 278 14.23 -16.90 -6.63
CA PHE E 278 14.69 -18.29 -6.63
C PHE E 278 14.22 -19.08 -7.85
N CYS E 279 13.03 -18.76 -8.33
CA CYS E 279 12.45 -19.46 -9.48
C CYS E 279 12.69 -18.72 -10.79
N ALA E 280 12.56 -17.40 -10.75
CA ALA E 280 12.74 -16.56 -11.92
C ALA E 280 14.11 -16.67 -12.58
N ILE E 281 15.16 -16.34 -11.84
CA ILE E 281 16.52 -16.36 -12.36
C ILE E 281 16.88 -17.61 -13.18
N PRO E 282 16.75 -18.81 -12.58
CA PRO E 282 17.07 -20.02 -13.33
C PRO E 282 16.34 -20.13 -14.68
N GLN E 283 15.04 -19.89 -14.66
CA GLN E 283 14.24 -19.97 -15.88
C GLN E 283 14.73 -18.97 -16.93
N VAL E 284 14.97 -17.74 -16.51
CA VAL E 284 15.44 -16.71 -17.42
C VAL E 284 16.76 -17.09 -18.07
N MET E 285 17.64 -17.74 -17.30
CA MET E 285 18.93 -18.14 -17.85
C MET E 285 18.78 -19.34 -18.77
N ALA E 286 17.70 -20.07 -18.60
CA ALA E 286 17.43 -21.23 -19.44
C ALA E 286 17.06 -20.73 -20.82
N ILE E 287 16.19 -19.71 -20.86
CA ILE E 287 15.76 -19.14 -22.12
C ILE E 287 16.95 -18.52 -22.83
N ALA E 288 17.74 -17.74 -22.09
CA ALA E 288 18.92 -17.09 -22.63
C ALA E 288 19.85 -18.11 -23.26
N THR E 289 19.97 -19.27 -22.63
CA THR E 289 20.84 -20.34 -23.13
C THR E 289 20.26 -20.94 -24.40
N LEU E 290 18.96 -21.21 -24.39
CA LEU E 290 18.29 -21.79 -25.55
C LEU E 290 18.40 -20.83 -26.74
N ALA E 291 18.31 -19.54 -26.46
CA ALA E 291 18.41 -18.53 -27.50
C ALA E 291 19.85 -18.38 -27.97
N ALA E 292 20.79 -18.82 -27.14
CA ALA E 292 22.21 -18.74 -27.48
C ALA E 292 22.68 -20.02 -28.17
N CYS E 293 21.89 -21.07 -28.04
CA CYS E 293 22.22 -22.37 -28.64
C CYS E 293 21.45 -22.63 -29.94
N TYR E 294 20.25 -22.08 -30.03
CA TYR E 294 19.42 -22.28 -31.22
C TYR E 294 20.21 -22.08 -32.51
N ASN E 295 20.22 -23.10 -33.35
CA ASN E 295 20.92 -23.05 -34.62
C ASN E 295 22.35 -22.57 -34.41
N ASN E 296 23.03 -23.14 -33.41
CA ASN E 296 24.40 -22.78 -33.10
C ASN E 296 25.30 -24.00 -33.10
N GLN E 297 26.31 -24.01 -33.96
CA GLN E 297 27.23 -25.14 -34.07
C GLN E 297 28.19 -25.26 -32.90
N GLN E 298 28.39 -24.15 -32.19
CA GLN E 298 29.30 -24.14 -31.05
C GLN E 298 28.90 -25.14 -29.98
N VAL E 299 27.62 -25.50 -29.94
CA VAL E 299 27.10 -26.45 -28.97
C VAL E 299 27.78 -27.81 -29.12
N PHE E 300 28.35 -28.05 -30.29
CA PHE E 300 29.02 -29.31 -30.58
C PHE E 300 30.54 -29.16 -30.65
N LYS E 301 31.00 -27.91 -30.73
CA LYS E 301 32.43 -27.64 -30.82
C LYS E 301 33.04 -27.37 -29.45
N GLY E 302 32.52 -26.38 -28.73
CA GLY E 302 33.06 -26.07 -27.42
C GLY E 302 32.09 -25.39 -26.49
N ALA E 303 32.50 -24.23 -25.96
CA ALA E 303 31.68 -23.47 -25.03
C ALA E 303 30.80 -22.45 -25.73
N VAL E 304 29.57 -22.32 -25.24
CA VAL E 304 28.60 -21.37 -25.80
C VAL E 304 28.21 -20.37 -24.72
N LEU E 305 28.56 -19.11 -24.92
CA LEU E 305 28.25 -18.07 -23.96
C LEU E 305 26.95 -17.35 -24.29
N ILE E 306 26.23 -16.94 -23.25
CA ILE E 306 24.96 -16.25 -23.40
C ILE E 306 25.11 -14.99 -24.25
N ALA E 311 17.63 -4.63 -26.81
CA ALA E 311 18.44 -3.74 -25.99
C ALA E 311 17.63 -3.26 -24.78
N VAL E 312 16.32 -3.34 -24.88
CA VAL E 312 15.45 -2.92 -23.78
C VAL E 312 15.59 -3.91 -22.62
N THR E 313 16.38 -4.95 -22.84
CA THR E 313 16.62 -5.97 -21.82
C THR E 313 17.74 -5.51 -20.89
N LEU E 314 18.38 -4.40 -21.26
CA LEU E 314 19.47 -3.83 -20.46
C LEU E 314 18.90 -2.86 -19.44
N MET E 315 17.63 -2.50 -19.64
CA MET E 315 16.93 -1.57 -18.75
C MET E 315 16.12 -2.29 -17.68
N MET E 316 16.05 -3.61 -17.76
CA MET E 316 15.27 -4.39 -16.81
C MET E 316 16.05 -5.50 -16.10
N ASP E 317 15.42 -6.09 -15.09
CA ASP E 317 16.01 -7.17 -14.31
C ASP E 317 14.92 -8.19 -13.97
N ALA E 318 15.34 -9.42 -13.68
CA ALA E 318 14.39 -10.48 -13.36
C ALA E 318 13.93 -10.52 -11.90
N THR E 319 13.46 -9.39 -11.39
CA THR E 319 12.99 -9.34 -10.00
C THR E 319 11.49 -9.09 -9.92
N ASN E 320 10.84 -8.99 -11.08
CA ASN E 320 9.39 -8.78 -11.15
C ASN E 320 8.85 -9.46 -12.40
N MET E 321 7.57 -9.82 -12.37
CA MET E 321 6.94 -10.51 -13.48
C MET E 321 6.98 -9.77 -14.82
N PRO E 322 6.47 -8.53 -14.86
CA PRO E 322 6.46 -7.76 -16.10
C PRO E 322 7.83 -7.66 -16.78
N ALA E 323 8.89 -7.78 -15.98
CA ALA E 323 10.25 -7.70 -16.51
C ALA E 323 10.67 -9.04 -17.10
N VAL E 324 10.32 -10.12 -16.41
CA VAL E 324 10.66 -11.46 -16.89
C VAL E 324 10.06 -11.65 -18.26
N LYS E 325 8.75 -11.38 -18.37
CA LYS E 325 8.05 -11.51 -19.63
C LYS E 325 8.77 -10.76 -20.75
N ALA E 326 9.08 -9.49 -20.50
CA ALA E 326 9.77 -8.66 -21.48
C ALA E 326 11.09 -9.29 -21.91
N ILE E 327 11.80 -9.85 -20.94
CA ILE E 327 13.08 -10.50 -21.21
C ILE E 327 12.84 -11.76 -22.03
N ILE E 328 11.81 -12.51 -21.67
CA ILE E 328 11.47 -13.75 -22.36
C ILE E 328 11.04 -13.46 -23.80
N TYR E 329 10.05 -12.58 -23.96
CA TYR E 329 9.56 -12.23 -25.28
C TYR E 329 10.69 -11.77 -26.20
N GLN E 330 11.69 -11.12 -25.64
CA GLN E 330 12.82 -10.66 -26.43
C GLN E 330 13.65 -11.84 -26.92
N TYR E 331 14.07 -12.70 -26.00
CA TYR E 331 14.85 -13.87 -26.36
C TYR E 331 14.11 -14.72 -27.37
N MET E 332 12.79 -14.59 -27.38
CA MET E 332 11.95 -15.34 -28.32
C MET E 332 12.15 -14.81 -29.73
N GLU E 333 12.08 -13.50 -29.88
CA GLU E 333 12.26 -12.86 -31.18
C GLU E 333 13.69 -13.05 -31.66
N GLU E 334 14.61 -13.15 -30.71
CA GLU E 334 16.01 -13.33 -31.02
C GLU E 334 16.17 -14.67 -31.72
N ILE E 335 15.36 -15.62 -31.30
CA ILE E 335 15.37 -16.97 -31.88
C ILE E 335 14.56 -16.96 -33.18
N TYR E 336 13.35 -16.42 -33.09
CA TYR E 336 12.44 -16.34 -34.22
C TYR E 336 13.06 -15.63 -35.42
N HIS E 337 14.12 -14.88 -35.17
CA HIS E 337 14.79 -14.13 -36.23
C HIS E 337 15.94 -14.92 -36.86
N ARG E 338 16.34 -16.01 -36.23
CA ARG E 338 17.43 -16.84 -36.74
C ARG E 338 16.94 -18.18 -37.25
N ILE E 339 15.62 -18.32 -37.39
CA ILE E 339 15.03 -19.55 -37.85
C ILE E 339 15.13 -19.73 -39.36
N PRO E 340 15.97 -20.69 -39.81
CA PRO E 340 16.15 -20.95 -41.24
C PRO E 340 14.88 -21.53 -41.87
N ASP E 341 14.57 -21.09 -43.09
CA ASP E 341 13.38 -21.58 -43.77
C ASP E 341 13.55 -23.03 -44.17
N SER E 342 14.80 -23.42 -44.42
CA SER E 342 15.09 -24.80 -44.82
C SER E 342 14.94 -25.76 -43.64
N ASN E 343 15.25 -25.27 -42.45
CA ASN E 343 15.16 -26.07 -41.23
C ASN E 343 13.86 -26.85 -41.16
N PRO E 344 13.95 -28.19 -41.10
CA PRO E 344 12.78 -29.07 -41.03
C PRO E 344 11.80 -28.76 -39.91
N SER E 345 12.29 -28.23 -38.80
CA SER E 345 11.44 -27.91 -37.66
C SER E 345 11.17 -26.43 -37.52
N SER E 346 11.40 -25.67 -38.59
CA SER E 346 11.18 -24.23 -38.57
C SER E 346 9.69 -23.90 -38.46
N SER E 347 8.87 -24.64 -39.19
CA SER E 347 7.43 -24.43 -39.17
C SER E 347 6.88 -24.50 -37.75
N LYS E 348 7.34 -25.49 -37.00
CA LYS E 348 6.91 -25.69 -35.63
C LYS E 348 7.46 -24.60 -34.72
N THR E 349 8.75 -24.33 -34.84
CA THR E 349 9.40 -23.31 -34.02
C THR E 349 8.64 -21.98 -34.04
N ARG E 350 8.12 -21.60 -35.20
CA ARG E 350 7.37 -20.36 -35.32
C ARG E 350 5.99 -20.49 -34.67
N GLN E 351 5.39 -21.67 -34.82
CA GLN E 351 4.07 -21.93 -34.26
C GLN E 351 4.02 -21.67 -32.76
N ILE E 352 5.00 -22.22 -32.04
CA ILE E 352 5.08 -22.07 -30.60
C ILE E 352 5.39 -20.62 -30.20
N ILE E 353 6.37 -20.01 -30.87
CA ILE E 353 6.74 -18.63 -30.59
C ILE E 353 5.54 -17.73 -30.82
N SER E 354 4.77 -18.03 -31.86
CA SER E 354 3.58 -17.25 -32.19
C SER E 354 2.53 -17.37 -31.10
N THR E 355 2.53 -18.51 -30.41
CA THR E 355 1.57 -18.75 -29.34
C THR E 355 1.95 -17.95 -28.10
N ILE E 356 3.23 -18.01 -27.73
CA ILE E 356 3.73 -17.28 -26.57
C ILE E 356 3.47 -15.78 -26.68
N ARG E 357 3.48 -15.26 -27.91
CA ARG E 357 3.22 -13.84 -28.14
C ARG E 357 1.76 -13.50 -27.85
N THR E 358 0.87 -14.14 -28.60
CA THR E 358 -0.56 -13.92 -28.48
C THR E 358 -1.14 -14.32 -27.13
N GLN E 359 -0.84 -15.55 -26.71
CA GLN E 359 -1.32 -16.09 -25.45
C GLN E 359 -1.38 -15.03 -24.35
N ASN E 360 -2.60 -14.72 -23.91
CA ASN E 360 -2.82 -13.71 -22.87
C ASN E 360 -2.52 -12.31 -23.38
N LEU F 26 -7.37 -19.20 -29.17
CA LEU F 26 -6.49 -18.08 -29.52
C LEU F 26 -6.65 -17.77 -31.01
N SER F 27 -7.51 -16.81 -31.31
CA SER F 27 -7.78 -16.42 -32.70
C SER F 27 -6.51 -16.19 -33.52
N SER F 28 -6.52 -16.70 -34.75
CA SER F 28 -5.38 -16.56 -35.65
C SER F 28 -5.18 -15.10 -36.04
N SER F 29 -6.28 -14.37 -36.16
CA SER F 29 -6.20 -12.96 -36.52
C SER F 29 -5.46 -12.18 -35.43
N LEU F 30 -5.65 -12.60 -34.18
CA LEU F 30 -4.99 -11.94 -33.05
C LEU F 30 -3.48 -12.17 -33.16
N LYS F 31 -3.10 -13.38 -33.55
CA LYS F 31 -1.70 -13.73 -33.72
C LYS F 31 -1.10 -12.90 -34.84
N THR F 32 -1.90 -12.72 -35.90
CA THR F 32 -1.46 -11.93 -37.04
C THR F 32 -1.13 -10.50 -36.61
N CYS F 33 -1.88 -10.01 -35.63
CA CYS F 33 -1.67 -8.66 -35.12
C CYS F 33 -0.35 -8.56 -34.37
N TYR F 34 -0.14 -9.47 -33.42
CA TYR F 34 1.09 -9.48 -32.64
C TYR F 34 2.30 -9.72 -33.54
N LYS F 35 2.06 -10.31 -34.71
CA LYS F 35 3.15 -10.58 -35.63
C LYS F 35 3.54 -9.29 -36.33
N TYR F 36 2.56 -8.42 -36.55
CA TYR F 36 2.81 -7.13 -37.18
C TYR F 36 3.40 -6.18 -36.15
N LEU F 37 3.06 -6.41 -34.88
CA LEU F 37 3.56 -5.58 -33.80
C LEU F 37 5.07 -5.75 -33.69
N ASN F 38 5.52 -7.00 -33.72
CA ASN F 38 6.95 -7.29 -33.62
C ASN F 38 7.70 -6.86 -34.88
N GLN F 39 6.95 -6.62 -35.96
CA GLN F 39 7.56 -6.19 -37.20
C GLN F 39 7.71 -4.68 -37.24
N THR F 40 6.61 -3.97 -36.98
CA THR F 40 6.61 -2.52 -36.98
C THR F 40 7.30 -1.93 -35.76
N SER F 41 7.77 -2.81 -34.87
CA SER F 41 8.45 -2.36 -33.65
C SER F 41 9.48 -3.38 -33.17
N ARG F 42 10.48 -2.90 -32.45
CA ARG F 42 11.53 -3.78 -31.93
C ARG F 42 11.93 -3.37 -30.51
N SER F 43 11.52 -2.18 -30.11
CA SER F 43 11.84 -1.65 -28.77
C SER F 43 10.59 -1.40 -27.94
N PHE F 44 9.44 -1.84 -28.43
CA PHE F 44 8.18 -1.66 -27.72
C PHE F 44 7.42 -2.98 -27.61
N ALA F 45 7.44 -3.75 -28.69
CA ALA F 45 6.75 -5.04 -28.74
C ALA F 45 6.93 -5.85 -27.46
N ALA F 46 8.15 -5.87 -26.94
CA ALA F 46 8.45 -6.62 -25.73
C ALA F 46 7.66 -6.16 -24.51
N VAL F 47 7.78 -4.87 -24.16
CA VAL F 47 7.07 -4.32 -23.01
C VAL F 47 5.55 -4.28 -23.19
N ILE F 48 5.10 -4.18 -24.43
CA ILE F 48 3.67 -4.13 -24.73
C ILE F 48 3.03 -5.47 -24.38
N GLN F 49 3.72 -6.55 -24.71
CA GLN F 49 3.22 -7.90 -24.43
C GLN F 49 3.33 -8.22 -22.95
N ALA F 50 4.02 -7.37 -22.21
CA ALA F 50 4.20 -7.57 -20.78
C ALA F 50 3.08 -6.90 -20.01
N LEU F 51 2.33 -6.04 -20.68
CA LEU F 51 1.22 -5.34 -20.06
C LEU F 51 0.24 -6.34 -19.44
N ASP F 52 -0.25 -6.01 -18.24
CA ASP F 52 -1.18 -6.87 -17.53
C ASP F 52 -2.58 -6.99 -18.12
N GLY F 53 -3.10 -8.22 -18.07
CA GLY F 53 -4.43 -8.51 -18.56
C GLY F 53 -4.96 -7.82 -19.79
N GLU F 54 -6.12 -7.20 -19.62
CA GLU F 54 -6.84 -6.51 -20.69
C GLU F 54 -6.10 -5.40 -21.44
N MET F 55 -5.06 -4.84 -20.83
CA MET F 55 -4.31 -3.76 -21.48
C MET F 55 -3.44 -4.28 -22.61
N ARG F 56 -2.97 -5.51 -22.45
CA ARG F 56 -2.10 -6.15 -23.43
C ARG F 56 -2.62 -5.98 -24.86
N ASN F 57 -3.83 -6.47 -25.10
CA ASN F 57 -4.44 -6.39 -26.43
C ASN F 57 -4.78 -4.96 -26.84
N ALA F 58 -5.56 -4.29 -26.00
CA ALA F 58 -5.96 -2.91 -26.28
C ALA F 58 -4.79 -2.08 -26.79
N VAL F 59 -3.72 -2.02 -26.00
CA VAL F 59 -2.52 -1.25 -26.36
C VAL F 59 -1.85 -1.73 -27.64
N CYS F 60 -1.65 -3.04 -27.74
CA CYS F 60 -1.02 -3.62 -28.93
C CYS F 60 -1.76 -3.16 -30.18
N ILE F 61 -3.08 -3.20 -30.14
CA ILE F 61 -3.92 -2.79 -31.26
C ILE F 61 -3.82 -1.28 -31.46
N PHE F 62 -3.89 -0.53 -30.37
CA PHE F 62 -3.81 0.92 -30.43
C PHE F 62 -2.53 1.35 -31.16
N TYR F 63 -1.48 0.53 -31.03
CA TYR F 63 -0.20 0.81 -31.67
C TYR F 63 -0.27 0.56 -33.16
N LEU F 64 -0.90 -0.55 -33.55
CA LEU F 64 -1.01 -0.91 -34.96
C LEU F 64 -1.87 0.07 -35.78
N VAL F 65 -3.03 0.44 -35.26
CA VAL F 65 -3.91 1.36 -35.98
C VAL F 65 -3.22 2.71 -36.20
N LEU F 66 -2.35 3.10 -35.28
CA LEU F 66 -1.63 4.35 -35.38
C LEU F 66 -0.48 4.21 -36.38
N ARG F 67 -0.04 2.97 -36.58
CA ARG F 67 1.02 2.69 -37.53
C ARG F 67 0.50 2.94 -38.94
N ALA F 68 -0.71 2.46 -39.19
CA ALA F 68 -1.34 2.62 -40.48
C ALA F 68 -1.64 4.09 -40.74
N LEU F 69 -2.17 4.76 -39.73
CA LEU F 69 -2.50 6.18 -39.83
C LEU F 69 -1.26 7.01 -40.17
N ASP F 70 -0.12 6.65 -39.60
CA ASP F 70 1.11 7.38 -39.87
C ASP F 70 1.69 6.94 -41.21
N THR F 71 1.49 5.68 -41.56
CA THR F 71 2.00 5.16 -42.82
C THR F 71 1.43 5.93 -44.01
N LEU F 72 0.18 6.40 -43.86
CA LEU F 72 -0.47 7.16 -44.91
C LEU F 72 0.22 8.52 -45.05
N GLU F 73 0.26 9.27 -43.95
CA GLU F 73 0.88 10.58 -43.94
C GLU F 73 2.35 10.48 -44.35
N ASP F 74 2.96 9.36 -44.01
CA ASP F 74 4.37 9.15 -44.31
C ASP F 74 4.61 8.78 -45.78
N ASP F 75 3.57 8.31 -46.45
CA ASP F 75 3.68 7.93 -47.86
C ASP F 75 3.54 9.18 -48.73
N MET F 76 4.43 9.33 -49.70
CA MET F 76 4.41 10.49 -50.58
C MET F 76 3.79 10.21 -51.95
N THR F 77 3.64 8.92 -52.28
CA THR F 77 3.04 8.54 -53.56
C THR F 77 1.61 9.07 -53.62
N ILE F 78 1.06 9.37 -52.45
CA ILE F 78 -0.31 9.90 -52.35
C ILE F 78 -0.24 11.41 -52.36
N SER F 79 -1.30 12.06 -52.82
CA SER F 79 -1.33 13.52 -52.89
C SER F 79 -2.17 14.10 -51.76
N VAL F 80 -1.85 15.34 -51.37
CA VAL F 80 -2.59 16.01 -50.30
C VAL F 80 -4.05 16.09 -50.73
N GLU F 81 -4.27 15.98 -52.03
CA GLU F 81 -5.60 16.03 -52.61
C GLU F 81 -6.47 14.89 -52.09
N LYS F 82 -5.86 13.71 -51.94
CA LYS F 82 -6.57 12.53 -51.45
C LYS F 82 -6.26 12.19 -50.00
N LYS F 83 -5.12 12.67 -49.50
CA LYS F 83 -4.72 12.41 -48.13
C LYS F 83 -5.72 12.94 -47.12
N VAL F 84 -5.96 14.25 -47.16
CA VAL F 84 -6.89 14.89 -46.24
C VAL F 84 -8.10 14.03 -45.94
N PRO F 85 -8.78 13.52 -47.00
CA PRO F 85 -9.96 12.67 -46.79
C PRO F 85 -9.69 11.43 -45.94
N LEU F 86 -8.72 10.63 -46.35
CA LEU F 86 -8.36 9.41 -45.63
C LEU F 86 -8.07 9.67 -44.15
N LEU F 87 -7.21 10.64 -43.89
CA LEU F 87 -6.85 10.99 -42.51
C LEU F 87 -8.07 11.37 -41.69
N HIS F 88 -8.93 12.21 -42.26
CA HIS F 88 -10.14 12.65 -41.57
C HIS F 88 -11.11 11.51 -41.29
N ASN F 89 -11.13 10.51 -42.17
CA ASN F 89 -12.06 9.39 -42.02
C ASN F 89 -11.40 8.12 -41.51
N PHE F 90 -10.09 8.13 -41.37
CA PHE F 90 -9.36 6.95 -40.90
C PHE F 90 -10.04 6.29 -39.70
N HIS F 91 -10.42 7.09 -38.71
CA HIS F 91 -11.06 6.58 -37.51
C HIS F 91 -12.34 5.77 -37.77
N SER F 92 -13.03 6.09 -38.87
CA SER F 92 -14.26 5.40 -39.21
C SER F 92 -14.04 4.04 -39.87
N PHE F 93 -12.89 3.86 -40.52
CA PHE F 93 -12.58 2.61 -41.18
C PHE F 93 -12.48 1.44 -40.21
N LEU F 94 -12.38 1.76 -38.92
CA LEU F 94 -12.27 0.72 -37.90
C LEU F 94 -13.59 -0.06 -37.80
N TYR F 95 -14.64 0.48 -38.39
CA TYR F 95 -15.94 -0.18 -38.35
C TYR F 95 -16.42 -0.57 -39.75
N GLN F 96 -15.47 -0.87 -40.62
CA GLN F 96 -15.78 -1.28 -42.00
C GLN F 96 -14.87 -2.45 -42.35
N PRO F 97 -15.28 -3.67 -41.97
CA PRO F 97 -14.61 -4.95 -42.18
C PRO F 97 -13.86 -5.18 -43.50
N ASP F 98 -14.28 -4.50 -44.56
CA ASP F 98 -13.65 -4.70 -45.86
C ASP F 98 -12.69 -3.59 -46.30
N TRP F 99 -12.57 -2.54 -45.50
CA TRP F 99 -11.69 -1.44 -45.86
C TRP F 99 -10.21 -1.81 -45.76
N ARG F 100 -9.42 -1.30 -46.69
CA ARG F 100 -7.98 -1.54 -46.73
C ARG F 100 -7.35 -0.69 -47.82
N PHE F 101 -6.04 -0.43 -47.71
CA PHE F 101 -5.33 0.39 -48.68
C PHE F 101 -4.23 -0.42 -49.36
N MET F 102 -4.31 -0.54 -50.68
CA MET F 102 -3.32 -1.29 -51.44
C MET F 102 -2.46 -0.34 -52.28
N GLU F 103 -2.79 0.94 -52.25
CA GLU F 103 -2.05 1.94 -53.03
C GLU F 103 -0.96 2.62 -52.21
N SER F 104 -0.13 1.83 -51.54
CA SER F 104 0.95 2.38 -50.72
C SER F 104 2.23 1.57 -50.85
N LYS F 105 3.35 2.28 -51.01
CA LYS F 105 4.65 1.64 -51.14
C LYS F 105 5.56 1.99 -49.97
N GLU F 106 5.15 1.59 -48.77
CA GLU F 106 5.91 1.84 -47.56
C GLU F 106 6.33 0.51 -46.94
N LYS F 107 7.40 0.52 -46.15
CA LYS F 107 7.87 -0.70 -45.51
C LYS F 107 6.87 -1.22 -44.49
N ASP F 108 5.76 -0.49 -44.34
CA ASP F 108 4.72 -0.86 -43.40
C ASP F 108 3.38 -1.09 -44.10
N ARG F 109 3.43 -1.61 -45.32
CA ARG F 109 2.23 -1.87 -46.11
C ARG F 109 1.29 -2.90 -45.47
N GLN F 110 1.88 -4.00 -45.00
CA GLN F 110 1.11 -5.08 -44.39
C GLN F 110 0.03 -4.65 -43.40
N VAL F 111 0.21 -3.51 -42.75
CA VAL F 111 -0.80 -3.03 -41.80
C VAL F 111 -1.96 -2.33 -42.50
N LEU F 112 -1.67 -1.72 -43.64
CA LEU F 112 -2.69 -1.03 -44.42
C LEU F 112 -3.40 -1.97 -45.39
N GLU F 113 -2.65 -2.94 -45.91
CA GLU F 113 -3.20 -3.90 -46.85
C GLU F 113 -4.00 -4.99 -46.16
N ASP F 114 -3.52 -5.42 -45.00
CA ASP F 114 -4.19 -6.46 -44.23
C ASP F 114 -4.88 -5.82 -43.02
N PHE F 115 -5.28 -4.57 -43.18
CA PHE F 115 -5.95 -3.83 -42.12
C PHE F 115 -7.20 -4.52 -41.59
N PRO F 116 -8.00 -5.15 -42.47
CA PRO F 116 -9.20 -5.84 -42.01
C PRO F 116 -8.95 -6.78 -40.84
N THR F 117 -7.76 -7.37 -40.79
CA THR F 117 -7.40 -8.28 -39.72
C THR F 117 -7.16 -7.50 -38.43
N ILE F 118 -6.67 -6.28 -38.57
CA ILE F 118 -6.40 -5.42 -37.43
C ILE F 118 -7.68 -4.84 -36.87
N SER F 119 -8.47 -4.20 -37.74
CA SER F 119 -9.73 -3.61 -37.33
C SER F 119 -10.66 -4.66 -36.76
N LEU F 120 -10.49 -5.90 -37.21
CA LEU F 120 -11.33 -7.00 -36.74
C LEU F 120 -11.18 -7.17 -35.23
N GLU F 121 -9.94 -7.30 -34.76
CA GLU F 121 -9.68 -7.47 -33.34
C GLU F 121 -10.11 -6.24 -32.57
N PHE F 122 -9.88 -5.07 -33.15
CA PHE F 122 -10.28 -3.81 -32.53
C PHE F 122 -11.77 -3.86 -32.24
N ARG F 123 -12.50 -4.53 -33.12
CA ARG F 123 -13.95 -4.65 -32.99
C ARG F 123 -14.31 -5.57 -31.83
N ASN F 124 -13.33 -6.32 -31.32
CA ASN F 124 -13.57 -7.23 -30.22
C ASN F 124 -13.13 -6.66 -28.88
N LEU F 125 -12.47 -5.50 -28.92
CA LEU F 125 -12.02 -4.85 -27.71
C LEU F 125 -13.24 -4.27 -27.00
N ALA F 126 -13.23 -4.31 -25.67
CA ALA F 126 -14.35 -3.78 -24.91
C ALA F 126 -14.67 -2.36 -25.36
N GLU F 127 -15.93 -1.96 -25.18
CA GLU F 127 -16.37 -0.62 -25.55
C GLU F 127 -15.38 0.43 -25.07
N LYS F 128 -15.14 0.43 -23.76
CA LYS F 128 -14.23 1.36 -23.11
C LYS F 128 -13.03 1.68 -24.00
N TYR F 129 -12.34 0.64 -24.42
CA TYR F 129 -11.15 0.79 -25.25
C TYR F 129 -11.44 1.30 -26.66
N GLN F 130 -12.45 0.74 -27.31
CA GLN F 130 -12.80 1.17 -28.67
C GLN F 130 -13.04 2.68 -28.71
N THR F 131 -13.70 3.19 -27.69
CA THR F 131 -14.02 4.60 -27.59
C THR F 131 -12.75 5.45 -27.61
N VAL F 132 -11.88 5.22 -26.63
CA VAL F 132 -10.63 5.95 -26.50
C VAL F 132 -9.82 5.97 -27.80
N ILE F 133 -9.46 4.79 -28.28
CA ILE F 133 -8.67 4.66 -29.50
C ILE F 133 -9.33 5.39 -30.67
N ALA F 134 -10.61 5.11 -30.91
CA ALA F 134 -11.35 5.74 -32.00
C ALA F 134 -11.26 7.26 -31.92
N ASP F 135 -11.28 7.80 -30.71
CA ASP F 135 -11.21 9.23 -30.50
C ASP F 135 -9.87 9.80 -30.91
N ILE F 136 -8.79 9.18 -30.44
CA ILE F 136 -7.44 9.62 -30.76
C ILE F 136 -7.20 9.63 -32.26
N CYS F 137 -7.60 8.56 -32.94
CA CYS F 137 -7.42 8.45 -34.37
C CYS F 137 -8.06 9.63 -35.09
N ARG F 138 -9.23 10.04 -34.62
CA ARG F 138 -9.95 11.16 -35.21
C ARG F 138 -9.18 12.45 -34.99
N ARG F 139 -9.02 12.83 -33.72
CA ARG F 139 -8.32 14.04 -33.34
C ARG F 139 -6.93 14.10 -33.96
N MET F 140 -6.27 12.95 -34.03
CA MET F 140 -4.93 12.87 -34.60
C MET F 140 -4.98 13.12 -36.10
N GLY F 141 -5.83 12.37 -36.79
CA GLY F 141 -5.96 12.51 -38.23
C GLY F 141 -6.18 13.95 -38.67
N ILE F 142 -7.07 14.66 -37.98
CA ILE F 142 -7.38 16.04 -38.30
C ILE F 142 -6.12 16.91 -38.34
N GLY F 143 -5.54 17.16 -37.17
CA GLY F 143 -4.35 17.98 -37.09
C GLY F 143 -3.18 17.44 -37.89
N MET F 144 -3.19 16.12 -38.10
CA MET F 144 -2.14 15.46 -38.86
C MET F 144 -2.22 15.92 -40.31
N ALA F 145 -3.45 16.12 -40.79
CA ALA F 145 -3.69 16.55 -42.16
C ALA F 145 -3.46 18.05 -42.25
N GLU F 146 -3.51 18.72 -41.11
CA GLU F 146 -3.31 20.17 -41.04
C GLU F 146 -1.88 20.55 -41.41
N PHE F 147 -0.92 19.66 -41.13
CA PHE F 147 0.48 19.93 -41.43
C PHE F 147 0.97 19.21 -42.68
N LEU F 148 0.04 18.73 -43.49
CA LEU F 148 0.39 18.02 -44.72
C LEU F 148 1.18 18.89 -45.68
N ASP F 149 0.96 20.19 -45.63
CA ASP F 149 1.66 21.11 -46.52
C ASP F 149 2.55 22.10 -45.79
N LYS F 150 1.98 22.83 -44.84
CA LYS F 150 2.73 23.82 -44.07
C LYS F 150 3.85 23.19 -43.26
N HIS F 151 4.70 24.05 -42.70
CA HIS F 151 5.83 23.61 -41.88
C HIS F 151 5.63 23.99 -40.42
N VAL F 152 6.64 23.68 -39.60
CA VAL F 152 6.61 23.99 -38.19
C VAL F 152 7.39 25.28 -37.98
N THR F 153 6.70 26.40 -38.09
CA THR F 153 7.34 27.70 -37.94
C THR F 153 7.75 28.01 -36.50
N SER F 154 6.79 28.47 -35.71
CA SER F 154 7.04 28.81 -34.31
C SER F 154 7.16 27.62 -33.39
N GLU F 155 7.82 27.83 -32.26
CA GLU F 155 8.01 26.79 -31.27
C GLU F 155 6.64 26.39 -30.74
N GLN F 156 5.80 27.37 -30.50
CA GLN F 156 4.46 27.13 -29.99
C GLN F 156 3.70 26.23 -30.98
N GLU F 157 4.16 26.25 -32.23
CA GLU F 157 3.55 25.43 -33.28
C GLU F 157 4.20 24.07 -33.26
N TRP F 158 5.45 24.02 -32.81
CA TRP F 158 6.18 22.76 -32.73
C TRP F 158 5.53 21.86 -31.70
N ASP F 159 4.85 22.46 -30.74
CA ASP F 159 4.17 21.71 -29.69
C ASP F 159 2.82 21.25 -30.20
N LYS F 160 2.24 22.04 -31.12
CA LYS F 160 0.96 21.71 -31.70
C LYS F 160 1.09 20.45 -32.53
N TYR F 161 2.15 20.38 -33.34
CA TYR F 161 2.38 19.21 -34.18
C TYR F 161 2.62 17.98 -33.32
N CYS F 162 3.58 18.08 -32.40
CA CYS F 162 3.91 16.98 -31.49
C CYS F 162 2.70 16.52 -30.70
N HIS F 163 1.75 17.44 -30.51
CA HIS F 163 0.53 17.14 -29.78
C HIS F 163 -0.34 16.17 -30.59
N TYR F 164 -0.29 16.31 -31.91
CA TYR F 164 -1.08 15.45 -32.80
C TYR F 164 -0.41 14.12 -33.10
N VAL F 165 0.92 14.10 -33.07
CA VAL F 165 1.66 12.87 -33.37
C VAL F 165 2.30 12.20 -32.15
N ALA F 166 2.03 12.73 -30.96
CA ALA F 166 2.58 12.17 -29.74
C ALA F 166 1.71 12.46 -28.53
N GLY F 167 1.48 13.75 -28.28
CA GLY F 167 0.66 14.17 -27.16
C GLY F 167 -0.61 13.35 -27.01
N LEU F 168 -1.40 13.29 -28.06
CA LEU F 168 -2.64 12.52 -28.04
C LEU F 168 -2.34 11.06 -27.75
N VAL F 169 -1.25 10.57 -28.32
CA VAL F 169 -0.84 9.18 -28.11
C VAL F 169 -0.67 8.93 -26.61
N GLY F 170 -0.06 9.90 -25.93
CA GLY F 170 0.13 9.77 -24.50
C GLY F 170 -1.21 9.80 -23.79
N ILE F 171 -2.07 10.72 -24.22
CA ILE F 171 -3.40 10.86 -23.63
C ILE F 171 -4.22 9.61 -23.90
N GLY F 172 -3.96 8.96 -25.03
CA GLY F 172 -4.68 7.75 -25.38
C GLY F 172 -4.30 6.63 -24.44
N LEU F 173 -3.00 6.38 -24.32
CA LEU F 173 -2.50 5.34 -23.44
C LEU F 173 -2.93 5.64 -22.01
N SER F 174 -2.77 6.91 -21.61
CA SER F 174 -3.12 7.35 -20.28
C SER F 174 -4.60 7.07 -19.95
N ARG F 175 -5.46 7.23 -20.95
CA ARG F 175 -6.88 7.00 -20.76
C ARG F 175 -7.22 5.50 -20.81
N LEU F 176 -6.35 4.72 -21.44
CA LEU F 176 -6.55 3.29 -21.55
C LEU F 176 -6.14 2.60 -20.24
N PHE F 177 -5.18 3.20 -19.53
CA PHE F 177 -4.71 2.65 -18.27
C PHE F 177 -5.80 2.79 -17.20
N SER F 178 -6.42 3.97 -17.16
CA SER F 178 -7.48 4.24 -16.21
C SER F 178 -8.72 3.42 -16.53
N ALA F 179 -8.95 3.18 -17.81
CA ALA F 179 -10.11 2.41 -18.25
C ALA F 179 -10.01 0.96 -17.76
N SER F 180 -8.84 0.37 -17.92
CA SER F 180 -8.61 -1.01 -17.51
C SER F 180 -8.65 -1.15 -15.99
N GLU F 181 -8.60 -0.01 -15.30
CA GLU F 181 -8.62 0.03 -13.85
C GLU F 181 -7.34 -0.43 -13.17
N PHE F 182 -6.27 -0.59 -13.94
CA PHE F 182 -4.99 -1.00 -13.38
C PHE F 182 -4.28 0.23 -12.84
N GLU F 183 -4.68 1.39 -13.34
CA GLU F 183 -4.11 2.67 -12.93
C GLU F 183 -5.22 3.55 -12.34
N ASP F 184 -4.87 4.38 -11.38
CA ASP F 184 -5.84 5.26 -10.75
C ASP F 184 -6.50 6.13 -11.82
N PRO F 185 -7.81 6.41 -11.67
CA PRO F 185 -8.53 7.24 -12.64
C PRO F 185 -7.95 8.64 -12.82
N LEU F 186 -7.13 9.07 -11.86
CA LEU F 186 -6.51 10.39 -11.92
C LEU F 186 -5.46 10.42 -13.02
N VAL F 187 -4.97 9.25 -13.41
CA VAL F 187 -3.96 9.15 -14.45
C VAL F 187 -4.52 9.61 -15.79
N GLY F 188 -5.77 9.25 -16.06
CA GLY F 188 -6.40 9.63 -17.31
C GLY F 188 -6.74 11.10 -17.40
N GLU F 189 -7.10 11.70 -16.27
CA GLU F 189 -7.46 13.11 -16.24
C GLU F 189 -6.29 14.04 -16.54
N ASP F 190 -5.10 13.69 -16.06
CA ASP F 190 -3.92 14.52 -16.29
C ASP F 190 -3.52 14.51 -17.76
N THR F 191 -4.39 15.07 -18.60
CA THR F 191 -4.14 15.13 -20.03
C THR F 191 -2.95 16.03 -20.35
N GLU F 192 -2.76 17.05 -19.54
CA GLU F 192 -1.65 17.99 -19.75
C GLU F 192 -0.30 17.32 -19.59
N ARG F 193 -0.14 16.52 -18.56
CA ARG F 193 1.13 15.82 -18.32
C ARG F 193 1.27 14.61 -19.23
N ALA F 194 0.13 14.05 -19.65
CA ALA F 194 0.14 12.91 -20.54
C ALA F 194 0.60 13.40 -21.90
N ASN F 195 0.39 14.69 -22.15
CA ASN F 195 0.78 15.32 -23.40
C ASN F 195 2.26 15.61 -23.38
N SER F 196 2.71 16.27 -22.31
CA SER F 196 4.12 16.59 -22.16
C SER F 196 4.92 15.30 -22.24
N MET F 197 4.32 14.23 -21.73
CA MET F 197 4.95 12.92 -21.73
C MET F 197 5.24 12.49 -23.17
N GLY F 198 4.35 12.86 -24.08
CA GLY F 198 4.50 12.50 -25.48
C GLY F 198 5.39 13.46 -26.25
N LEU F 199 5.20 14.75 -26.02
CA LEU F 199 6.00 15.75 -26.71
C LEU F 199 7.49 15.60 -26.38
N PHE F 200 7.79 15.02 -25.22
CA PHE F 200 9.18 14.83 -24.84
C PHE F 200 9.85 13.78 -25.71
N LEU F 201 9.09 12.79 -26.15
CA LEU F 201 9.61 11.73 -27.00
C LEU F 201 9.73 12.20 -28.46
N GLN F 202 8.71 12.89 -28.94
CA GLN F 202 8.70 13.39 -30.31
C GLN F 202 9.85 14.36 -30.55
N LYS F 203 9.92 15.40 -29.73
CA LYS F 203 10.98 16.40 -29.87
C LYS F 203 12.33 15.70 -29.90
N THR F 204 12.53 14.73 -29.01
CA THR F 204 13.79 14.00 -28.96
C THR F 204 13.97 13.20 -30.25
N ASN F 205 12.93 12.50 -30.66
CA ASN F 205 12.96 11.70 -31.88
C ASN F 205 13.37 12.55 -33.08
N ILE F 206 12.72 13.70 -33.22
CA ILE F 206 13.01 14.60 -34.33
C ILE F 206 14.45 15.10 -34.24
N ILE F 207 14.77 15.77 -33.13
CA ILE F 207 16.10 16.30 -32.89
C ILE F 207 17.18 15.30 -33.29
N ARG F 208 16.99 14.05 -32.90
CA ARG F 208 17.95 12.99 -33.19
C ARG F 208 18.04 12.65 -34.66
N ASP F 209 16.89 12.45 -35.29
CA ASP F 209 16.83 12.08 -36.70
C ASP F 209 16.83 13.25 -37.67
N TYR F 210 17.59 14.30 -37.36
CA TYR F 210 17.67 15.46 -38.23
C TYR F 210 18.15 15.05 -39.63
N LEU F 211 19.18 14.23 -39.68
CA LEU F 211 19.76 13.79 -40.93
C LEU F 211 18.77 12.99 -41.80
N GLU F 212 18.19 11.93 -41.25
CA GLU F 212 17.25 11.12 -42.01
C GLU F 212 16.07 11.93 -42.51
N ASP F 213 15.46 12.73 -41.65
CA ASP F 213 14.32 13.55 -42.04
C ASP F 213 14.70 14.48 -43.19
N GLN F 214 15.94 14.96 -43.18
CA GLN F 214 16.42 15.85 -44.23
C GLN F 214 16.66 15.05 -45.50
N GLN F 215 17.26 13.88 -45.34
CA GLN F 215 17.54 12.99 -46.47
C GLN F 215 16.29 12.18 -46.79
N GLY F 216 15.13 12.78 -46.54
CA GLY F 216 13.88 12.11 -46.80
C GLY F 216 12.90 13.01 -47.55
N GLY F 217 12.90 14.30 -47.19
CA GLY F 217 12.02 15.24 -47.85
C GLY F 217 11.27 16.16 -46.92
N ARG F 218 11.07 15.74 -45.67
CA ARG F 218 10.34 16.56 -44.70
C ARG F 218 11.24 17.36 -43.77
N GLU F 219 10.65 18.32 -43.07
CA GLU F 219 11.34 19.17 -42.13
C GLU F 219 10.46 19.33 -40.90
N PHE F 220 11.04 19.11 -39.72
CA PHE F 220 10.29 19.21 -38.48
C PHE F 220 10.83 20.29 -37.53
N TRP F 221 12.12 20.55 -37.61
CA TRP F 221 12.75 21.56 -36.78
C TRP F 221 12.01 22.89 -36.89
N PRO F 222 11.63 23.48 -35.75
CA PRO F 222 10.90 24.76 -35.75
C PRO F 222 11.61 25.84 -36.57
N GLN F 223 11.01 26.20 -37.69
CA GLN F 223 11.56 27.19 -38.60
C GLN F 223 12.08 28.44 -37.88
N GLU F 224 11.28 28.97 -36.97
CA GLU F 224 11.67 30.16 -36.23
C GLU F 224 12.92 29.98 -35.38
N VAL F 225 13.40 28.75 -35.26
CA VAL F 225 14.59 28.48 -34.47
C VAL F 225 15.85 28.46 -35.32
N TRP F 226 15.84 27.65 -36.38
CA TRP F 226 17.00 27.55 -37.26
C TRP F 226 17.10 28.74 -38.21
N SER F 227 15.96 29.36 -38.51
CA SER F 227 15.92 30.51 -39.41
C SER F 227 16.99 31.52 -39.05
N ARG F 228 17.19 31.75 -37.75
CA ARG F 228 18.18 32.69 -37.29
C ARG F 228 19.54 32.02 -37.10
N TYR F 229 19.81 31.02 -37.94
CA TYR F 229 21.06 30.29 -37.90
C TYR F 229 21.53 30.04 -39.33
N VAL F 230 20.57 29.68 -40.19
CA VAL F 230 20.83 29.42 -41.60
C VAL F 230 19.54 29.68 -42.38
N LYS F 231 19.67 30.19 -43.60
CA LYS F 231 18.51 30.46 -44.42
C LYS F 231 17.78 29.20 -44.84
N LYS F 232 18.51 28.09 -44.92
CA LYS F 232 17.92 26.81 -45.29
C LYS F 232 18.22 25.75 -44.25
N LEU F 233 17.17 25.14 -43.71
CA LEU F 233 17.31 24.11 -42.69
C LEU F 233 18.20 22.96 -43.16
N GLY F 234 18.41 22.88 -44.47
CA GLY F 234 19.24 21.83 -45.02
C GLY F 234 20.72 22.19 -45.05
N ASP F 235 21.06 23.32 -44.44
CA ASP F 235 22.44 23.78 -44.40
C ASP F 235 23.25 23.13 -43.27
N PHE F 236 22.56 22.72 -42.21
CA PHE F 236 23.21 22.09 -41.07
C PHE F 236 23.90 20.79 -41.48
N ALA F 237 23.71 20.39 -42.73
CA ALA F 237 24.32 19.16 -43.24
C ALA F 237 25.63 19.51 -43.95
N LEU F 238 25.92 20.81 -44.00
CA LEU F 238 27.13 21.31 -44.65
C LEU F 238 28.23 21.60 -43.62
N PRO F 239 29.36 20.87 -43.70
CA PRO F 239 30.52 21.00 -42.82
C PRO F 239 30.93 22.41 -42.39
N GLU F 240 30.79 23.39 -43.29
CA GLU F 240 31.16 24.76 -42.97
C GLU F 240 30.13 25.47 -42.10
N ASN F 241 29.16 24.71 -41.59
CA ASN F 241 28.12 25.27 -40.74
C ASN F 241 27.93 24.44 -39.48
N ILE F 242 28.78 23.42 -39.32
CA ILE F 242 28.71 22.53 -38.16
C ILE F 242 28.58 23.31 -36.85
N ASP F 243 29.22 24.48 -36.79
CA ASP F 243 29.17 25.32 -35.60
C ASP F 243 27.75 25.82 -35.35
N LEU F 244 27.20 26.55 -36.31
CA LEU F 244 25.84 27.07 -36.20
C LEU F 244 24.86 25.93 -35.97
N ALA F 245 25.18 24.77 -36.54
CA ALA F 245 24.34 23.58 -36.42
C ALA F 245 24.24 23.15 -34.97
N VAL F 246 25.38 22.88 -34.36
CA VAL F 246 25.42 22.45 -32.97
C VAL F 246 24.69 23.43 -32.06
N GLN F 247 25.00 24.72 -32.21
CA GLN F 247 24.35 25.74 -31.40
C GLN F 247 22.83 25.63 -31.48
N CYS F 248 22.33 25.47 -32.71
CA CYS F 248 20.89 25.34 -32.92
C CYS F 248 20.39 24.10 -32.19
N LEU F 249 21.13 23.00 -32.36
CA LEU F 249 20.79 21.74 -31.71
C LEU F 249 20.63 21.98 -30.21
N ASN F 250 21.70 22.51 -29.60
CA ASN F 250 21.71 22.80 -28.18
C ASN F 250 20.46 23.56 -27.74
N GLU F 251 20.00 24.47 -28.60
CA GLU F 251 18.81 25.26 -28.28
C GLU F 251 17.55 24.40 -28.21
N LEU F 252 17.40 23.53 -29.21
CA LEU F 252 16.23 22.64 -29.26
C LEU F 252 16.23 21.67 -28.09
N ILE F 253 17.37 21.06 -27.83
CA ILE F 253 17.51 20.12 -26.73
C ILE F 253 17.12 20.80 -25.42
N THR F 254 17.49 22.06 -25.28
CA THR F 254 17.17 22.82 -24.07
C THR F 254 15.66 23.02 -24.02
N ASN F 255 15.06 23.09 -25.20
CA ASN F 255 13.61 23.28 -25.32
C ASN F 255 12.88 22.04 -24.85
N ALA F 256 13.42 20.88 -25.19
CA ALA F 256 12.82 19.60 -24.84
C ALA F 256 12.95 19.26 -23.35
N LEU F 257 14.06 19.65 -22.75
CA LEU F 257 14.33 19.38 -21.35
C LEU F 257 13.27 19.95 -20.39
N HIS F 258 12.57 20.98 -20.83
CA HIS F 258 11.54 21.59 -19.99
C HIS F 258 10.36 20.67 -19.72
N HIS F 259 10.31 19.54 -20.42
CA HIS F 259 9.23 18.58 -20.24
C HIS F 259 9.52 17.59 -19.12
N ILE F 260 10.79 17.49 -18.73
CA ILE F 260 11.19 16.55 -17.68
C ILE F 260 10.35 16.63 -16.41
N PRO F 261 10.15 17.85 -15.86
CA PRO F 261 9.35 17.97 -14.64
C PRO F 261 8.01 17.23 -14.74
N ASP F 262 7.30 17.43 -15.85
CA ASP F 262 6.00 16.78 -16.06
C ASP F 262 6.18 15.27 -16.18
N VAL F 263 7.24 14.85 -16.85
CA VAL F 263 7.52 13.43 -17.03
C VAL F 263 7.66 12.76 -15.68
N ILE F 264 8.57 13.29 -14.85
CA ILE F 264 8.81 12.74 -13.53
C ILE F 264 7.54 12.69 -12.70
N THR F 265 6.72 13.74 -12.81
CA THR F 265 5.45 13.81 -12.08
C THR F 265 4.50 12.72 -12.55
N TYR F 266 4.47 12.50 -13.86
CA TYR F 266 3.58 11.49 -14.44
C TYR F 266 3.93 10.10 -13.89
N LEU F 267 5.18 9.69 -14.11
CA LEU F 267 5.64 8.39 -13.65
C LEU F 267 5.42 8.22 -12.15
N SER F 268 5.51 9.33 -11.42
CA SER F 268 5.34 9.31 -9.98
C SER F 268 3.91 9.00 -9.56
N ARG F 269 3.01 8.86 -10.54
CA ARG F 269 1.63 8.57 -10.24
C ARG F 269 1.27 7.12 -10.53
N LEU F 270 1.91 6.55 -11.53
CA LEU F 270 1.66 5.16 -11.91
C LEU F 270 1.80 4.24 -10.71
N ARG F 271 0.92 3.25 -10.62
CA ARG F 271 0.95 2.31 -9.50
C ARG F 271 1.13 0.86 -9.94
N ASN F 272 0.90 0.61 -11.21
CA ASN F 272 1.04 -0.73 -11.77
C ASN F 272 2.45 -0.93 -12.33
N GLN F 273 3.07 -2.05 -11.98
CA GLN F 273 4.43 -2.33 -12.44
C GLN F 273 4.54 -2.45 -13.96
N SER F 274 3.68 -3.24 -14.58
CA SER F 274 3.72 -3.41 -16.03
C SER F 274 3.52 -2.08 -16.74
N VAL F 275 2.70 -1.20 -16.16
CA VAL F 275 2.43 0.10 -16.75
C VAL F 275 3.64 1.01 -16.59
N PHE F 276 4.26 0.94 -15.42
CA PHE F 276 5.44 1.76 -15.13
C PHE F 276 6.56 1.43 -16.11
N ASN F 277 6.82 0.14 -16.28
CA ASN F 277 7.86 -0.35 -17.18
C ASN F 277 7.65 0.16 -18.60
N PHE F 278 6.38 0.29 -18.99
CA PHE F 278 6.02 0.73 -20.33
C PHE F 278 6.16 2.24 -20.52
N CYS F 279 6.04 3.00 -19.44
CA CYS F 279 6.15 4.46 -19.52
C CYS F 279 7.53 4.97 -19.16
N ALA F 280 8.17 4.32 -18.19
CA ALA F 280 9.50 4.74 -17.74
C ALA F 280 10.61 4.50 -18.77
N ILE F 281 10.67 3.29 -19.31
CA ILE F 281 11.71 2.96 -20.29
C ILE F 281 11.83 3.96 -21.44
N PRO F 282 10.73 4.20 -22.18
CA PRO F 282 10.79 5.16 -23.28
C PRO F 282 11.37 6.50 -22.86
N GLN F 283 10.97 6.96 -21.69
CA GLN F 283 11.45 8.24 -21.16
C GLN F 283 12.94 8.23 -20.87
N VAL F 284 13.43 7.12 -20.32
CA VAL F 284 14.84 6.99 -19.98
C VAL F 284 15.69 6.98 -21.25
N MET F 285 15.28 6.18 -22.24
CA MET F 285 16.00 6.08 -23.49
C MET F 285 16.02 7.44 -24.18
N ALA F 286 14.97 8.23 -23.97
CA ALA F 286 14.87 9.55 -24.57
C ALA F 286 15.96 10.45 -24.00
N ILE F 287 16.00 10.58 -22.69
CA ILE F 287 17.00 11.40 -22.02
C ILE F 287 18.40 10.89 -22.33
N ALA F 288 18.54 9.57 -22.38
CA ALA F 288 19.82 8.96 -22.67
C ALA F 288 20.28 9.38 -24.06
N THR F 289 19.33 9.81 -24.88
CA THR F 289 19.63 10.23 -26.25
C THR F 289 19.99 11.72 -26.29
N LEU F 290 19.21 12.55 -25.61
CA LEU F 290 19.45 13.98 -25.58
C LEU F 290 20.81 14.29 -24.96
N ALA F 291 21.18 13.50 -23.95
CA ALA F 291 22.46 13.69 -23.27
C ALA F 291 23.60 13.29 -24.18
N ALA F 292 23.31 12.40 -25.13
CA ALA F 292 24.32 11.92 -26.07
C ALA F 292 24.38 12.79 -27.31
N CYS F 293 23.30 13.52 -27.59
CA CYS F 293 23.24 14.37 -28.76
C CYS F 293 23.58 15.82 -28.45
N TYR F 294 23.54 16.19 -27.18
CA TYR F 294 23.84 17.57 -26.79
C TYR F 294 25.26 17.99 -27.16
N ASN F 295 25.36 19.08 -27.91
CA ASN F 295 26.65 19.61 -28.34
C ASN F 295 27.44 18.62 -29.18
N ASN F 296 26.77 17.54 -29.59
CA ASN F 296 27.40 16.51 -30.40
C ASN F 296 27.27 16.84 -31.89
N GLN F 297 28.39 16.84 -32.59
CA GLN F 297 28.39 17.17 -34.02
C GLN F 297 28.03 15.98 -34.88
N GLN F 298 28.27 14.78 -34.38
CA GLN F 298 27.95 13.56 -35.12
C GLN F 298 26.46 13.47 -35.44
N VAL F 299 25.69 14.41 -34.90
CA VAL F 299 24.25 14.45 -35.12
C VAL F 299 23.91 14.86 -36.54
N PHE F 300 24.83 15.58 -37.17
CA PHE F 300 24.64 16.06 -38.54
C PHE F 300 25.42 15.24 -39.55
N LYS F 301 26.06 14.17 -39.09
CA LYS F 301 26.86 13.32 -39.96
C LYS F 301 26.34 11.90 -39.99
N GLY F 302 25.90 11.41 -38.83
CA GLY F 302 25.38 10.05 -38.75
C GLY F 302 24.42 9.86 -37.60
N ALA F 303 24.59 8.77 -36.86
CA ALA F 303 23.73 8.48 -35.71
C ALA F 303 24.52 8.68 -34.42
N VAL F 304 24.10 7.98 -33.37
CA VAL F 304 24.77 8.07 -32.08
C VAL F 304 24.08 7.20 -31.04
N ALA F 311 28.03 6.14 -13.13
CA ALA F 311 28.46 4.98 -12.36
C ALA F 311 27.27 4.29 -11.68
N VAL F 312 26.60 5.01 -10.80
CA VAL F 312 25.44 4.49 -10.08
C VAL F 312 24.41 3.92 -11.06
N THR F 313 24.45 4.42 -12.29
CA THR F 313 23.52 3.99 -13.33
C THR F 313 23.52 2.48 -13.54
N LEU F 314 24.71 1.90 -13.69
CA LEU F 314 24.85 0.46 -13.90
C LEU F 314 24.45 -0.35 -12.68
N MET F 315 24.03 0.34 -11.61
CA MET F 315 23.64 -0.33 -10.38
C MET F 315 22.13 -0.48 -10.18
N MET F 316 21.34 0.28 -10.92
CA MET F 316 19.88 0.19 -10.78
C MET F 316 19.14 0.29 -12.11
N ASP F 317 18.08 -0.52 -12.23
CA ASP F 317 17.26 -0.54 -13.43
C ASP F 317 16.08 0.41 -13.31
N ALA F 318 15.54 0.82 -14.45
CA ALA F 318 14.42 1.74 -14.50
C ALA F 318 13.10 1.02 -14.17
N THR F 319 13.12 0.20 -13.13
CA THR F 319 11.93 -0.54 -12.72
C THR F 319 11.24 0.06 -11.51
N ASN F 320 11.77 1.16 -10.99
CA ASN F 320 11.18 1.83 -9.83
C ASN F 320 11.43 3.34 -9.95
N MET F 321 10.45 4.15 -9.52
CA MET F 321 10.57 5.60 -9.61
C MET F 321 11.91 6.16 -9.12
N PRO F 322 12.31 5.82 -7.88
CA PRO F 322 13.58 6.32 -7.36
C PRO F 322 14.77 6.08 -8.28
N ALA F 323 14.81 4.90 -8.89
CA ALA F 323 15.88 4.54 -9.81
C ALA F 323 15.81 5.40 -11.06
N VAL F 324 14.61 5.61 -11.57
CA VAL F 324 14.41 6.43 -12.76
C VAL F 324 14.96 7.82 -12.47
N LYS F 325 14.66 8.34 -11.29
CA LYS F 325 15.14 9.66 -10.89
C LYS F 325 16.67 9.71 -10.96
N ALA F 326 17.32 8.78 -10.27
CA ALA F 326 18.78 8.72 -10.24
C ALA F 326 19.32 8.70 -11.66
N ILE F 327 18.70 7.89 -12.52
CA ILE F 327 19.13 7.78 -13.91
C ILE F 327 18.99 9.13 -14.62
N ILE F 328 17.79 9.70 -14.57
CA ILE F 328 17.52 10.98 -15.20
C ILE F 328 18.48 12.07 -14.71
N TYR F 329 18.50 12.27 -13.40
CA TYR F 329 19.37 13.28 -12.81
C TYR F 329 20.83 13.06 -13.21
N GLN F 330 21.24 11.81 -13.31
CA GLN F 330 22.61 11.51 -13.68
C GLN F 330 22.92 11.93 -15.10
N TYR F 331 21.91 11.87 -15.96
CA TYR F 331 22.07 12.28 -17.35
C TYR F 331 22.07 13.80 -17.44
N MET F 332 21.28 14.43 -16.59
CA MET F 332 21.19 15.89 -16.56
C MET F 332 22.56 16.49 -16.28
N GLU F 333 23.41 15.75 -15.59
CA GLU F 333 24.75 16.23 -15.26
C GLU F 333 25.72 16.03 -16.42
N GLU F 334 25.61 14.91 -17.11
CA GLU F 334 26.48 14.64 -18.24
C GLU F 334 26.25 15.69 -19.32
N ILE F 335 25.10 16.35 -19.25
CA ILE F 335 24.75 17.38 -20.20
C ILE F 335 25.19 18.72 -19.63
N TYR F 336 24.95 18.92 -18.34
CA TYR F 336 25.30 20.15 -17.65
C TYR F 336 26.78 20.45 -17.68
N HIS F 337 27.60 19.51 -17.23
CA HIS F 337 29.05 19.73 -17.19
C HIS F 337 29.70 19.81 -18.57
N ARG F 338 28.87 19.86 -19.61
CA ARG F 338 29.37 19.97 -20.98
C ARG F 338 28.64 21.05 -21.75
N ILE F 339 28.32 22.14 -21.08
CA ILE F 339 27.62 23.25 -21.70
C ILE F 339 28.58 24.39 -22.01
N PRO F 340 29.04 24.48 -23.26
CA PRO F 340 29.97 25.56 -23.65
C PRO F 340 29.43 26.91 -23.22
N ASP F 341 30.07 27.53 -22.24
CA ASP F 341 29.63 28.83 -21.75
C ASP F 341 29.67 29.88 -22.85
N SER F 342 30.08 29.45 -24.04
CA SER F 342 30.15 30.34 -25.20
C SER F 342 28.94 30.09 -26.09
N ASN F 343 28.02 29.26 -25.62
CA ASN F 343 26.81 28.93 -26.36
C ASN F 343 25.70 29.92 -26.02
N PRO F 344 24.93 30.35 -27.04
CA PRO F 344 23.83 31.30 -26.85
C PRO F 344 22.67 30.79 -26.00
N SER F 345 22.77 29.55 -25.54
CA SER F 345 21.71 28.94 -24.73
C SER F 345 22.24 28.45 -23.39
N SER F 346 23.56 28.47 -23.22
CA SER F 346 24.20 28.02 -21.99
C SER F 346 23.45 28.44 -20.74
N SER F 347 23.09 29.73 -20.66
CA SER F 347 22.36 30.25 -19.51
C SER F 347 21.02 29.56 -19.36
N LYS F 348 20.30 29.43 -20.47
CA LYS F 348 18.99 28.78 -20.48
C LYS F 348 19.11 27.34 -19.99
N THR F 349 19.99 26.59 -20.65
CA THR F 349 20.21 25.18 -20.31
C THR F 349 20.57 24.96 -18.85
N ARG F 350 21.34 25.87 -18.28
CA ARG F 350 21.76 25.73 -16.89
C ARG F 350 20.62 25.86 -15.88
N GLN F 351 19.77 26.87 -16.05
CA GLN F 351 18.67 27.07 -15.11
C GLN F 351 17.61 25.98 -15.17
N ILE F 352 17.41 25.38 -16.34
CA ILE F 352 16.42 24.31 -16.45
C ILE F 352 16.97 23.06 -15.79
N ILE F 353 18.26 22.80 -15.97
CA ILE F 353 18.89 21.63 -15.38
C ILE F 353 19.18 21.94 -13.90
N SER F 354 18.53 22.97 -13.40
CA SER F 354 18.68 23.39 -12.01
C SER F 354 17.33 23.28 -11.31
N THR F 355 16.27 23.55 -12.06
CA THR F 355 14.92 23.46 -11.54
C THR F 355 14.58 21.98 -11.37
N ILE F 356 15.35 21.13 -12.04
CA ILE F 356 15.16 19.68 -11.97
C ILE F 356 15.86 19.13 -10.74
N ARG F 357 17.01 19.70 -10.40
CA ARG F 357 17.78 19.28 -9.24
C ARG F 357 17.01 19.61 -7.96
N THR F 358 16.65 20.89 -7.83
CA THR F 358 15.94 21.38 -6.65
C THR F 358 14.52 20.81 -6.55
N GLN F 359 13.91 20.53 -7.71
CA GLN F 359 12.56 19.99 -7.79
C GLN F 359 12.25 19.02 -6.65
#